data_3F5T
# 
_entry.id   3F5T 
# 
_audit_conform.dict_name       mmcif_pdbx.dic 
_audit_conform.dict_version    5.383 
_audit_conform.dict_location   http://mmcif.pdb.org/dictionaries/ascii/mmcif_pdbx.dic 
# 
loop_
_database_2.database_id 
_database_2.database_code 
_database_2.pdbx_database_accession 
_database_2.pdbx_DOI 
PDB   3F5T         pdb_00003f5t 10.2210/pdb3f5t/pdb 
RCSB  RCSB050182   ?            ?                   
WWPDB D_1000050182 ?            ?                   
# 
loop_
_pdbx_audit_revision_history.ordinal 
_pdbx_audit_revision_history.data_content_type 
_pdbx_audit_revision_history.major_revision 
_pdbx_audit_revision_history.minor_revision 
_pdbx_audit_revision_history.revision_date 
1 'Structure model' 1 0 2008-11-25 
2 'Structure model' 1 1 2011-07-13 
3 'Structure model' 1 2 2021-10-20 
4 'Structure model' 1 3 2023-12-27 
# 
_pdbx_audit_revision_details.ordinal             1 
_pdbx_audit_revision_details.revision_ordinal    1 
_pdbx_audit_revision_details.data_content_type   'Structure model' 
_pdbx_audit_revision_details.provider            repository 
_pdbx_audit_revision_details.type                'Initial release' 
_pdbx_audit_revision_details.description         ? 
_pdbx_audit_revision_details.details             ? 
# 
loop_
_pdbx_audit_revision_group.ordinal 
_pdbx_audit_revision_group.revision_ordinal 
_pdbx_audit_revision_group.data_content_type 
_pdbx_audit_revision_group.group 
1 2 'Structure model' Advisory                    
2 2 'Structure model' 'Refinement description'    
3 2 'Structure model' 'Version format compliance' 
4 3 'Structure model' 'Database references'       
5 4 'Structure model' 'Data collection'           
# 
loop_
_pdbx_audit_revision_category.ordinal 
_pdbx_audit_revision_category.revision_ordinal 
_pdbx_audit_revision_category.data_content_type 
_pdbx_audit_revision_category.category 
1 3 'Structure model' database_2         
2 3 'Structure model' struct_ref_seq_dif 
3 4 'Structure model' chem_comp_atom     
4 4 'Structure model' chem_comp_bond     
# 
loop_
_pdbx_audit_revision_item.ordinal 
_pdbx_audit_revision_item.revision_ordinal 
_pdbx_audit_revision_item.data_content_type 
_pdbx_audit_revision_item.item 
1 3 'Structure model' '_database_2.pdbx_DOI'                
2 3 'Structure model' '_database_2.pdbx_database_accession' 
3 3 'Structure model' '_struct_ref_seq_dif.details'         
# 
_pdbx_database_PDB_obs_spr.id               SPRSDE 
_pdbx_database_PDB_obs_spr.pdb_id           3F5T 
_pdbx_database_PDB_obs_spr.replace_pdb_id   3EU6 
_pdbx_database_PDB_obs_spr.date             2008-11-25 
_pdbx_database_PDB_obs_spr.details          ? 
# 
_pdbx_database_status.entry_id                        3F5T 
_pdbx_database_status.status_code                     REL 
_pdbx_database_status.status_code_sf                  REL 
_pdbx_database_status.deposit_site                    RCSB 
_pdbx_database_status.process_site                    RCSB 
_pdbx_database_status.recvd_initial_deposition_date   2008-11-04 
_pdbx_database_status.SG_entry                        N 
_pdbx_database_status.status_code_mr                  ? 
_pdbx_database_status.pdb_format_compatible           Y 
_pdbx_database_status.status_code_cs                  ? 
_pdbx_database_status.status_code_nmr_data            ? 
_pdbx_database_status.methods_development_category    ? 
# 
_pdbx_database_related.db_name        PDB 
_pdbx_database_related.db_id          2GX9 
_pdbx_database_related.content_type   unspecified 
_pdbx_database_related.details        . 
# 
loop_
_audit_author.name 
_audit_author.pdbx_ordinal 
'Bornholdt, Z.A.' 1 
'Prasad, B.V.V.'  2 
# 
_citation.id                        primary 
_citation.title                     'X-ray structure of NS1 from a highly pathogenic H5N1 influenza virus' 
_citation.journal_abbrev            Nature 
_citation.journal_volume            456 
_citation.page_first                985 
_citation.page_last                 988 
_citation.year                      2008 
_citation.journal_id_ASTM           NATUAS 
_citation.country                   UK 
_citation.journal_id_ISSN           0028-0836 
_citation.journal_id_CSD            0006 
_citation.book_publisher            ? 
_citation.pdbx_database_id_PubMed   18987632 
_citation.pdbx_database_id_DOI      10.1038/nature07444 
# 
loop_
_citation_author.citation_id 
_citation_author.name 
_citation_author.ordinal 
_citation_author.identifier_ORCID 
primary 'Bornholdt, Z.A.' 1 ? 
primary 'Prasad, B.V.V.'  2 ? 
# 
_entity.id                         1 
_entity.type                       polymer 
_entity.src_method                 nat 
_entity.pdbx_description           'Nonstructural protein 1' 
_entity.formula_weight             24252.779 
_entity.pdbx_number_of_molecules   1 
_entity.pdbx_ec                    ? 
_entity.pdbx_mutation              ? 
_entity.pdbx_fragment              ? 
_entity.details                    'Full length A/Vietnam/1203/2004(H5N1) sequence' 
# 
_entity_name_com.entity_id   1 
_entity_name_com.name        NS1 
# 
_entity_poly.entity_id                      1 
_entity_poly.type                           'polypeptide(L)' 
_entity_poly.nstd_linkage                   no 
_entity_poly.nstd_monomer                   no 
_entity_poly.pdbx_seq_one_letter_code       
;MDSNTVSSFQVDCFLWHVRKRFADQELGDAPFLDRLRADQASLRGRGNTLGLDIETATRAGKQIVERILEGESDKALKMP
ASRYLTDMTLEEMSRDWFMLMPKQKVAGSLCIKMDQAIMDKTIILKANFSVIFDRLETLILLRAFTEEGAIVGEISPLPS
LPGHTGEDVKNAIGVLIGGLEWNDNTVRVTETIQRFAWRNSDEDGRLPLPPNQKR
;
_entity_poly.pdbx_seq_one_letter_code_can   
;MDSNTVSSFQVDCFLWHVRKRFADQELGDAPFLDRLRADQASLRGRGNTLGLDIETATRAGKQIVERILEGESDKALKMP
ASRYLTDMTLEEMSRDWFMLMPKQKVAGSLCIKMDQAIMDKTIILKANFSVIFDRLETLILLRAFTEEGAIVGEISPLPS
LPGHTGEDVKNAIGVLIGGLEWNDNTVRVTETIQRFAWRNSDEDGRLPLPPNQKR
;
_entity_poly.pdbx_strand_id                 A 
_entity_poly.pdbx_target_identifier         ? 
# 
loop_
_entity_poly_seq.entity_id 
_entity_poly_seq.num 
_entity_poly_seq.mon_id 
_entity_poly_seq.hetero 
1 1   MET n 
1 2   ASP n 
1 3   SER n 
1 4   ASN n 
1 5   THR n 
1 6   VAL n 
1 7   SER n 
1 8   SER n 
1 9   PHE n 
1 10  GLN n 
1 11  VAL n 
1 12  ASP n 
1 13  CYS n 
1 14  PHE n 
1 15  LEU n 
1 16  TRP n 
1 17  HIS n 
1 18  VAL n 
1 19  ARG n 
1 20  LYS n 
1 21  ARG n 
1 22  PHE n 
1 23  ALA n 
1 24  ASP n 
1 25  GLN n 
1 26  GLU n 
1 27  LEU n 
1 28  GLY n 
1 29  ASP n 
1 30  ALA n 
1 31  PRO n 
1 32  PHE n 
1 33  LEU n 
1 34  ASP n 
1 35  ARG n 
1 36  LEU n 
1 37  ARG n 
1 38  ALA n 
1 39  ASP n 
1 40  GLN n 
1 41  ALA n 
1 42  SER n 
1 43  LEU n 
1 44  ARG n 
1 45  GLY n 
1 46  ARG n 
1 47  GLY n 
1 48  ASN n 
1 49  THR n 
1 50  LEU n 
1 51  GLY n 
1 52  LEU n 
1 53  ASP n 
1 54  ILE n 
1 55  GLU n 
1 56  THR n 
1 57  ALA n 
1 58  THR n 
1 59  ARG n 
1 60  ALA n 
1 61  GLY n 
1 62  LYS n 
1 63  GLN n 
1 64  ILE n 
1 65  VAL n 
1 66  GLU n 
1 67  ARG n 
1 68  ILE n 
1 69  LEU n 
1 70  GLU n 
1 71  GLY n 
1 72  GLU n 
1 73  SER n 
1 74  ASP n 
1 75  LYS n 
1 76  ALA n 
1 77  LEU n 
1 78  LYS n 
1 79  MET n 
1 80  PRO n 
1 81  ALA n 
1 82  SER n 
1 83  ARG n 
1 84  TYR n 
1 85  LEU n 
1 86  THR n 
1 87  ASP n 
1 88  MET n 
1 89  THR n 
1 90  LEU n 
1 91  GLU n 
1 92  GLU n 
1 93  MET n 
1 94  SER n 
1 95  ARG n 
1 96  ASP n 
1 97  TRP n 
1 98  PHE n 
1 99  MET n 
1 100 LEU n 
1 101 MET n 
1 102 PRO n 
1 103 LYS n 
1 104 GLN n 
1 105 LYS n 
1 106 VAL n 
1 107 ALA n 
1 108 GLY n 
1 109 SER n 
1 110 LEU n 
1 111 CYS n 
1 112 ILE n 
1 113 LYS n 
1 114 MET n 
1 115 ASP n 
1 116 GLN n 
1 117 ALA n 
1 118 ILE n 
1 119 MET n 
1 120 ASP n 
1 121 LYS n 
1 122 THR n 
1 123 ILE n 
1 124 ILE n 
1 125 LEU n 
1 126 LYS n 
1 127 ALA n 
1 128 ASN n 
1 129 PHE n 
1 130 SER n 
1 131 VAL n 
1 132 ILE n 
1 133 PHE n 
1 134 ASP n 
1 135 ARG n 
1 136 LEU n 
1 137 GLU n 
1 138 THR n 
1 139 LEU n 
1 140 ILE n 
1 141 LEU n 
1 142 LEU n 
1 143 ARG n 
1 144 ALA n 
1 145 PHE n 
1 146 THR n 
1 147 GLU n 
1 148 GLU n 
1 149 GLY n 
1 150 ALA n 
1 151 ILE n 
1 152 VAL n 
1 153 GLY n 
1 154 GLU n 
1 155 ILE n 
1 156 SER n 
1 157 PRO n 
1 158 LEU n 
1 159 PRO n 
1 160 SER n 
1 161 LEU n 
1 162 PRO n 
1 163 GLY n 
1 164 HIS n 
1 165 THR n 
1 166 GLY n 
1 167 GLU n 
1 168 ASP n 
1 169 VAL n 
1 170 LYS n 
1 171 ASN n 
1 172 ALA n 
1 173 ILE n 
1 174 GLY n 
1 175 VAL n 
1 176 LEU n 
1 177 ILE n 
1 178 GLY n 
1 179 GLY n 
1 180 LEU n 
1 181 GLU n 
1 182 TRP n 
1 183 ASN n 
1 184 ASP n 
1 185 ASN n 
1 186 THR n 
1 187 VAL n 
1 188 ARG n 
1 189 VAL n 
1 190 THR n 
1 191 GLU n 
1 192 THR n 
1 193 ILE n 
1 194 GLN n 
1 195 ARG n 
1 196 PHE n 
1 197 ALA n 
1 198 TRP n 
1 199 ARG n 
1 200 ASN n 
1 201 SER n 
1 202 ASP n 
1 203 GLU n 
1 204 ASP n 
1 205 GLY n 
1 206 ARG n 
1 207 LEU n 
1 208 PRO n 
1 209 LEU n 
1 210 PRO n 
1 211 PRO n 
1 212 ASN n 
1 213 GLN n 
1 214 LYS n 
1 215 ARG n 
# 
_entity_src_nat.entity_id                  1 
_entity_src_nat.pdbx_src_id                1 
_entity_src_nat.pdbx_alt_source_flag       sample 
_entity_src_nat.pdbx_beg_seq_num           ? 
_entity_src_nat.pdbx_end_seq_num           ? 
_entity_src_nat.common_name                ? 
_entity_src_nat.pdbx_organism_scientific   'Influenza virus' 
_entity_src_nat.pdbx_ncbi_taxonomy_id      11309 
_entity_src_nat.genus                      ? 
_entity_src_nat.species                    ? 
_entity_src_nat.strain                     A/Vietnam/1203/2004 
_entity_src_nat.tissue                     ? 
_entity_src_nat.tissue_fraction            ? 
_entity_src_nat.pdbx_secretion             ? 
_entity_src_nat.pdbx_fragment              ? 
_entity_src_nat.pdbx_variant               ? 
_entity_src_nat.pdbx_cell_line             ? 
_entity_src_nat.pdbx_atcc                  ? 
_entity_src_nat.pdbx_cellular_location     ? 
_entity_src_nat.pdbx_organ                 ? 
_entity_src_nat.pdbx_organelle             ? 
_entity_src_nat.pdbx_cell                  ? 
_entity_src_nat.pdbx_plasmid_name          ? 
_entity_src_nat.pdbx_plasmid_details       ? 
_entity_src_nat.details                    ? 
# 
loop_
_chem_comp.id 
_chem_comp.type 
_chem_comp.mon_nstd_flag 
_chem_comp.name 
_chem_comp.pdbx_synonyms 
_chem_comp.formula 
_chem_comp.formula_weight 
ALA 'L-peptide linking' y ALANINE         ? 'C3 H7 N O2'     89.093  
ARG 'L-peptide linking' y ARGININE        ? 'C6 H15 N4 O2 1' 175.209 
ASN 'L-peptide linking' y ASPARAGINE      ? 'C4 H8 N2 O3'    132.118 
ASP 'L-peptide linking' y 'ASPARTIC ACID' ? 'C4 H7 N O4'     133.103 
CYS 'L-peptide linking' y CYSTEINE        ? 'C3 H7 N O2 S'   121.158 
GLN 'L-peptide linking' y GLUTAMINE       ? 'C5 H10 N2 O3'   146.144 
GLU 'L-peptide linking' y 'GLUTAMIC ACID' ? 'C5 H9 N O4'     147.129 
GLY 'peptide linking'   y GLYCINE         ? 'C2 H5 N O2'     75.067  
HIS 'L-peptide linking' y HISTIDINE       ? 'C6 H10 N3 O2 1' 156.162 
ILE 'L-peptide linking' y ISOLEUCINE      ? 'C6 H13 N O2'    131.173 
LEU 'L-peptide linking' y LEUCINE         ? 'C6 H13 N O2'    131.173 
LYS 'L-peptide linking' y LYSINE          ? 'C6 H15 N2 O2 1' 147.195 
MET 'L-peptide linking' y METHIONINE      ? 'C5 H11 N O2 S'  149.211 
PHE 'L-peptide linking' y PHENYLALANINE   ? 'C9 H11 N O2'    165.189 
PRO 'L-peptide linking' y PROLINE         ? 'C5 H9 N O2'     115.130 
SER 'L-peptide linking' y SERINE          ? 'C3 H7 N O3'     105.093 
THR 'L-peptide linking' y THREONINE       ? 'C4 H9 N O3'     119.119 
TRP 'L-peptide linking' y TRYPTOPHAN      ? 'C11 H12 N2 O2'  204.225 
TYR 'L-peptide linking' y TYROSINE        ? 'C9 H11 N O3'    181.189 
VAL 'L-peptide linking' y VALINE          ? 'C5 H11 N O2'    117.146 
# 
loop_
_pdbx_poly_seq_scheme.asym_id 
_pdbx_poly_seq_scheme.entity_id 
_pdbx_poly_seq_scheme.seq_id 
_pdbx_poly_seq_scheme.mon_id 
_pdbx_poly_seq_scheme.ndb_seq_num 
_pdbx_poly_seq_scheme.pdb_seq_num 
_pdbx_poly_seq_scheme.auth_seq_num 
_pdbx_poly_seq_scheme.pdb_mon_id 
_pdbx_poly_seq_scheme.auth_mon_id 
_pdbx_poly_seq_scheme.pdb_strand_id 
_pdbx_poly_seq_scheme.pdb_ins_code 
_pdbx_poly_seq_scheme.hetero 
A 1 1   MET 1   1   ?   ?   ?   A . n 
A 1 2   ASP 2   2   ?   ?   ?   A . n 
A 1 3   SER 3   3   ?   ?   ?   A . n 
A 1 4   ASN 4   4   ?   ?   ?   A . n 
A 1 5   THR 5   5   5   THR THR A . n 
A 1 6   VAL 6   6   6   VAL VAL A . n 
A 1 7   SER 7   7   7   SER SER A . n 
A 1 8   SER 8   8   8   SER SER A . n 
A 1 9   PHE 9   9   9   PHE PHE A . n 
A 1 10  GLN 10  10  10  GLN GLN A . n 
A 1 11  VAL 11  11  11  VAL VAL A . n 
A 1 12  ASP 12  12  12  ASP ASP A . n 
A 1 13  CYS 13  13  13  CYS CYS A . n 
A 1 14  PHE 14  14  14  PHE PHE A . n 
A 1 15  LEU 15  15  15  LEU LEU A . n 
A 1 16  TRP 16  16  16  TRP TRP A . n 
A 1 17  HIS 17  17  17  HIS HIS A . n 
A 1 18  VAL 18  18  18  VAL VAL A . n 
A 1 19  ARG 19  19  19  ARG ARG A . n 
A 1 20  LYS 20  20  20  LYS LYS A . n 
A 1 21  ARG 21  21  21  ARG ARG A . n 
A 1 22  PHE 22  22  22  PHE PHE A . n 
A 1 23  ALA 23  23  23  ALA ALA A . n 
A 1 24  ASP 24  24  24  ASP ASP A . n 
A 1 25  GLN 25  25  25  GLN GLN A . n 
A 1 26  GLU 26  26  26  GLU GLU A . n 
A 1 27  LEU 27  27  27  LEU LEU A . n 
A 1 28  GLY 28  28  28  GLY GLY A . n 
A 1 29  ASP 29  29  29  ASP ASP A . n 
A 1 30  ALA 30  30  30  ALA ALA A . n 
A 1 31  PRO 31  31  31  PRO PRO A . n 
A 1 32  PHE 32  32  32  PHE PHE A . n 
A 1 33  LEU 33  33  33  LEU LEU A . n 
A 1 34  ASP 34  34  34  ASP ASP A . n 
A 1 35  ARG 35  35  35  ARG ARG A . n 
A 1 36  LEU 36  36  36  LEU LEU A . n 
A 1 37  ARG 37  37  37  ARG ARG A . n 
A 1 38  ALA 38  38  38  ALA ALA A . n 
A 1 39  ASP 39  39  39  ASP ASP A . n 
A 1 40  GLN 40  40  40  GLN GLN A . n 
A 1 41  ALA 41  41  41  ALA ALA A . n 
A 1 42  SER 42  42  42  SER SER A . n 
A 1 43  LEU 43  43  43  LEU LEU A . n 
A 1 44  ARG 44  44  44  ARG ARG A . n 
A 1 45  GLY 45  45  45  GLY GLY A . n 
A 1 46  ARG 46  46  46  ARG ARG A . n 
A 1 47  GLY 47  47  47  GLY GLY A . n 
A 1 48  ASN 48  48  48  ASN ASN A . n 
A 1 49  THR 49  49  49  THR THR A . n 
A 1 50  LEU 50  50  50  LEU LEU A . n 
A 1 51  GLY 51  51  51  GLY GLY A . n 
A 1 52  LEU 52  52  52  LEU LEU A . n 
A 1 53  ASP 53  53  53  ASP ASP A . n 
A 1 54  ILE 54  54  54  ILE ILE A . n 
A 1 55  GLU 55  55  55  GLU GLU A . n 
A 1 56  THR 56  56  56  THR THR A . n 
A 1 57  ALA 57  57  57  ALA ALA A . n 
A 1 58  THR 58  58  58  THR THR A . n 
A 1 59  ARG 59  59  59  ARG ARG A . n 
A 1 60  ALA 60  60  60  ALA ALA A . n 
A 1 61  GLY 61  61  61  GLY GLY A . n 
A 1 62  LYS 62  62  62  LYS LYS A . n 
A 1 63  GLN 63  63  63  GLN GLN A . n 
A 1 64  ILE 64  64  64  ILE ILE A . n 
A 1 65  VAL 65  65  65  VAL VAL A . n 
A 1 66  GLU 66  66  66  GLU GLU A . n 
A 1 67  ARG 67  67  67  ARG ARG A . n 
A 1 68  ILE 68  68  68  ILE ILE A . n 
A 1 69  LEU 69  69  69  LEU LEU A . n 
A 1 70  GLU 70  70  70  GLU GLU A . n 
A 1 71  GLY 71  71  71  GLY GLY A . n 
A 1 72  GLU 72  72  72  GLU GLU A . n 
A 1 73  SER 73  73  73  SER SER A . n 
A 1 74  ASP 74  74  74  ASP ASP A . n 
A 1 75  LYS 75  75  ?   ?   ?   A . n 
A 1 76  ALA 76  76  ?   ?   ?   A . n 
A 1 77  LEU 77  77  ?   ?   ?   A . n 
A 1 78  LYS 78  78  ?   ?   ?   A . n 
A 1 79  MET 79  79  ?   ?   ?   A . n 
A 1 80  PRO 80  80  80  PRO PRO A . n 
A 1 81  ALA 81  81  81  ALA ALA A . n 
A 1 82  SER 82  82  82  SER SER A . n 
A 1 83  ARG 83  83  83  ARG ARG A . n 
A 1 84  TYR 84  84  84  TYR TYR A . n 
A 1 85  LEU 85  85  85  LEU LEU A . n 
A 1 86  THR 86  86  86  THR THR A . n 
A 1 87  ASP 87  87  87  ASP ASP A . n 
A 1 88  MET 88  88  88  MET MET A . n 
A 1 89  THR 89  89  89  THR THR A . n 
A 1 90  LEU 90  90  90  LEU LEU A . n 
A 1 91  GLU 91  91  91  GLU GLU A . n 
A 1 92  GLU 92  92  92  GLU GLU A . n 
A 1 93  MET 93  93  93  MET MET A . n 
A 1 94  SER 94  94  94  SER SER A . n 
A 1 95  ARG 95  95  95  ARG ARG A . n 
A 1 96  ASP 96  96  96  ASP ASP A . n 
A 1 97  TRP 97  97  97  TRP TRP A . n 
A 1 98  PHE 98  98  98  PHE PHE A . n 
A 1 99  MET 99  99  99  MET MET A . n 
A 1 100 LEU 100 100 100 LEU LEU A . n 
A 1 101 MET 101 101 101 MET MET A . n 
A 1 102 PRO 102 102 102 PRO PRO A . n 
A 1 103 LYS 103 103 103 LYS LYS A . n 
A 1 104 GLN 104 104 104 GLN GLN A . n 
A 1 105 LYS 105 105 105 LYS LYS A . n 
A 1 106 VAL 106 106 106 VAL VAL A . n 
A 1 107 ALA 107 107 107 ALA ALA A . n 
A 1 108 GLY 108 108 108 GLY GLY A . n 
A 1 109 SER 109 109 109 SER SER A . n 
A 1 110 LEU 110 110 110 LEU LEU A . n 
A 1 111 CYS 111 111 111 CYS CYS A . n 
A 1 112 ILE 112 112 112 ILE ILE A . n 
A 1 113 LYS 113 113 113 LYS LYS A . n 
A 1 114 MET 114 114 114 MET MET A . n 
A 1 115 ASP 115 115 115 ASP ASP A . n 
A 1 116 GLN 116 116 116 GLN GLN A . n 
A 1 117 ALA 117 117 117 ALA ALA A . n 
A 1 118 ILE 118 118 118 ILE ILE A . n 
A 1 119 MET 119 119 119 MET MET A . n 
A 1 120 ASP 120 120 120 ASP ASP A . n 
A 1 121 LYS 121 121 121 LYS LYS A . n 
A 1 122 THR 122 122 122 THR THR A . n 
A 1 123 ILE 123 123 123 ILE ILE A . n 
A 1 124 ILE 124 124 124 ILE ILE A . n 
A 1 125 LEU 125 125 125 LEU LEU A . n 
A 1 126 LYS 126 126 126 LYS LYS A . n 
A 1 127 ALA 127 127 127 ALA ALA A . n 
A 1 128 ASN 128 128 128 ASN ASN A . n 
A 1 129 PHE 129 129 129 PHE PHE A . n 
A 1 130 SER 130 130 130 SER SER A . n 
A 1 131 VAL 131 131 131 VAL VAL A . n 
A 1 132 ILE 132 132 132 ILE ILE A . n 
A 1 133 PHE 133 133 133 PHE PHE A . n 
A 1 134 ASP 134 134 134 ASP ASP A . n 
A 1 135 ARG 135 135 135 ARG ARG A . n 
A 1 136 LEU 136 136 136 LEU LEU A . n 
A 1 137 GLU 137 137 137 GLU GLU A . n 
A 1 138 THR 138 138 138 THR THR A . n 
A 1 139 LEU 139 139 139 LEU LEU A . n 
A 1 140 ILE 140 140 140 ILE ILE A . n 
A 1 141 LEU 141 141 141 LEU LEU A . n 
A 1 142 LEU 142 142 142 LEU LEU A . n 
A 1 143 ARG 143 143 143 ARG ARG A . n 
A 1 144 ALA 144 144 144 ALA ALA A . n 
A 1 145 PHE 145 145 145 PHE PHE A . n 
A 1 146 THR 146 146 146 THR THR A . n 
A 1 147 GLU 147 147 147 GLU GLU A . n 
A 1 148 GLU 148 148 148 GLU GLU A . n 
A 1 149 GLY 149 149 149 GLY GLY A . n 
A 1 150 ALA 150 150 150 ALA ALA A . n 
A 1 151 ILE 151 151 151 ILE ILE A . n 
A 1 152 VAL 152 152 152 VAL VAL A . n 
A 1 153 GLY 153 153 153 GLY GLY A . n 
A 1 154 GLU 154 154 154 GLU GLU A . n 
A 1 155 ILE 155 155 155 ILE ILE A . n 
A 1 156 SER 156 156 156 SER SER A . n 
A 1 157 PRO 157 157 157 PRO PRO A . n 
A 1 158 LEU 158 158 158 LEU LEU A . n 
A 1 159 PRO 159 159 159 PRO PRO A . n 
A 1 160 SER 160 160 160 SER SER A . n 
A 1 161 LEU 161 161 161 LEU LEU A . n 
A 1 162 PRO 162 162 162 PRO PRO A . n 
A 1 163 GLY 163 163 163 GLY GLY A . n 
A 1 164 HIS 164 164 164 HIS HIS A . n 
A 1 165 THR 165 165 165 THR THR A . n 
A 1 166 GLY 166 166 166 GLY GLY A . n 
A 1 167 GLU 167 167 167 GLU GLU A . n 
A 1 168 ASP 168 168 168 ASP ASP A . n 
A 1 169 VAL 169 169 169 VAL VAL A . n 
A 1 170 LYS 170 170 170 LYS LYS A . n 
A 1 171 ASN 171 171 171 ASN ASN A . n 
A 1 172 ALA 172 172 172 ALA ALA A . n 
A 1 173 ILE 173 173 173 ILE ILE A . n 
A 1 174 GLY 174 174 174 GLY GLY A . n 
A 1 175 VAL 175 175 175 VAL VAL A . n 
A 1 176 LEU 176 176 176 LEU LEU A . n 
A 1 177 ILE 177 177 177 ILE ILE A . n 
A 1 178 GLY 178 178 178 GLY GLY A . n 
A 1 179 GLY 179 179 179 GLY GLY A . n 
A 1 180 LEU 180 180 180 LEU LEU A . n 
A 1 181 GLU 181 181 181 GLU GLU A . n 
A 1 182 TRP 182 182 182 TRP TRP A . n 
A 1 183 ASN 183 183 183 ASN ASN A . n 
A 1 184 ASP 184 184 184 ASP ASP A . n 
A 1 185 ASN 185 185 185 ASN ASN A . n 
A 1 186 THR 186 186 186 THR THR A . n 
A 1 187 VAL 187 187 187 VAL VAL A . n 
A 1 188 ARG 188 188 188 ARG ARG A . n 
A 1 189 VAL 189 189 189 VAL VAL A . n 
A 1 190 THR 190 190 190 THR THR A . n 
A 1 191 GLU 191 191 191 GLU GLU A . n 
A 1 192 THR 192 192 192 THR THR A . n 
A 1 193 ILE 193 193 193 ILE ILE A . n 
A 1 194 GLN 194 194 194 GLN GLN A . n 
A 1 195 ARG 195 195 195 ARG ARG A . n 
A 1 196 PHE 196 196 196 PHE PHE A . n 
A 1 197 ALA 197 197 197 ALA ALA A . n 
A 1 198 TRP 198 198 ?   ?   ?   A . n 
A 1 199 ARG 199 199 ?   ?   ?   A . n 
A 1 200 ASN 200 200 ?   ?   ?   A . n 
A 1 201 SER 201 201 ?   ?   ?   A . n 
A 1 202 ASP 202 202 ?   ?   ?   A . n 
A 1 203 GLU 203 203 ?   ?   ?   A . n 
A 1 204 ASP 204 204 ?   ?   ?   A . n 
A 1 205 GLY 205 205 ?   ?   ?   A . n 
A 1 206 ARG 206 206 ?   ?   ?   A . n 
A 1 207 LEU 207 207 ?   ?   ?   A . n 
A 1 208 PRO 208 208 ?   ?   ?   A . n 
A 1 209 LEU 209 209 ?   ?   ?   A . n 
A 1 210 PRO 210 210 ?   ?   ?   A . n 
A 1 211 PRO 211 211 ?   ?   ?   A . n 
A 1 212 ASN 212 212 ?   ?   ?   A . n 
A 1 213 GLN 213 213 ?   ?   ?   A . n 
A 1 214 LYS 214 214 ?   ?   ?   A . n 
A 1 215 ARG 215 215 ?   ?   ?   A . n 
# 
loop_
_pdbx_unobs_or_zero_occ_atoms.id 
_pdbx_unobs_or_zero_occ_atoms.PDB_model_num 
_pdbx_unobs_or_zero_occ_atoms.polymer_flag 
_pdbx_unobs_or_zero_occ_atoms.occupancy_flag 
_pdbx_unobs_or_zero_occ_atoms.auth_asym_id 
_pdbx_unobs_or_zero_occ_atoms.auth_comp_id 
_pdbx_unobs_or_zero_occ_atoms.auth_seq_id 
_pdbx_unobs_or_zero_occ_atoms.PDB_ins_code 
_pdbx_unobs_or_zero_occ_atoms.auth_atom_id 
_pdbx_unobs_or_zero_occ_atoms.label_alt_id 
_pdbx_unobs_or_zero_occ_atoms.label_asym_id 
_pdbx_unobs_or_zero_occ_atoms.label_comp_id 
_pdbx_unobs_or_zero_occ_atoms.label_seq_id 
_pdbx_unobs_or_zero_occ_atoms.label_atom_id 
1 1 Y 1 A GLN 63 ? CG  ? A GLN 63 CG  
2 1 Y 1 A GLN 63 ? CD  ? A GLN 63 CD  
3 1 Y 1 A GLN 63 ? OE1 ? A GLN 63 OE1 
4 1 Y 1 A GLN 63 ? NE2 ? A GLN 63 NE2 
5 1 Y 1 A ILE 68 ? CG1 ? A ILE 68 CG1 
6 1 Y 1 A ILE 68 ? CG2 ? A ILE 68 CG2 
7 1 Y 1 A ILE 68 ? CD1 ? A ILE 68 CD1 
# 
loop_
_software.name 
_software.version 
_software.date 
_software.type 
_software.contact_author 
_software.contact_author_email 
_software.classification 
_software.location 
_software.language 
_software.citation_id 
_software.pdbx_ordinal 
d*TREK      .        ?               package 'Jim W. Pflugrath'   Jim.Pflugrath@Rigaku.com    'data scaling'    
http://www.rigaku.com/software/dtrek.html    ?          ? 1 
PHASER      .        ?               program 'Randy J. Read'      cimr-phaser@lists.cam.ac.uk phasing           
http://www-structmed.cimr.cam.ac.uk/phaser/  ?          ? 2 
REFMAC      5.2.0019 ?               program 'Garib N. Murshudov' garib@ysbl.york.ac.uk       refinement        
http://www.ccp4.ac.uk/dist/html/refmac5.html Fortran_77 ? 3 
PDB_EXTRACT 3.006    'June 11, 2008' package PDB                  help@deposit.rcsb.org       'data extraction' 
http://sw-tools.pdb.org/apps/PDB_EXTRACT/    C++        ? 4 
# 
_cell.entry_id           3F5T 
_cell.length_a           106.122 
_cell.length_b           106.122 
_cell.length_c           69.630 
_cell.angle_alpha        90.00 
_cell.angle_beta         90.00 
_cell.angle_gamma        120.00 
_cell.Z_PDB              12 
_cell.pdbx_unique_axis   ? 
_cell.length_a_esd       ? 
_cell.length_b_esd       ? 
_cell.length_c_esd       ? 
_cell.angle_alpha_esd    ? 
_cell.angle_beta_esd     ? 
_cell.angle_gamma_esd    ? 
# 
_symmetry.entry_id                         3F5T 
_symmetry.space_group_name_H-M             'P 65 2 2' 
_symmetry.pdbx_full_space_group_name_H-M   ? 
_symmetry.Int_Tables_number                179 
_symmetry.cell_setting                     ? 
_symmetry.space_group_name_Hall            ? 
# 
_exptl.entry_id          3F5T 
_exptl.method            'X-RAY DIFFRACTION' 
_exptl.crystals_number   1 
# 
_exptl_crystal.id                    1 
_exptl_crystal.density_meas          ? 
_exptl_crystal.density_Matthews      2.33 
_exptl_crystal.density_percent_sol   47.29 
_exptl_crystal.description           ? 
_exptl_crystal.F_000                 ? 
_exptl_crystal.preparation           ? 
# 
_exptl_crystal_grow.crystal_id      1 
_exptl_crystal_grow.method          'VAPOR DIFFUSION, HANGING DROP' 
_exptl_crystal_grow.temp            298 
_exptl_crystal_grow.pH              7.8 
_exptl_crystal_grow.pdbx_details    'pH 7.8, VAPOR DIFFUSION, HANGING DROP, temperature 298K' 
_exptl_crystal_grow.pdbx_pH_range   . 
_exptl_crystal_grow.temp_details    ? 
# 
_diffrn.id                     1 
_diffrn.ambient_temp           ? 
_diffrn.ambient_temp_details   ? 
_diffrn.crystal_id             1 
# 
_diffrn_detector.diffrn_id              1 
_diffrn_detector.detector               CCD 
_diffrn_detector.type                   'ADSC QUANTUM 210' 
_diffrn_detector.pdbx_collection_date   ? 
_diffrn_detector.details                ? 
# 
_diffrn_radiation.diffrn_id                        1 
_diffrn_radiation.wavelength_id                    1 
_diffrn_radiation.pdbx_monochromatic_or_laue_m_l   M 
_diffrn_radiation.monochromator                    ? 
_diffrn_radiation.pdbx_diffrn_protocol             'SINGLE WAVELENGTH' 
_diffrn_radiation.pdbx_scattering_type             x-ray 
# 
_diffrn_radiation_wavelength.id           1 
_diffrn_radiation_wavelength.wavelength   . 
_diffrn_radiation_wavelength.wt           1.0 
# 
_diffrn_source.diffrn_id                   1 
_diffrn_source.source                      SYNCHROTRON 
_diffrn_source.type                        'APS BEAMLINE 19-ID' 
_diffrn_source.pdbx_synchrotron_site       APS 
_diffrn_source.pdbx_synchrotron_beamline   19-ID 
_diffrn_source.pdbx_wavelength             ? 
_diffrn_source.pdbx_wavelength_list        ? 
# 
_reflns.entry_id                     3F5T 
_reflns.observed_criterion_sigma_I   0. 
_reflns.observed_criterion_sigma_F   ? 
_reflns.d_resolution_low             35.0 
_reflns.d_resolution_high            2.70 
_reflns.number_obs                   6721 
_reflns.number_all                   6721 
_reflns.percent_possible_obs         ? 
_reflns.pdbx_Rmerge_I_obs            ? 
_reflns.pdbx_Rsym_value              ? 
_reflns.pdbx_netI_over_sigmaI        ? 
_reflns.B_iso_Wilson_estimate        ? 
_reflns.pdbx_redundancy              ? 
_reflns.R_free_details               ? 
_reflns.limit_h_max                  ? 
_reflns.limit_h_min                  ? 
_reflns.limit_k_max                  ? 
_reflns.limit_k_min                  ? 
_reflns.limit_l_max                  ? 
_reflns.limit_l_min                  ? 
_reflns.observed_criterion_F_max     ? 
_reflns.observed_criterion_F_min     ? 
_reflns.pdbx_chi_squared             ? 
_reflns.pdbx_scaling_rejects         ? 
_reflns.pdbx_ordinal                 1 
_reflns.pdbx_diffrn_id               1 
# 
_refine.entry_id                                 3F5T 
_refine.ls_d_res_high                            2.700 
_refine.ls_d_res_low                             35.000 
_refine.pdbx_ls_sigma_F                          0.00 
_refine.ls_percent_reflns_obs                    99.880 
_refine.ls_number_reflns_obs                     6721 
_refine.ls_number_reflns_all                     6721 
_refine.pdbx_ls_cross_valid_method               THROUGHOUT 
_refine.pdbx_R_Free_selection_details            RANDOM 
_refine.details                                  'HYDROGENS HAVE BEEN ADDED IN THE RIDING POSITIONS' 
_refine.ls_R_factor_obs                          0.281 
_refine.ls_R_factor_all                          0.281 
_refine.ls_R_factor_R_work                       0.279 
_refine.ls_R_factor_R_free                       0.296 
_refine.ls_percent_reflns_R_free                 10. 
_refine.ls_number_reflns_R_free                  669 
_refine.ls_number_reflns_R_work                  6052 
_refine.B_iso_mean                               50.422 
_refine.aniso_B[1][1]                            0.590 
_refine.aniso_B[2][2]                            0.590 
_refine.aniso_B[3][3]                            -0.880 
_refine.aniso_B[1][2]                            0.290 
_refine.aniso_B[1][3]                            0.000 
_refine.aniso_B[2][3]                            0.000 
_refine.correlation_coeff_Fo_to_Fc               0.886 
_refine.correlation_coeff_Fo_to_Fc_free          0.895 
_refine.pdbx_overall_ESU_R                       2.284 
_refine.pdbx_overall_ESU_R_Free                  0.408 
_refine.overall_SU_ML                            0.338 
_refine.overall_SU_B                             36.894 
_refine.solvent_model_details                    MASK 
_refine.pdbx_solvent_vdw_probe_radii             1.200 
_refine.pdbx_solvent_ion_probe_radii             0.800 
_refine.pdbx_solvent_shrinkage_radii             0.800 
_refine.pdbx_method_to_determine_struct          'MOLECULAR REPLACEMENT' 
_refine.pdbx_stereochemistry_target_values       'MAXIMUM LIKELIHOOD' 
_refine.B_iso_max                                68.00 
_refine.B_iso_min                                37.42 
_refine.occupancy_max                            1.00 
_refine.occupancy_min                            1.00 
_refine.pdbx_refine_id                           'X-RAY DIFFRACTION' 
_refine.pdbx_ls_sigma_I                          ? 
_refine.ls_redundancy_reflns_obs                 ? 
_refine.pdbx_data_cutoff_high_absF               ? 
_refine.pdbx_data_cutoff_low_absF                ? 
_refine.ls_number_parameters                     ? 
_refine.ls_number_restraints                     ? 
_refine.ls_R_factor_R_free_error                 ? 
_refine.ls_R_factor_R_free_error_details         ? 
_refine.pdbx_starting_model                      ? 
_refine.pdbx_isotropic_thermal_model             ? 
_refine.pdbx_stereochem_target_val_spec_case     ? 
_refine.solvent_model_param_bsol                 ? 
_refine.solvent_model_param_ksol                 ? 
_refine.pdbx_data_cutoff_high_rms_absF           ? 
_refine.pdbx_overall_phase_error                 ? 
_refine.overall_SU_R_Cruickshank_DPI             ? 
_refine.overall_SU_R_free                        ? 
_refine.ls_wR_factor_R_free                      ? 
_refine.ls_wR_factor_R_work                      ? 
_refine.overall_FOM_free_R_set                   ? 
_refine.overall_FOM_work_R_set                   ? 
_refine.pdbx_TLS_residual_ADP_flag               'LIKELY RESIDUAL' 
_refine.pdbx_diffrn_id                           1 
_refine.pdbx_overall_SU_R_free_Cruickshank_DPI   ? 
_refine.pdbx_overall_SU_R_Blow_DPI               ? 
_refine.pdbx_overall_SU_R_free_Blow_DPI          ? 
# 
_refine_hist.pdbx_refine_id                   'X-RAY DIFFRACTION' 
_refine_hist.cycle_id                         LAST 
_refine_hist.pdbx_number_atoms_protein        1469 
_refine_hist.pdbx_number_atoms_nucleic_acid   0 
_refine_hist.pdbx_number_atoms_ligand         0 
_refine_hist.number_atoms_solvent             0 
_refine_hist.number_atoms_total               1469 
_refine_hist.d_res_high                       2.700 
_refine_hist.d_res_low                        35.000 
# 
loop_
_refine_ls_restr.type 
_refine_ls_restr.number 
_refine_ls_restr.dev_ideal 
_refine_ls_restr.dev_ideal_target 
_refine_ls_restr.weight 
_refine_ls_restr.pdbx_refine_id 
_refine_ls_restr.pdbx_restraint_function 
r_bond_refined_d         1492 0.016  0.022  ? 'X-RAY DIFFRACTION' ? 
r_angle_refined_deg      2013 1.497  1.966  ? 'X-RAY DIFFRACTION' ? 
r_dihedral_angle_1_deg   186  5.953  5.000  ? 'X-RAY DIFFRACTION' ? 
r_dihedral_angle_2_deg   68   35.825 23.676 ? 'X-RAY DIFFRACTION' ? 
r_dihedral_angle_3_deg   270  16.693 15.000 ? 'X-RAY DIFFRACTION' ? 
r_dihedral_angle_4_deg   14   16.488 15.000 ? 'X-RAY DIFFRACTION' ? 
r_chiral_restr           232  0.101  0.200  ? 'X-RAY DIFFRACTION' ? 
r_gen_planes_refined     1107 0.004  0.020  ? 'X-RAY DIFFRACTION' ? 
r_nbd_refined            630  0.229  0.200  ? 'X-RAY DIFFRACTION' ? 
r_nbtor_refined          1044 0.302  0.200  ? 'X-RAY DIFFRACTION' ? 
r_xyhbond_nbd_refined    43   0.153  0.200  ? 'X-RAY DIFFRACTION' ? 
r_symmetry_vdw_refined   57   0.260  0.200  ? 'X-RAY DIFFRACTION' ? 
r_symmetry_hbond_refined 6    0.233  0.200  ? 'X-RAY DIFFRACTION' ? 
r_mcbond_it              954  0.824  1.500  ? 'X-RAY DIFFRACTION' ? 
r_mcangle_it             1497 1.072  2.000  ? 'X-RAY DIFFRACTION' ? 
r_scbond_it              594  1.650  3.000  ? 'X-RAY DIFFRACTION' ? 
r_scangle_it             516  2.547  4.500  ? 'X-RAY DIFFRACTION' ? 
# 
_refine_ls_shell.d_res_high                       2.700 
_refine_ls_shell.d_res_low                        2.770 
_refine_ls_shell.pdbx_total_number_of_bins_used   20 
_refine_ls_shell.percent_reflns_obs               100.000 
_refine_ls_shell.number_reflns_R_work             422 
_refine_ls_shell.R_factor_all                     ? 
_refine_ls_shell.R_factor_R_work                  0.366 
_refine_ls_shell.R_factor_R_free                  0.485 
_refine_ls_shell.percent_reflns_R_free            ? 
_refine_ls_shell.number_reflns_R_free             41 
_refine_ls_shell.R_factor_R_free_error            ? 
_refine_ls_shell.number_reflns_all                463 
_refine_ls_shell.number_reflns_obs                ? 
_refine_ls_shell.pdbx_refine_id                   'X-RAY DIFFRACTION' 
_refine_ls_shell.redundancy_reflns_obs            ? 
# 
_struct.entry_id                  3F5T 
_struct.title                     'X-ray Structure of H5N1 NS1' 
_struct.pdbx_model_details        ? 
_struct.pdbx_CASP_flag            N 
_struct.pdbx_model_type_details   ? 
# 
_struct_keywords.entry_id        3F5T 
_struct_keywords.pdbx_keywords   'VIRAL PROTEIN' 
_struct_keywords.text            
;NS1, H5N1, Influenza, Host-virus interaction, Interferon antiviral system evasion, Nucleus, RNA-binding, Suppressor of RNA silencing, VIRAL PROTEIN
;
# 
_struct_asym.id                            A 
_struct_asym.pdbx_blank_PDB_chainid_flag   N 
_struct_asym.pdbx_modified                 N 
_struct_asym.entity_id                     1 
_struct_asym.details                       ? 
# 
_struct_ref.id                         1 
_struct_ref.entity_id                  1 
_struct_ref.db_name                    UNP 
_struct_ref.db_code                    A5A5U1_9INFA 
_struct_ref.pdbx_db_accession          A5A5U1 
_struct_ref.pdbx_align_begin           1 
_struct_ref.pdbx_seq_one_letter_code   
;MDSNTVSSFQVDCFLWHVRKRFADQELGDAPFLDRLRRDQKSLRGRGNTLGLDIETATRAGKQIVERILEGESDKALKMP
ASRYLTDMTLEEMSRDWFMLMPKQKVAGSLCIKMDQAIMDKTIILKANFSVIFDRLETLILLRAFTEEGAIVGEISPLPS
LPGHTGEDVKNAIGVLIGGLEWNDNTVRVTETIQRFAWRNSDEDGRLPLPPNQKR
;
_struct_ref.pdbx_db_isoform            ? 
# 
_struct_ref_seq.align_id                      1 
_struct_ref_seq.ref_id                        1 
_struct_ref_seq.pdbx_PDB_id_code              3F5T 
_struct_ref_seq.pdbx_strand_id                A 
_struct_ref_seq.seq_align_beg                 1 
_struct_ref_seq.pdbx_seq_align_beg_ins_code   ? 
_struct_ref_seq.seq_align_end                 215 
_struct_ref_seq.pdbx_seq_align_end_ins_code   ? 
_struct_ref_seq.pdbx_db_accession             A5A5U1 
_struct_ref_seq.db_align_beg                  1 
_struct_ref_seq.pdbx_db_align_beg_ins_code    ? 
_struct_ref_seq.db_align_end                  215 
_struct_ref_seq.pdbx_db_align_end_ins_code    ? 
_struct_ref_seq.pdbx_auth_seq_align_beg       1 
_struct_ref_seq.pdbx_auth_seq_align_end       215 
# 
loop_
_struct_ref_seq_dif.align_id 
_struct_ref_seq_dif.pdbx_pdb_id_code 
_struct_ref_seq_dif.mon_id 
_struct_ref_seq_dif.pdbx_pdb_strand_id 
_struct_ref_seq_dif.seq_num 
_struct_ref_seq_dif.pdbx_pdb_ins_code 
_struct_ref_seq_dif.pdbx_seq_db_name 
_struct_ref_seq_dif.pdbx_seq_db_accession_code 
_struct_ref_seq_dif.db_mon_id 
_struct_ref_seq_dif.pdbx_seq_db_seq_num 
_struct_ref_seq_dif.details 
_struct_ref_seq_dif.pdbx_auth_seq_num 
_struct_ref_seq_dif.pdbx_ordinal 
1 3F5T ALA A 38 ? UNP A5A5U1 ARG 38 'engineered mutation' 38 1 
1 3F5T ALA A 41 ? UNP A5A5U1 LYS 41 'engineered mutation' 41 2 
# 
loop_
_pdbx_struct_assembly.id 
_pdbx_struct_assembly.details 
_pdbx_struct_assembly.method_details 
_pdbx_struct_assembly.oligomeric_details 
_pdbx_struct_assembly.oligomeric_count 
1 author_defined_assembly   ?    monomeric 1 
2 software_defined_assembly PISA dimeric   2 
# 
loop_
_pdbx_struct_assembly_prop.biol_id 
_pdbx_struct_assembly_prop.type 
_pdbx_struct_assembly_prop.value 
_pdbx_struct_assembly_prop.details 
2 'ABSA (A^2)' 2350  ? 
2 MORE         -18   ? 
2 'SSA (A^2)'  21640 ? 
# 
loop_
_pdbx_struct_assembly_gen.assembly_id 
_pdbx_struct_assembly_gen.oper_expression 
_pdbx_struct_assembly_gen.asym_id_list 
1 1   A 
2 1,2 A 
# 
loop_
_pdbx_struct_oper_list.id 
_pdbx_struct_oper_list.type 
_pdbx_struct_oper_list.name 
_pdbx_struct_oper_list.symmetry_operation 
_pdbx_struct_oper_list.matrix[1][1] 
_pdbx_struct_oper_list.matrix[1][2] 
_pdbx_struct_oper_list.matrix[1][3] 
_pdbx_struct_oper_list.vector[1] 
_pdbx_struct_oper_list.matrix[2][1] 
_pdbx_struct_oper_list.matrix[2][2] 
_pdbx_struct_oper_list.matrix[2][3] 
_pdbx_struct_oper_list.vector[2] 
_pdbx_struct_oper_list.matrix[3][1] 
_pdbx_struct_oper_list.matrix[3][2] 
_pdbx_struct_oper_list.matrix[3][3] 
_pdbx_struct_oper_list.vector[3] 
1 'identity operation'         1_555  x,y,z         1.0000000000 0.0000000000  0.0000000000 0.0000000000   0.0000000000  1.0000000000  0.0000000000  0.0000000000  0.0000000000 0.0000000000  1.0000000000  0.0000000000  
2 'crystal symmetry operation' 11_555 -x+y,y,-z+1/2 0.3912414479 -0.6842609259 0.6153999633 -16.1252958164 -0.6842609259 -0.6634566808 -0.3026751031 -1.8025947290 0.6153999633 -0.3026751031 -0.7277847671 34.4503347841 
# 
_struct_biol.id        1 
_struct_biol.details   ? 
# 
loop_
_struct_conf.conf_type_id 
_struct_conf.id 
_struct_conf.pdbx_PDB_helix_id 
_struct_conf.beg_label_comp_id 
_struct_conf.beg_label_asym_id 
_struct_conf.beg_label_seq_id 
_struct_conf.pdbx_beg_PDB_ins_code 
_struct_conf.end_label_comp_id 
_struct_conf.end_label_asym_id 
_struct_conf.end_label_seq_id 
_struct_conf.pdbx_end_PDB_ins_code 
_struct_conf.beg_auth_comp_id 
_struct_conf.beg_auth_asym_id 
_struct_conf.beg_auth_seq_id 
_struct_conf.end_auth_comp_id 
_struct_conf.end_auth_asym_id 
_struct_conf.end_auth_seq_id 
_struct_conf.pdbx_PDB_helix_class 
_struct_conf.details 
_struct_conf.pdbx_PDB_helix_length 
HELX_P HELX_P1 1 THR A 5   ? LYS A 20  ? THR A 5   LYS A 20  1 ? 16 
HELX_P HELX_P2 2 LYS A 20  ? GLU A 26  ? LYS A 20  GLU A 26  1 ? 7  
HELX_P HELX_P3 3 ASP A 29  ? GLY A 51  ? ASP A 29  GLY A 51  1 ? 23 
HELX_P HELX_P4 4 ASP A 53  ? ARG A 67  ? ASP A 53  ARG A 67  1 ? 15 
HELX_P HELX_P5 5 THR A 89  ? ARG A 95  ? THR A 89  ARG A 95  1 ? 7  
HELX_P HELX_P6 6 THR A 165 ? ASN A 183 ? THR A 165 ASN A 183 1 ? 19 
HELX_P HELX_P7 7 THR A 190 ? ALA A 197 ? THR A 190 ALA A 197 1 ? 8  
# 
_struct_conf_type.id          HELX_P 
_struct_conf_type.criteria    ? 
_struct_conf_type.reference   ? 
# 
_struct_mon_prot_cis.pdbx_id                1 
_struct_mon_prot_cis.label_comp_id          GLU 
_struct_mon_prot_cis.label_seq_id           70 
_struct_mon_prot_cis.label_asym_id          A 
_struct_mon_prot_cis.label_alt_id           . 
_struct_mon_prot_cis.pdbx_PDB_ins_code      ? 
_struct_mon_prot_cis.auth_comp_id           GLU 
_struct_mon_prot_cis.auth_seq_id            70 
_struct_mon_prot_cis.auth_asym_id           A 
_struct_mon_prot_cis.pdbx_label_comp_id_2   GLY 
_struct_mon_prot_cis.pdbx_label_seq_id_2    71 
_struct_mon_prot_cis.pdbx_label_asym_id_2   A 
_struct_mon_prot_cis.pdbx_PDB_ins_code_2    ? 
_struct_mon_prot_cis.pdbx_auth_comp_id_2    GLY 
_struct_mon_prot_cis.pdbx_auth_seq_id_2     71 
_struct_mon_prot_cis.pdbx_auth_asym_id_2    A 
_struct_mon_prot_cis.pdbx_PDB_model_num     1 
_struct_mon_prot_cis.pdbx_omega_angle       4.91 
# 
loop_
_struct_sheet.id 
_struct_sheet.type 
_struct_sheet.number_strands 
_struct_sheet.details 
A ? 6 ? 
B ? 3 ? 
# 
loop_
_struct_sheet_order.sheet_id 
_struct_sheet_order.range_id_1 
_struct_sheet_order.range_id_2 
_struct_sheet_order.offset 
_struct_sheet_order.sense 
A 1 2 ? anti-parallel 
A 2 3 ? anti-parallel 
A 3 4 ? anti-parallel 
A 4 5 ? anti-parallel 
A 5 6 ? anti-parallel 
B 1 2 ? anti-parallel 
B 2 3 ? parallel      
# 
loop_
_struct_sheet_range.sheet_id 
_struct_sheet_range.id 
_struct_sheet_range.beg_label_comp_id 
_struct_sheet_range.beg_label_asym_id 
_struct_sheet_range.beg_label_seq_id 
_struct_sheet_range.pdbx_beg_PDB_ins_code 
_struct_sheet_range.end_label_comp_id 
_struct_sheet_range.end_label_asym_id 
_struct_sheet_range.end_label_seq_id 
_struct_sheet_range.pdbx_end_PDB_ins_code 
_struct_sheet_range.beg_auth_comp_id 
_struct_sheet_range.beg_auth_asym_id 
_struct_sheet_range.beg_auth_seq_id 
_struct_sheet_range.end_auth_comp_id 
_struct_sheet_range.end_auth_asym_id 
_struct_sheet_range.end_auth_seq_id 
A 1 LEU A 85  ? THR A 86  ? LEU A 85  THR A 86  
A 2 THR A 122 ? ILE A 132 ? THR A 122 ILE A 132 
A 3 ARG A 135 ? THR A 146 ? ARG A 135 THR A 146 
A 4 ILE A 151 ? PRO A 157 ? ILE A 151 PRO A 157 
A 5 LEU A 110 ? ASP A 115 ? LEU A 110 ASP A 115 
A 6 PRO A 102 ? ALA A 107 ? PRO A 102 ALA A 107 
B 1 LEU A 85  ? THR A 86  ? LEU A 85  THR A 86  
B 2 THR A 122 ? ILE A 132 ? THR A 122 ILE A 132 
B 3 THR A 186 ? VAL A 189 ? THR A 186 VAL A 189 
# 
loop_
_pdbx_struct_sheet_hbond.sheet_id 
_pdbx_struct_sheet_hbond.range_id_1 
_pdbx_struct_sheet_hbond.range_id_2 
_pdbx_struct_sheet_hbond.range_1_label_atom_id 
_pdbx_struct_sheet_hbond.range_1_label_comp_id 
_pdbx_struct_sheet_hbond.range_1_label_asym_id 
_pdbx_struct_sheet_hbond.range_1_label_seq_id 
_pdbx_struct_sheet_hbond.range_1_PDB_ins_code 
_pdbx_struct_sheet_hbond.range_1_auth_atom_id 
_pdbx_struct_sheet_hbond.range_1_auth_comp_id 
_pdbx_struct_sheet_hbond.range_1_auth_asym_id 
_pdbx_struct_sheet_hbond.range_1_auth_seq_id 
_pdbx_struct_sheet_hbond.range_2_label_atom_id 
_pdbx_struct_sheet_hbond.range_2_label_comp_id 
_pdbx_struct_sheet_hbond.range_2_label_asym_id 
_pdbx_struct_sheet_hbond.range_2_label_seq_id 
_pdbx_struct_sheet_hbond.range_2_PDB_ins_code 
_pdbx_struct_sheet_hbond.range_2_auth_atom_id 
_pdbx_struct_sheet_hbond.range_2_auth_comp_id 
_pdbx_struct_sheet_hbond.range_2_auth_asym_id 
_pdbx_struct_sheet_hbond.range_2_auth_seq_id 
A 1 2 N LEU A 85  ? N LEU A 85  O PHE A 129 ? O PHE A 129 
A 2 3 N ILE A 124 ? N ILE A 124 O PHE A 145 ? O PHE A 145 
A 3 4 N ALA A 144 ? N ALA A 144 O GLY A 153 ? O GLY A 153 
A 4 5 O SER A 156 ? O SER A 156 N CYS A 111 ? N CYS A 111 
A 5 6 O LEU A 110 ? O LEU A 110 N ALA A 107 ? N ALA A 107 
B 1 2 N LEU A 85  ? N LEU A 85  O PHE A 129 ? O PHE A 129 
B 2 3 N ILE A 123 ? N ILE A 123 O THR A 186 ? O THR A 186 
# 
loop_
_pdbx_validate_torsion.id 
_pdbx_validate_torsion.PDB_model_num 
_pdbx_validate_torsion.auth_comp_id 
_pdbx_validate_torsion.auth_asym_id 
_pdbx_validate_torsion.auth_seq_id 
_pdbx_validate_torsion.PDB_ins_code 
_pdbx_validate_torsion.label_alt_id 
_pdbx_validate_torsion.phi 
_pdbx_validate_torsion.psi 
1  1 GLN A 25  ? ? -125.99 -52.84  
2  1 GLU A 26  ? ? -70.16  -143.37 
3  1 ASP A 29  ? ? 147.92  142.98  
4  1 ILE A 54  ? ? -32.56  -35.97  
5  1 LEU A 69  ? ? -66.96  42.78   
6  1 GLU A 70  ? ? -161.58 118.35  
7  1 SER A 73  ? ? 34.75   54.32   
8  1 ARG A 83  ? ? -141.48 -153.27 
9  1 PHE A 133 ? ? 70.07   -118.79 
10 1 LEU A 141 ? ? -172.07 138.23  
11 1 ASN A 183 ? ? -86.40  30.95   
# 
_pdbx_refine_tls.pdbx_refine_id   'X-RAY DIFFRACTION' 
_pdbx_refine_tls.id               1 
_pdbx_refine_tls.details          ? 
_pdbx_refine_tls.method           refined 
_pdbx_refine_tls.origin_x         0.2532 
_pdbx_refine_tls.origin_y         0.3994 
_pdbx_refine_tls.origin_z         0.0689 
_pdbx_refine_tls.T[1][1]          -0.0371 
_pdbx_refine_tls.T[2][2]          -0.1644 
_pdbx_refine_tls.T[3][3]          -0.0797 
_pdbx_refine_tls.T[1][2]          -0.0630 
_pdbx_refine_tls.T[1][3]          -0.0437 
_pdbx_refine_tls.T[2][3]          0.0040 
_pdbx_refine_tls.L[1][1]          1.9166 
_pdbx_refine_tls.L[2][2]          1.2141 
_pdbx_refine_tls.L[3][3]          3.1119 
_pdbx_refine_tls.L[1][2]          -0.0670 
_pdbx_refine_tls.L[1][3]          -2.0603 
_pdbx_refine_tls.L[2][3]          -0.0264 
_pdbx_refine_tls.S[1][1]          -0.0251 
_pdbx_refine_tls.S[2][2]          -0.0360 
_pdbx_refine_tls.S[3][3]          0.0612 
_pdbx_refine_tls.S[1][2]          -0.4733 
_pdbx_refine_tls.S[1][3]          -0.1234 
_pdbx_refine_tls.S[2][3]          -0.1656 
_pdbx_refine_tls.S[2][1]          0.2086 
_pdbx_refine_tls.S[3][1]          0.1926 
_pdbx_refine_tls.S[3][2]          0.2994 
# 
loop_
_pdbx_refine_tls_group.pdbx_refine_id 
_pdbx_refine_tls_group.id 
_pdbx_refine_tls_group.refine_tls_id 
_pdbx_refine_tls_group.beg_auth_asym_id 
_pdbx_refine_tls_group.beg_auth_seq_id 
_pdbx_refine_tls_group.end_auth_asym_id 
_pdbx_refine_tls_group.end_auth_seq_id 
_pdbx_refine_tls_group.selection_details 
_pdbx_refine_tls_group.beg_label_asym_id 
_pdbx_refine_tls_group.beg_label_seq_id 
_pdbx_refine_tls_group.end_label_asym_id 
_pdbx_refine_tls_group.end_label_seq_id 
_pdbx_refine_tls_group.selection 
'X-RAY DIFFRACTION' 1  1 A 159 A 163 ? . . . . ? 
'X-RAY DIFFRACTION' 2  1 A 164 A 166 ? . . . . ? 
'X-RAY DIFFRACTION' 3  1 A 5   A 22  ? . . . . ? 
'X-RAY DIFFRACTION' 4  1 A 23  A 29  ? . . . . ? 
'X-RAY DIFFRACTION' 5  1 A 30  A 47  ? . . . . ? 
'X-RAY DIFFRACTION' 6  1 A 48  A 53  ? . . . . ? 
'X-RAY DIFFRACTION' 7  1 A 54  A 68  ? . . . . ? 
'X-RAY DIFFRACTION' 8  1 A 69  A 74  ? . . . . ? 
'X-RAY DIFFRACTION' 9  1 A 80  A 83  ? . . . . ? 
'X-RAY DIFFRACTION' 10 1 A 84  A 130 ? . . . . ? 
'X-RAY DIFFRACTION' 11 1 A 131 A 135 ? . . . . ? 
'X-RAY DIFFRACTION' 12 1 A 136 A 158 ? . . . . ? 
'X-RAY DIFFRACTION' 13 1 A 167 A 183 ? . . . . ? 
'X-RAY DIFFRACTION' 14 1 A 184 A 197 ? . . . . ? 
# 
loop_
_pdbx_unobs_or_zero_occ_residues.id 
_pdbx_unobs_or_zero_occ_residues.PDB_model_num 
_pdbx_unobs_or_zero_occ_residues.polymer_flag 
_pdbx_unobs_or_zero_occ_residues.occupancy_flag 
_pdbx_unobs_or_zero_occ_residues.auth_asym_id 
_pdbx_unobs_or_zero_occ_residues.auth_comp_id 
_pdbx_unobs_or_zero_occ_residues.auth_seq_id 
_pdbx_unobs_or_zero_occ_residues.PDB_ins_code 
_pdbx_unobs_or_zero_occ_residues.label_asym_id 
_pdbx_unobs_or_zero_occ_residues.label_comp_id 
_pdbx_unobs_or_zero_occ_residues.label_seq_id 
1  1 Y 1 A MET 1   ? A MET 1   
2  1 Y 1 A ASP 2   ? A ASP 2   
3  1 Y 1 A SER 3   ? A SER 3   
4  1 Y 1 A ASN 4   ? A ASN 4   
5  1 Y 1 A LYS 75  ? A LYS 75  
6  1 Y 1 A ALA 76  ? A ALA 76  
7  1 Y 1 A LEU 77  ? A LEU 77  
8  1 Y 1 A LYS 78  ? A LYS 78  
9  1 Y 1 A MET 79  ? A MET 79  
10 1 Y 1 A TRP 198 ? A TRP 198 
11 1 Y 1 A ARG 199 ? A ARG 199 
12 1 Y 1 A ASN 200 ? A ASN 200 
13 1 Y 1 A SER 201 ? A SER 201 
14 1 Y 1 A ASP 202 ? A ASP 202 
15 1 Y 1 A GLU 203 ? A GLU 203 
16 1 Y 1 A ASP 204 ? A ASP 204 
17 1 Y 1 A GLY 205 ? A GLY 205 
18 1 Y 1 A ARG 206 ? A ARG 206 
19 1 Y 1 A LEU 207 ? A LEU 207 
20 1 Y 1 A PRO 208 ? A PRO 208 
21 1 Y 1 A LEU 209 ? A LEU 209 
22 1 Y 1 A PRO 210 ? A PRO 210 
23 1 Y 1 A PRO 211 ? A PRO 211 
24 1 Y 1 A ASN 212 ? A ASN 212 
25 1 Y 1 A GLN 213 ? A GLN 213 
26 1 Y 1 A LYS 214 ? A LYS 214 
27 1 Y 1 A ARG 215 ? A ARG 215 
# 
loop_
_chem_comp_atom.comp_id 
_chem_comp_atom.atom_id 
_chem_comp_atom.type_symbol 
_chem_comp_atom.pdbx_aromatic_flag 
_chem_comp_atom.pdbx_stereo_config 
_chem_comp_atom.pdbx_ordinal 
ALA N    N N N 1   
ALA CA   C N S 2   
ALA C    C N N 3   
ALA O    O N N 4   
ALA CB   C N N 5   
ALA OXT  O N N 6   
ALA H    H N N 7   
ALA H2   H N N 8   
ALA HA   H N N 9   
ALA HB1  H N N 10  
ALA HB2  H N N 11  
ALA HB3  H N N 12  
ALA HXT  H N N 13  
ARG N    N N N 14  
ARG CA   C N S 15  
ARG C    C N N 16  
ARG O    O N N 17  
ARG CB   C N N 18  
ARG CG   C N N 19  
ARG CD   C N N 20  
ARG NE   N N N 21  
ARG CZ   C N N 22  
ARG NH1  N N N 23  
ARG NH2  N N N 24  
ARG OXT  O N N 25  
ARG H    H N N 26  
ARG H2   H N N 27  
ARG HA   H N N 28  
ARG HB2  H N N 29  
ARG HB3  H N N 30  
ARG HG2  H N N 31  
ARG HG3  H N N 32  
ARG HD2  H N N 33  
ARG HD3  H N N 34  
ARG HE   H N N 35  
ARG HH11 H N N 36  
ARG HH12 H N N 37  
ARG HH21 H N N 38  
ARG HH22 H N N 39  
ARG HXT  H N N 40  
ASN N    N N N 41  
ASN CA   C N S 42  
ASN C    C N N 43  
ASN O    O N N 44  
ASN CB   C N N 45  
ASN CG   C N N 46  
ASN OD1  O N N 47  
ASN ND2  N N N 48  
ASN OXT  O N N 49  
ASN H    H N N 50  
ASN H2   H N N 51  
ASN HA   H N N 52  
ASN HB2  H N N 53  
ASN HB3  H N N 54  
ASN HD21 H N N 55  
ASN HD22 H N N 56  
ASN HXT  H N N 57  
ASP N    N N N 58  
ASP CA   C N S 59  
ASP C    C N N 60  
ASP O    O N N 61  
ASP CB   C N N 62  
ASP CG   C N N 63  
ASP OD1  O N N 64  
ASP OD2  O N N 65  
ASP OXT  O N N 66  
ASP H    H N N 67  
ASP H2   H N N 68  
ASP HA   H N N 69  
ASP HB2  H N N 70  
ASP HB3  H N N 71  
ASP HD2  H N N 72  
ASP HXT  H N N 73  
CYS N    N N N 74  
CYS CA   C N R 75  
CYS C    C N N 76  
CYS O    O N N 77  
CYS CB   C N N 78  
CYS SG   S N N 79  
CYS OXT  O N N 80  
CYS H    H N N 81  
CYS H2   H N N 82  
CYS HA   H N N 83  
CYS HB2  H N N 84  
CYS HB3  H N N 85  
CYS HG   H N N 86  
CYS HXT  H N N 87  
GLN N    N N N 88  
GLN CA   C N S 89  
GLN C    C N N 90  
GLN O    O N N 91  
GLN CB   C N N 92  
GLN CG   C N N 93  
GLN CD   C N N 94  
GLN OE1  O N N 95  
GLN NE2  N N N 96  
GLN OXT  O N N 97  
GLN H    H N N 98  
GLN H2   H N N 99  
GLN HA   H N N 100 
GLN HB2  H N N 101 
GLN HB3  H N N 102 
GLN HG2  H N N 103 
GLN HG3  H N N 104 
GLN HE21 H N N 105 
GLN HE22 H N N 106 
GLN HXT  H N N 107 
GLU N    N N N 108 
GLU CA   C N S 109 
GLU C    C N N 110 
GLU O    O N N 111 
GLU CB   C N N 112 
GLU CG   C N N 113 
GLU CD   C N N 114 
GLU OE1  O N N 115 
GLU OE2  O N N 116 
GLU OXT  O N N 117 
GLU H    H N N 118 
GLU H2   H N N 119 
GLU HA   H N N 120 
GLU HB2  H N N 121 
GLU HB3  H N N 122 
GLU HG2  H N N 123 
GLU HG3  H N N 124 
GLU HE2  H N N 125 
GLU HXT  H N N 126 
GLY N    N N N 127 
GLY CA   C N N 128 
GLY C    C N N 129 
GLY O    O N N 130 
GLY OXT  O N N 131 
GLY H    H N N 132 
GLY H2   H N N 133 
GLY HA2  H N N 134 
GLY HA3  H N N 135 
GLY HXT  H N N 136 
HIS N    N N N 137 
HIS CA   C N S 138 
HIS C    C N N 139 
HIS O    O N N 140 
HIS CB   C N N 141 
HIS CG   C Y N 142 
HIS ND1  N Y N 143 
HIS CD2  C Y N 144 
HIS CE1  C Y N 145 
HIS NE2  N Y N 146 
HIS OXT  O N N 147 
HIS H    H N N 148 
HIS H2   H N N 149 
HIS HA   H N N 150 
HIS HB2  H N N 151 
HIS HB3  H N N 152 
HIS HD1  H N N 153 
HIS HD2  H N N 154 
HIS HE1  H N N 155 
HIS HE2  H N N 156 
HIS HXT  H N N 157 
ILE N    N N N 158 
ILE CA   C N S 159 
ILE C    C N N 160 
ILE O    O N N 161 
ILE CB   C N S 162 
ILE CG1  C N N 163 
ILE CG2  C N N 164 
ILE CD1  C N N 165 
ILE OXT  O N N 166 
ILE H    H N N 167 
ILE H2   H N N 168 
ILE HA   H N N 169 
ILE HB   H N N 170 
ILE HG12 H N N 171 
ILE HG13 H N N 172 
ILE HG21 H N N 173 
ILE HG22 H N N 174 
ILE HG23 H N N 175 
ILE HD11 H N N 176 
ILE HD12 H N N 177 
ILE HD13 H N N 178 
ILE HXT  H N N 179 
LEU N    N N N 180 
LEU CA   C N S 181 
LEU C    C N N 182 
LEU O    O N N 183 
LEU CB   C N N 184 
LEU CG   C N N 185 
LEU CD1  C N N 186 
LEU CD2  C N N 187 
LEU OXT  O N N 188 
LEU H    H N N 189 
LEU H2   H N N 190 
LEU HA   H N N 191 
LEU HB2  H N N 192 
LEU HB3  H N N 193 
LEU HG   H N N 194 
LEU HD11 H N N 195 
LEU HD12 H N N 196 
LEU HD13 H N N 197 
LEU HD21 H N N 198 
LEU HD22 H N N 199 
LEU HD23 H N N 200 
LEU HXT  H N N 201 
LYS N    N N N 202 
LYS CA   C N S 203 
LYS C    C N N 204 
LYS O    O N N 205 
LYS CB   C N N 206 
LYS CG   C N N 207 
LYS CD   C N N 208 
LYS CE   C N N 209 
LYS NZ   N N N 210 
LYS OXT  O N N 211 
LYS H    H N N 212 
LYS H2   H N N 213 
LYS HA   H N N 214 
LYS HB2  H N N 215 
LYS HB3  H N N 216 
LYS HG2  H N N 217 
LYS HG3  H N N 218 
LYS HD2  H N N 219 
LYS HD3  H N N 220 
LYS HE2  H N N 221 
LYS HE3  H N N 222 
LYS HZ1  H N N 223 
LYS HZ2  H N N 224 
LYS HZ3  H N N 225 
LYS HXT  H N N 226 
MET N    N N N 227 
MET CA   C N S 228 
MET C    C N N 229 
MET O    O N N 230 
MET CB   C N N 231 
MET CG   C N N 232 
MET SD   S N N 233 
MET CE   C N N 234 
MET OXT  O N N 235 
MET H    H N N 236 
MET H2   H N N 237 
MET HA   H N N 238 
MET HB2  H N N 239 
MET HB3  H N N 240 
MET HG2  H N N 241 
MET HG3  H N N 242 
MET HE1  H N N 243 
MET HE2  H N N 244 
MET HE3  H N N 245 
MET HXT  H N N 246 
PHE N    N N N 247 
PHE CA   C N S 248 
PHE C    C N N 249 
PHE O    O N N 250 
PHE CB   C N N 251 
PHE CG   C Y N 252 
PHE CD1  C Y N 253 
PHE CD2  C Y N 254 
PHE CE1  C Y N 255 
PHE CE2  C Y N 256 
PHE CZ   C Y N 257 
PHE OXT  O N N 258 
PHE H    H N N 259 
PHE H2   H N N 260 
PHE HA   H N N 261 
PHE HB2  H N N 262 
PHE HB3  H N N 263 
PHE HD1  H N N 264 
PHE HD2  H N N 265 
PHE HE1  H N N 266 
PHE HE2  H N N 267 
PHE HZ   H N N 268 
PHE HXT  H N N 269 
PRO N    N N N 270 
PRO CA   C N S 271 
PRO C    C N N 272 
PRO O    O N N 273 
PRO CB   C N N 274 
PRO CG   C N N 275 
PRO CD   C N N 276 
PRO OXT  O N N 277 
PRO H    H N N 278 
PRO HA   H N N 279 
PRO HB2  H N N 280 
PRO HB3  H N N 281 
PRO HG2  H N N 282 
PRO HG3  H N N 283 
PRO HD2  H N N 284 
PRO HD3  H N N 285 
PRO HXT  H N N 286 
SER N    N N N 287 
SER CA   C N S 288 
SER C    C N N 289 
SER O    O N N 290 
SER CB   C N N 291 
SER OG   O N N 292 
SER OXT  O N N 293 
SER H    H N N 294 
SER H2   H N N 295 
SER HA   H N N 296 
SER HB2  H N N 297 
SER HB3  H N N 298 
SER HG   H N N 299 
SER HXT  H N N 300 
THR N    N N N 301 
THR CA   C N S 302 
THR C    C N N 303 
THR O    O N N 304 
THR CB   C N R 305 
THR OG1  O N N 306 
THR CG2  C N N 307 
THR OXT  O N N 308 
THR H    H N N 309 
THR H2   H N N 310 
THR HA   H N N 311 
THR HB   H N N 312 
THR HG1  H N N 313 
THR HG21 H N N 314 
THR HG22 H N N 315 
THR HG23 H N N 316 
THR HXT  H N N 317 
TRP N    N N N 318 
TRP CA   C N S 319 
TRP C    C N N 320 
TRP O    O N N 321 
TRP CB   C N N 322 
TRP CG   C Y N 323 
TRP CD1  C Y N 324 
TRP CD2  C Y N 325 
TRP NE1  N Y N 326 
TRP CE2  C Y N 327 
TRP CE3  C Y N 328 
TRP CZ2  C Y N 329 
TRP CZ3  C Y N 330 
TRP CH2  C Y N 331 
TRP OXT  O N N 332 
TRP H    H N N 333 
TRP H2   H N N 334 
TRP HA   H N N 335 
TRP HB2  H N N 336 
TRP HB3  H N N 337 
TRP HD1  H N N 338 
TRP HE1  H N N 339 
TRP HE3  H N N 340 
TRP HZ2  H N N 341 
TRP HZ3  H N N 342 
TRP HH2  H N N 343 
TRP HXT  H N N 344 
TYR N    N N N 345 
TYR CA   C N S 346 
TYR C    C N N 347 
TYR O    O N N 348 
TYR CB   C N N 349 
TYR CG   C Y N 350 
TYR CD1  C Y N 351 
TYR CD2  C Y N 352 
TYR CE1  C Y N 353 
TYR CE2  C Y N 354 
TYR CZ   C Y N 355 
TYR OH   O N N 356 
TYR OXT  O N N 357 
TYR H    H N N 358 
TYR H2   H N N 359 
TYR HA   H N N 360 
TYR HB2  H N N 361 
TYR HB3  H N N 362 
TYR HD1  H N N 363 
TYR HD2  H N N 364 
TYR HE1  H N N 365 
TYR HE2  H N N 366 
TYR HH   H N N 367 
TYR HXT  H N N 368 
VAL N    N N N 369 
VAL CA   C N S 370 
VAL C    C N N 371 
VAL O    O N N 372 
VAL CB   C N N 373 
VAL CG1  C N N 374 
VAL CG2  C N N 375 
VAL OXT  O N N 376 
VAL H    H N N 377 
VAL H2   H N N 378 
VAL HA   H N N 379 
VAL HB   H N N 380 
VAL HG11 H N N 381 
VAL HG12 H N N 382 
VAL HG13 H N N 383 
VAL HG21 H N N 384 
VAL HG22 H N N 385 
VAL HG23 H N N 386 
VAL HXT  H N N 387 
# 
loop_
_chem_comp_bond.comp_id 
_chem_comp_bond.atom_id_1 
_chem_comp_bond.atom_id_2 
_chem_comp_bond.value_order 
_chem_comp_bond.pdbx_aromatic_flag 
_chem_comp_bond.pdbx_stereo_config 
_chem_comp_bond.pdbx_ordinal 
ALA N   CA   sing N N 1   
ALA N   H    sing N N 2   
ALA N   H2   sing N N 3   
ALA CA  C    sing N N 4   
ALA CA  CB   sing N N 5   
ALA CA  HA   sing N N 6   
ALA C   O    doub N N 7   
ALA C   OXT  sing N N 8   
ALA CB  HB1  sing N N 9   
ALA CB  HB2  sing N N 10  
ALA CB  HB3  sing N N 11  
ALA OXT HXT  sing N N 12  
ARG N   CA   sing N N 13  
ARG N   H    sing N N 14  
ARG N   H2   sing N N 15  
ARG CA  C    sing N N 16  
ARG CA  CB   sing N N 17  
ARG CA  HA   sing N N 18  
ARG C   O    doub N N 19  
ARG C   OXT  sing N N 20  
ARG CB  CG   sing N N 21  
ARG CB  HB2  sing N N 22  
ARG CB  HB3  sing N N 23  
ARG CG  CD   sing N N 24  
ARG CG  HG2  sing N N 25  
ARG CG  HG3  sing N N 26  
ARG CD  NE   sing N N 27  
ARG CD  HD2  sing N N 28  
ARG CD  HD3  sing N N 29  
ARG NE  CZ   sing N N 30  
ARG NE  HE   sing N N 31  
ARG CZ  NH1  sing N N 32  
ARG CZ  NH2  doub N N 33  
ARG NH1 HH11 sing N N 34  
ARG NH1 HH12 sing N N 35  
ARG NH2 HH21 sing N N 36  
ARG NH2 HH22 sing N N 37  
ARG OXT HXT  sing N N 38  
ASN N   CA   sing N N 39  
ASN N   H    sing N N 40  
ASN N   H2   sing N N 41  
ASN CA  C    sing N N 42  
ASN CA  CB   sing N N 43  
ASN CA  HA   sing N N 44  
ASN C   O    doub N N 45  
ASN C   OXT  sing N N 46  
ASN CB  CG   sing N N 47  
ASN CB  HB2  sing N N 48  
ASN CB  HB3  sing N N 49  
ASN CG  OD1  doub N N 50  
ASN CG  ND2  sing N N 51  
ASN ND2 HD21 sing N N 52  
ASN ND2 HD22 sing N N 53  
ASN OXT HXT  sing N N 54  
ASP N   CA   sing N N 55  
ASP N   H    sing N N 56  
ASP N   H2   sing N N 57  
ASP CA  C    sing N N 58  
ASP CA  CB   sing N N 59  
ASP CA  HA   sing N N 60  
ASP C   O    doub N N 61  
ASP C   OXT  sing N N 62  
ASP CB  CG   sing N N 63  
ASP CB  HB2  sing N N 64  
ASP CB  HB3  sing N N 65  
ASP CG  OD1  doub N N 66  
ASP CG  OD2  sing N N 67  
ASP OD2 HD2  sing N N 68  
ASP OXT HXT  sing N N 69  
CYS N   CA   sing N N 70  
CYS N   H    sing N N 71  
CYS N   H2   sing N N 72  
CYS CA  C    sing N N 73  
CYS CA  CB   sing N N 74  
CYS CA  HA   sing N N 75  
CYS C   O    doub N N 76  
CYS C   OXT  sing N N 77  
CYS CB  SG   sing N N 78  
CYS CB  HB2  sing N N 79  
CYS CB  HB3  sing N N 80  
CYS SG  HG   sing N N 81  
CYS OXT HXT  sing N N 82  
GLN N   CA   sing N N 83  
GLN N   H    sing N N 84  
GLN N   H2   sing N N 85  
GLN CA  C    sing N N 86  
GLN CA  CB   sing N N 87  
GLN CA  HA   sing N N 88  
GLN C   O    doub N N 89  
GLN C   OXT  sing N N 90  
GLN CB  CG   sing N N 91  
GLN CB  HB2  sing N N 92  
GLN CB  HB3  sing N N 93  
GLN CG  CD   sing N N 94  
GLN CG  HG2  sing N N 95  
GLN CG  HG3  sing N N 96  
GLN CD  OE1  doub N N 97  
GLN CD  NE2  sing N N 98  
GLN NE2 HE21 sing N N 99  
GLN NE2 HE22 sing N N 100 
GLN OXT HXT  sing N N 101 
GLU N   CA   sing N N 102 
GLU N   H    sing N N 103 
GLU N   H2   sing N N 104 
GLU CA  C    sing N N 105 
GLU CA  CB   sing N N 106 
GLU CA  HA   sing N N 107 
GLU C   O    doub N N 108 
GLU C   OXT  sing N N 109 
GLU CB  CG   sing N N 110 
GLU CB  HB2  sing N N 111 
GLU CB  HB3  sing N N 112 
GLU CG  CD   sing N N 113 
GLU CG  HG2  sing N N 114 
GLU CG  HG3  sing N N 115 
GLU CD  OE1  doub N N 116 
GLU CD  OE2  sing N N 117 
GLU OE2 HE2  sing N N 118 
GLU OXT HXT  sing N N 119 
GLY N   CA   sing N N 120 
GLY N   H    sing N N 121 
GLY N   H2   sing N N 122 
GLY CA  C    sing N N 123 
GLY CA  HA2  sing N N 124 
GLY CA  HA3  sing N N 125 
GLY C   O    doub N N 126 
GLY C   OXT  sing N N 127 
GLY OXT HXT  sing N N 128 
HIS N   CA   sing N N 129 
HIS N   H    sing N N 130 
HIS N   H2   sing N N 131 
HIS CA  C    sing N N 132 
HIS CA  CB   sing N N 133 
HIS CA  HA   sing N N 134 
HIS C   O    doub N N 135 
HIS C   OXT  sing N N 136 
HIS CB  CG   sing N N 137 
HIS CB  HB2  sing N N 138 
HIS CB  HB3  sing N N 139 
HIS CG  ND1  sing Y N 140 
HIS CG  CD2  doub Y N 141 
HIS ND1 CE1  doub Y N 142 
HIS ND1 HD1  sing N N 143 
HIS CD2 NE2  sing Y N 144 
HIS CD2 HD2  sing N N 145 
HIS CE1 NE2  sing Y N 146 
HIS CE1 HE1  sing N N 147 
HIS NE2 HE2  sing N N 148 
HIS OXT HXT  sing N N 149 
ILE N   CA   sing N N 150 
ILE N   H    sing N N 151 
ILE N   H2   sing N N 152 
ILE CA  C    sing N N 153 
ILE CA  CB   sing N N 154 
ILE CA  HA   sing N N 155 
ILE C   O    doub N N 156 
ILE C   OXT  sing N N 157 
ILE CB  CG1  sing N N 158 
ILE CB  CG2  sing N N 159 
ILE CB  HB   sing N N 160 
ILE CG1 CD1  sing N N 161 
ILE CG1 HG12 sing N N 162 
ILE CG1 HG13 sing N N 163 
ILE CG2 HG21 sing N N 164 
ILE CG2 HG22 sing N N 165 
ILE CG2 HG23 sing N N 166 
ILE CD1 HD11 sing N N 167 
ILE CD1 HD12 sing N N 168 
ILE CD1 HD13 sing N N 169 
ILE OXT HXT  sing N N 170 
LEU N   CA   sing N N 171 
LEU N   H    sing N N 172 
LEU N   H2   sing N N 173 
LEU CA  C    sing N N 174 
LEU CA  CB   sing N N 175 
LEU CA  HA   sing N N 176 
LEU C   O    doub N N 177 
LEU C   OXT  sing N N 178 
LEU CB  CG   sing N N 179 
LEU CB  HB2  sing N N 180 
LEU CB  HB3  sing N N 181 
LEU CG  CD1  sing N N 182 
LEU CG  CD2  sing N N 183 
LEU CG  HG   sing N N 184 
LEU CD1 HD11 sing N N 185 
LEU CD1 HD12 sing N N 186 
LEU CD1 HD13 sing N N 187 
LEU CD2 HD21 sing N N 188 
LEU CD2 HD22 sing N N 189 
LEU CD2 HD23 sing N N 190 
LEU OXT HXT  sing N N 191 
LYS N   CA   sing N N 192 
LYS N   H    sing N N 193 
LYS N   H2   sing N N 194 
LYS CA  C    sing N N 195 
LYS CA  CB   sing N N 196 
LYS CA  HA   sing N N 197 
LYS C   O    doub N N 198 
LYS C   OXT  sing N N 199 
LYS CB  CG   sing N N 200 
LYS CB  HB2  sing N N 201 
LYS CB  HB3  sing N N 202 
LYS CG  CD   sing N N 203 
LYS CG  HG2  sing N N 204 
LYS CG  HG3  sing N N 205 
LYS CD  CE   sing N N 206 
LYS CD  HD2  sing N N 207 
LYS CD  HD3  sing N N 208 
LYS CE  NZ   sing N N 209 
LYS CE  HE2  sing N N 210 
LYS CE  HE3  sing N N 211 
LYS NZ  HZ1  sing N N 212 
LYS NZ  HZ2  sing N N 213 
LYS NZ  HZ3  sing N N 214 
LYS OXT HXT  sing N N 215 
MET N   CA   sing N N 216 
MET N   H    sing N N 217 
MET N   H2   sing N N 218 
MET CA  C    sing N N 219 
MET CA  CB   sing N N 220 
MET CA  HA   sing N N 221 
MET C   O    doub N N 222 
MET C   OXT  sing N N 223 
MET CB  CG   sing N N 224 
MET CB  HB2  sing N N 225 
MET CB  HB3  sing N N 226 
MET CG  SD   sing N N 227 
MET CG  HG2  sing N N 228 
MET CG  HG3  sing N N 229 
MET SD  CE   sing N N 230 
MET CE  HE1  sing N N 231 
MET CE  HE2  sing N N 232 
MET CE  HE3  sing N N 233 
MET OXT HXT  sing N N 234 
PHE N   CA   sing N N 235 
PHE N   H    sing N N 236 
PHE N   H2   sing N N 237 
PHE CA  C    sing N N 238 
PHE CA  CB   sing N N 239 
PHE CA  HA   sing N N 240 
PHE C   O    doub N N 241 
PHE C   OXT  sing N N 242 
PHE CB  CG   sing N N 243 
PHE CB  HB2  sing N N 244 
PHE CB  HB3  sing N N 245 
PHE CG  CD1  doub Y N 246 
PHE CG  CD2  sing Y N 247 
PHE CD1 CE1  sing Y N 248 
PHE CD1 HD1  sing N N 249 
PHE CD2 CE2  doub Y N 250 
PHE CD2 HD2  sing N N 251 
PHE CE1 CZ   doub Y N 252 
PHE CE1 HE1  sing N N 253 
PHE CE2 CZ   sing Y N 254 
PHE CE2 HE2  sing N N 255 
PHE CZ  HZ   sing N N 256 
PHE OXT HXT  sing N N 257 
PRO N   CA   sing N N 258 
PRO N   CD   sing N N 259 
PRO N   H    sing N N 260 
PRO CA  C    sing N N 261 
PRO CA  CB   sing N N 262 
PRO CA  HA   sing N N 263 
PRO C   O    doub N N 264 
PRO C   OXT  sing N N 265 
PRO CB  CG   sing N N 266 
PRO CB  HB2  sing N N 267 
PRO CB  HB3  sing N N 268 
PRO CG  CD   sing N N 269 
PRO CG  HG2  sing N N 270 
PRO CG  HG3  sing N N 271 
PRO CD  HD2  sing N N 272 
PRO CD  HD3  sing N N 273 
PRO OXT HXT  sing N N 274 
SER N   CA   sing N N 275 
SER N   H    sing N N 276 
SER N   H2   sing N N 277 
SER CA  C    sing N N 278 
SER CA  CB   sing N N 279 
SER CA  HA   sing N N 280 
SER C   O    doub N N 281 
SER C   OXT  sing N N 282 
SER CB  OG   sing N N 283 
SER CB  HB2  sing N N 284 
SER CB  HB3  sing N N 285 
SER OG  HG   sing N N 286 
SER OXT HXT  sing N N 287 
THR N   CA   sing N N 288 
THR N   H    sing N N 289 
THR N   H2   sing N N 290 
THR CA  C    sing N N 291 
THR CA  CB   sing N N 292 
THR CA  HA   sing N N 293 
THR C   O    doub N N 294 
THR C   OXT  sing N N 295 
THR CB  OG1  sing N N 296 
THR CB  CG2  sing N N 297 
THR CB  HB   sing N N 298 
THR OG1 HG1  sing N N 299 
THR CG2 HG21 sing N N 300 
THR CG2 HG22 sing N N 301 
THR CG2 HG23 sing N N 302 
THR OXT HXT  sing N N 303 
TRP N   CA   sing N N 304 
TRP N   H    sing N N 305 
TRP N   H2   sing N N 306 
TRP CA  C    sing N N 307 
TRP CA  CB   sing N N 308 
TRP CA  HA   sing N N 309 
TRP C   O    doub N N 310 
TRP C   OXT  sing N N 311 
TRP CB  CG   sing N N 312 
TRP CB  HB2  sing N N 313 
TRP CB  HB3  sing N N 314 
TRP CG  CD1  doub Y N 315 
TRP CG  CD2  sing Y N 316 
TRP CD1 NE1  sing Y N 317 
TRP CD1 HD1  sing N N 318 
TRP CD2 CE2  doub Y N 319 
TRP CD2 CE3  sing Y N 320 
TRP NE1 CE2  sing Y N 321 
TRP NE1 HE1  sing N N 322 
TRP CE2 CZ2  sing Y N 323 
TRP CE3 CZ3  doub Y N 324 
TRP CE3 HE3  sing N N 325 
TRP CZ2 CH2  doub Y N 326 
TRP CZ2 HZ2  sing N N 327 
TRP CZ3 CH2  sing Y N 328 
TRP CZ3 HZ3  sing N N 329 
TRP CH2 HH2  sing N N 330 
TRP OXT HXT  sing N N 331 
TYR N   CA   sing N N 332 
TYR N   H    sing N N 333 
TYR N   H2   sing N N 334 
TYR CA  C    sing N N 335 
TYR CA  CB   sing N N 336 
TYR CA  HA   sing N N 337 
TYR C   O    doub N N 338 
TYR C   OXT  sing N N 339 
TYR CB  CG   sing N N 340 
TYR CB  HB2  sing N N 341 
TYR CB  HB3  sing N N 342 
TYR CG  CD1  doub Y N 343 
TYR CG  CD2  sing Y N 344 
TYR CD1 CE1  sing Y N 345 
TYR CD1 HD1  sing N N 346 
TYR CD2 CE2  doub Y N 347 
TYR CD2 HD2  sing N N 348 
TYR CE1 CZ   doub Y N 349 
TYR CE1 HE1  sing N N 350 
TYR CE2 CZ   sing Y N 351 
TYR CE2 HE2  sing N N 352 
TYR CZ  OH   sing N N 353 
TYR OH  HH   sing N N 354 
TYR OXT HXT  sing N N 355 
VAL N   CA   sing N N 356 
VAL N   H    sing N N 357 
VAL N   H2   sing N N 358 
VAL CA  C    sing N N 359 
VAL CA  CB   sing N N 360 
VAL CA  HA   sing N N 361 
VAL C   O    doub N N 362 
VAL C   OXT  sing N N 363 
VAL CB  CG1  sing N N 364 
VAL CB  CG2  sing N N 365 
VAL CB  HB   sing N N 366 
VAL CG1 HG11 sing N N 367 
VAL CG1 HG12 sing N N 368 
VAL CG1 HG13 sing N N 369 
VAL CG2 HG21 sing N N 370 
VAL CG2 HG22 sing N N 371 
VAL CG2 HG23 sing N N 372 
VAL OXT HXT  sing N N 373 
# 
_atom_sites.entry_id                    3F5T 
_atom_sites.fract_transf_matrix[1][1]   -0.00297654 
_atom_sites.fract_transf_matrix[1][2]   0.00999630 
_atom_sites.fract_transf_matrix[1][3]   0.00309851 
_atom_sites.fract_transf_matrix[2][1]   -0.00907518 
_atom_sites.fract_transf_matrix[2][2]   0.00446349 
_atom_sites.fract_transf_matrix[2][3]   -0.00401430 
_atom_sites.fract_transf_matrix[3][1]   -0.00755815 
_atom_sites.fract_transf_matrix[3][2]   -0.00561251 
_atom_sites.fract_transf_matrix[3][3]   0.01084625 
_atom_sites.fract_transf_vector[1]      0.156498 
_atom_sites.fract_transf_vector[2]      0.449761 
_atom_sites.fract_transf_vector[3]      -0.002819 
# 
loop_
_atom_type.symbol 
C 
N 
O 
S 
# 
loop_
_atom_site.group_PDB 
_atom_site.id 
_atom_site.type_symbol 
_atom_site.label_atom_id 
_atom_site.label_alt_id 
_atom_site.label_comp_id 
_atom_site.label_asym_id 
_atom_site.label_entity_id 
_atom_site.label_seq_id 
_atom_site.pdbx_PDB_ins_code 
_atom_site.Cartn_x 
_atom_site.Cartn_y 
_atom_site.Cartn_z 
_atom_site.occupancy 
_atom_site.B_iso_or_equiv 
_atom_site.pdbx_formal_charge 
_atom_site.auth_seq_id 
_atom_site.auth_comp_id 
_atom_site.auth_asym_id 
_atom_site.auth_atom_id 
_atom_site.pdbx_PDB_model_num 
ATOM 1    N N   . THR A 1 5   ? -18.910 -13.820 16.165  1.00 47.22 ? 5   THR A N   1 
ATOM 2    C CA  . THR A 1 5   ? -19.740 -12.671 16.667  1.00 47.91 ? 5   THR A CA  1 
ATOM 3    C C   . THR A 1 5   ? -19.553 -12.271 18.161  1.00 47.82 ? 5   THR A C   1 
ATOM 4    O O   . THR A 1 5   ? -19.283 -11.095 18.443  1.00 48.48 ? 5   THR A O   1 
ATOM 5    C CB  . THR A 1 5   ? -21.256 -12.819 16.324  1.00 47.83 ? 5   THR A CB  1 
ATOM 6    O OG1 . THR A 1 5   ? -22.034 -12.025 17.249  1.00 47.90 ? 5   THR A OG1 1 
ATOM 7    C CG2 . THR A 1 5   ? -21.712 -14.313 16.382  1.00 49.73 ? 5   THR A CG2 1 
ATOM 8    N N   . VAL A 1 6   ? -19.727 -13.218 19.093  1.00 47.55 ? 6   VAL A N   1 
ATOM 9    C CA  . VAL A 1 6   ? -19.330 -13.040 20.501  1.00 47.17 ? 6   VAL A CA  1 
ATOM 10   C C   . VAL A 1 6   ? -17.821 -12.735 20.550  1.00 47.34 ? 6   VAL A C   1 
ATOM 11   O O   . VAL A 1 6   ? -17.373 -11.820 21.260  1.00 46.90 ? 6   VAL A O   1 
ATOM 12   C CB  . VAL A 1 6   ? -19.685 -14.291 21.428  1.00 46.95 ? 6   VAL A CB  1 
ATOM 13   C CG1 . VAL A 1 6   ? -21.205 -14.450 21.619  1.00 46.31 ? 6   VAL A CG1 1 
ATOM 14   C CG2 . VAL A 1 6   ? -19.111 -15.591 20.874  1.00 46.99 ? 6   VAL A CG2 1 
ATOM 15   N N   . SER A 1 7   ? -17.061 -13.500 19.761  1.00 47.82 ? 7   SER A N   1 
ATOM 16   C CA  . SER A 1 7   ? -15.625 -13.297 19.584  1.00 48.50 ? 7   SER A CA  1 
ATOM 17   C C   . SER A 1 7   ? -15.297 -11.944 18.952  1.00 48.98 ? 7   SER A C   1 
ATOM 18   O O   . SER A 1 7   ? -14.288 -11.340 19.312  1.00 49.70 ? 7   SER A O   1 
ATOM 19   C CB  . SER A 1 7   ? -14.983 -14.449 18.781  1.00 48.70 ? 7   SER A CB  1 
ATOM 20   O OG  . SER A 1 7   ? -15.745 -14.836 17.645  1.00 48.84 ? 7   SER A OG  1 
ATOM 21   N N   . SER A 1 8   ? -16.135 -11.450 18.036  1.00 49.15 ? 8   SER A N   1 
ATOM 22   C CA  . SER A 1 8   ? -15.951 -10.083 17.492  1.00 49.13 ? 8   SER A CA  1 
ATOM 23   C C   . SER A 1 8   ? -16.191 -8.941  18.511  1.00 49.46 ? 8   SER A C   1 
ATOM 24   O O   . SER A 1 8   ? -15.573 -7.856  18.420  1.00 49.56 ? 8   SER A O   1 
ATOM 25   C CB  . SER A 1 8   ? -16.777 -9.882  16.221  1.00 48.89 ? 8   SER A CB  1 
ATOM 26   O OG  . SER A 1 8   ? -16.148 -10.556 15.094  1.00 48.17 ? 8   SER A OG  1 
ATOM 27   N N   . PHE A 1 9   ? -17.088 -9.201  19.468  1.00 49.77 ? 9   PHE A N   1 
ATOM 28   C CA  . PHE A 1 9   ? -17.401 -8.293  20.594  1.00 49.90 ? 9   PHE A CA  1 
ATOM 29   C C   . PHE A 1 9   ? -16.238 -8.225  21.600  1.00 50.15 ? 9   PHE A C   1 
ATOM 30   O O   . PHE A 1 9   ? -15.886 -7.149  22.073  1.00 50.69 ? 9   PHE A O   1 
ATOM 31   C CB  . PHE A 1 9   ? -18.730 -8.710  21.277  1.00 49.37 ? 9   PHE A CB  1 
ATOM 32   C CG  . PHE A 1 9   ? -19.229 -7.744  22.354  1.00 48.79 ? 9   PHE A CG  1 
ATOM 33   C CD1 . PHE A 1 9   ? -19.729 -6.479  22.015  1.00 47.83 ? 9   PHE A CD1 1 
ATOM 34   C CD2 . PHE A 1 9   ? -19.243 -8.129  23.710  1.00 47.48 ? 9   PHE A CD2 1 
ATOM 35   C CE1 . PHE A 1 9   ? -20.202 -5.605  23.022  1.00 48.11 ? 9   PHE A CE1 1 
ATOM 36   C CE2 . PHE A 1 9   ? -19.718 -7.271  24.713  1.00 46.67 ? 9   PHE A CE2 1 
ATOM 37   C CZ  . PHE A 1 9   ? -20.192 -6.008  24.373  1.00 47.21 ? 9   PHE A CZ  1 
ATOM 38   N N   . GLN A 1 10  ? -15.641 -9.375  21.903  1.00 50.10 ? 10  GLN A N   1 
ATOM 39   C CA  . GLN A 1 10  ? -14.470 -9.454  22.768  1.00 49.83 ? 10  GLN A CA  1 
ATOM 40   C C   . GLN A 1 10  ? -13.253 -8.801  22.106  1.00 49.85 ? 10  GLN A C   1 
ATOM 41   O O   . GLN A 1 10  ? -12.408 -8.200  22.768  1.00 49.71 ? 10  GLN A O   1 
ATOM 42   C CB  . GLN A 1 10  ? -14.175 -10.926 23.069  1.00 49.72 ? 10  GLN A CB  1 
ATOM 43   C CG  . GLN A 1 10  ? -15.431 -11.720 23.482  1.00 49.60 ? 10  GLN A CG  1 
ATOM 44   C CD  . GLN A 1 10  ? -15.186 -13.230 23.656  1.00 48.70 ? 10  GLN A CD  1 
ATOM 45   O OE1 . GLN A 1 10  ? -14.640 -13.912 22.776  1.00 47.60 ? 10  GLN A OE1 1 
ATOM 46   N NE2 . GLN A 1 10  ? -15.630 -13.758 24.791  1.00 47.92 ? 10  GLN A NE2 1 
ATOM 47   N N   . VAL A 1 11  ? -13.169 -8.926  20.793  1.00 49.98 ? 11  VAL A N   1 
ATOM 48   C CA  . VAL A 1 11  ? -12.011 -8.451  20.082  1.00 50.72 ? 11  VAL A CA  1 
ATOM 49   C C   . VAL A 1 11  ? -11.962 -6.916  20.093  1.00 51.48 ? 11  VAL A C   1 
ATOM 50   O O   . VAL A 1 11  ? -10.904 -6.325  20.367  1.00 52.26 ? 11  VAL A O   1 
ATOM 51   C CB  . VAL A 1 11  ? -11.963 -9.009  18.647  1.00 50.85 ? 11  VAL A CB  1 
ATOM 52   C CG1 . VAL A 1 11  ? -10.886 -8.288  17.824  1.00 50.44 ? 11  VAL A CG1 1 
ATOM 53   C CG2 . VAL A 1 11  ? -11.705 -10.525 18.664  1.00 50.26 ? 11  VAL A CG2 1 
ATOM 54   N N   . ASP A 1 12  ? -13.093 -6.266  19.806  1.00 51.69 ? 12  ASP A N   1 
ATOM 55   C CA  . ASP A 1 12  ? -13.185 -4.799  19.939  1.00 51.41 ? 12  ASP A CA  1 
ATOM 56   C C   . ASP A 1 12  ? -13.000 -4.315  21.392  1.00 51.28 ? 12  ASP A C   1 
ATOM 57   O O   . ASP A 1 12  ? -12.166 -3.445  21.639  1.00 51.23 ? 12  ASP A O   1 
ATOM 58   C CB  . ASP A 1 12  ? -14.515 -4.288  19.398  1.00 51.62 ? 12  ASP A CB  1 
ATOM 59   C CG  . ASP A 1 12  ? -14.676 -4.529  17.924  1.00 52.15 ? 12  ASP A CG  1 
ATOM 60   O OD1 . ASP A 1 12  ? -13.632 -4.548  17.209  1.00 53.55 ? 12  ASP A OD1 1 
ATOM 61   O OD2 . ASP A 1 12  ? -15.854 -4.672  17.479  1.00 52.61 ? 12  ASP A OD2 1 
ATOM 62   N N   . CYS A 1 13  ? -13.770 -4.894  22.332  1.00 51.09 ? 13  CYS A N   1 
ATOM 63   C CA  . CYS A 1 13  ? -13.676 -4.599  23.776  1.00 50.64 ? 13  CYS A CA  1 
ATOM 64   C C   . CYS A 1 13  ? -12.240 -4.541  24.287  1.00 50.97 ? 13  CYS A C   1 
ATOM 65   O O   . CYS A 1 13  ? -11.924 -3.756  25.182  1.00 51.30 ? 13  CYS A O   1 
ATOM 66   C CB  . CYS A 1 13  ? -14.453 -5.624  24.599  1.00 50.40 ? 13  CYS A CB  1 
ATOM 67   S SG  . CYS A 1 13  ? -16.260 -5.432  24.565  1.00 49.03 ? 13  CYS A SG  1 
ATOM 68   N N   . PHE A 1 14  ? -11.380 -5.383  23.714  1.00 50.99 ? 14  PHE A N   1 
ATOM 69   C CA  . PHE A 1 14  ? -9.971  -5.391  24.048  1.00 50.78 ? 14  PHE A CA  1 
ATOM 70   C C   . PHE A 1 14  ? -9.221  -4.287  23.347  1.00 50.64 ? 14  PHE A C   1 
ATOM 71   O O   . PHE A 1 14  ? -8.373  -3.651  23.958  1.00 50.24 ? 14  PHE A O   1 
ATOM 72   C CB  . PHE A 1 14  ? -9.321  -6.732  23.690  1.00 50.81 ? 14  PHE A CB  1 
ATOM 73   C CG  . PHE A 1 14  ? -7.895  -6.839  24.188  1.00 52.04 ? 14  PHE A CG  1 
ATOM 74   C CD1 . PHE A 1 14  ? -6.834  -6.987  23.270  1.00 52.26 ? 14  PHE A CD1 1 
ATOM 75   C CD2 . PHE A 1 14  ? -7.604  -6.777  25.589  1.00 52.85 ? 14  PHE A CD2 1 
ATOM 76   C CE1 . PHE A 1 14  ? -5.495  -7.078  23.728  1.00 52.59 ? 14  PHE A CE1 1 
ATOM 77   C CE2 . PHE A 1 14  ? -6.272  -6.856  26.057  1.00 52.93 ? 14  PHE A CE2 1 
ATOM 78   C CZ  . PHE A 1 14  ? -5.213  -7.010  25.118  1.00 52.61 ? 14  PHE A CZ  1 
ATOM 79   N N   . LEU A 1 15  ? -9.517  -4.069  22.061  1.00 51.16 ? 15  LEU A N   1 
ATOM 80   C CA  . LEU A 1 15  ? -8.752  -3.103  21.243  1.00 51.31 ? 15  LEU A CA  1 
ATOM 81   C C   . LEU A 1 15  ? -8.933  -1.611  21.568  1.00 51.03 ? 15  LEU A C   1 
ATOM 82   O O   . LEU A 1 15  ? -7.962  -0.832  21.560  1.00 50.47 ? 15  LEU A O   1 
ATOM 83   C CB  . LEU A 1 15  ? -8.943  -3.387  19.758  1.00 51.89 ? 15  LEU A CB  1 
ATOM 84   C CG  . LEU A 1 15  ? -8.552  -4.824  19.342  1.00 52.29 ? 15  LEU A CG  1 
ATOM 85   C CD1 . LEU A 1 15  ? -8.682  -5.029  17.819  1.00 50.92 ? 15  LEU A CD1 1 
ATOM 86   C CD2 . LEU A 1 15  ? -7.144  -5.216  19.855  1.00 52.17 ? 15  LEU A CD2 1 
ATOM 87   N N   . TRP A 1 16  ? -10.186 -1.239  21.837  1.00 51.37 ? 16  TRP A N   1 
ATOM 88   C CA  . TRP A 1 16  ? -10.527 0.038   22.480  1.00 51.68 ? 16  TRP A CA  1 
ATOM 89   C C   . TRP A 1 16  ? -9.680  0.245   23.726  1.00 52.07 ? 16  TRP A C   1 
ATOM 90   O O   . TRP A 1 16  ? -8.924  1.233   23.836  1.00 51.94 ? 16  TRP A O   1 
ATOM 91   C CB  . TRP A 1 16  ? -12.009 0.029   22.890  1.00 51.56 ? 16  TRP A CB  1 
ATOM 92   C CG  . TRP A 1 16  ? -12.548 1.366   23.328  1.00 51.26 ? 16  TRP A CG  1 
ATOM 93   C CD1 . TRP A 1 16  ? -13.266 2.250   22.572  1.00 50.93 ? 16  TRP A CD1 1 
ATOM 94   C CD2 . TRP A 1 16  ? -12.431 1.959   24.631  1.00 51.32 ? 16  TRP A CD2 1 
ATOM 95   N NE1 . TRP A 1 16  ? -13.601 3.360   23.318  1.00 50.40 ? 16  TRP A NE1 1 
ATOM 96   C CE2 . TRP A 1 16  ? -13.094 3.211   24.581  1.00 51.11 ? 16  TRP A CE2 1 
ATOM 97   C CE3 . TRP A 1 16  ? -11.834 1.555   25.835  1.00 50.81 ? 16  TRP A CE3 1 
ATOM 98   C CZ2 . TRP A 1 16  ? -13.164 4.069   25.685  1.00 51.53 ? 16  TRP A CZ2 1 
ATOM 99   C CZ3 . TRP A 1 16  ? -11.904 2.410   26.939  1.00 51.45 ? 16  TRP A CZ3 1 
ATOM 100  C CH2 . TRP A 1 16  ? -12.569 3.651   26.856  1.00 50.96 ? 16  TRP A CH2 1 
ATOM 101  N N   . HIS A 1 17  ? -9.828  -0.697  24.663  1.00 52.32 ? 17  HIS A N   1 
ATOM 102  C CA  . HIS A 1 17  ? -9.097  -0.690  25.927  1.00 52.94 ? 17  HIS A CA  1 
ATOM 103  C C   . HIS A 1 17  ? -7.621  -0.255  25.769  1.00 52.98 ? 17  HIS A C   1 
ATOM 104  O O   . HIS A 1 17  ? -7.058  0.418   26.635  1.00 53.14 ? 17  HIS A O   1 
ATOM 105  C CB  . HIS A 1 17  ? -9.211  -2.076  26.581  1.00 53.18 ? 17  HIS A CB  1 
ATOM 106  C CG  . HIS A 1 17  ? -8.804  -2.108  28.024  1.00 53.95 ? 17  HIS A CG  1 
ATOM 107  N ND1 . HIS A 1 17  ? -7.547  -2.517  28.439  1.00 54.16 ? 17  HIS A ND1 1 
ATOM 108  C CD2 . HIS A 1 17  ? -9.488  -1.781  29.151  1.00 54.88 ? 17  HIS A CD2 1 
ATOM 109  C CE1 . HIS A 1 17  ? -7.474  -2.435  29.758  1.00 55.21 ? 17  HIS A CE1 1 
ATOM 110  N NE2 . HIS A 1 17  ? -8.639  -1.994  30.215  1.00 55.45 ? 17  HIS A NE2 1 
ATOM 111  N N   . VAL A 1 18  ? -7.020  -0.624  24.648  1.00 53.35 ? 18  VAL A N   1 
ATOM 112  C CA  . VAL A 1 18  ? -5.643  -0.254  24.346  1.00 53.99 ? 18  VAL A CA  1 
ATOM 113  C C   . VAL A 1 18  ? -5.531  1.109   23.628  1.00 54.56 ? 18  VAL A C   1 
ATOM 114  O O   . VAL A 1 18  ? -4.552  1.851   23.823  1.00 54.41 ? 18  VAL A O   1 
ATOM 115  C CB  . VAL A 1 18  ? -4.894  -1.382  23.559  1.00 53.91 ? 18  VAL A CB  1 
ATOM 116  C CG1 . VAL A 1 18  ? -4.432  -2.495  24.535  1.00 54.31 ? 18  VAL A CG1 1 
ATOM 117  C CG2 . VAL A 1 18  ? -5.756  -1.954  22.448  1.00 52.08 ? 18  VAL A CG2 1 
ATOM 118  N N   . ARG A 1 19  ? -6.546  1.430   22.815  1.00 55.00 ? 19  ARG A N   1 
ATOM 119  C CA  . ARG A 1 19  ? -6.601  2.714   22.101  1.00 54.73 ? 19  ARG A CA  1 
ATOM 120  C C   . ARG A 1 19  ? -6.692  3.945   23.027  1.00 55.06 ? 19  ARG A C   1 
ATOM 121  O O   . ARG A 1 19  ? -6.170  5.017   22.688  1.00 55.02 ? 19  ARG A O   1 
ATOM 122  C CB  . ARG A 1 19  ? -7.769  2.710   21.109  1.00 54.71 ? 19  ARG A CB  1 
ATOM 123  C CG  . ARG A 1 19  ? -7.532  3.576   19.867  1.00 53.83 ? 19  ARG A CG  1 
ATOM 124  C CD  . ARG A 1 19  ? -8.771  3.683   18.964  1.00 51.09 ? 19  ARG A CD  1 
ATOM 125  N NE  . ARG A 1 19  ? -9.642  2.513   19.075  1.00 49.42 ? 19  ARG A NE  1 
ATOM 126  C CZ  . ARG A 1 19  ? -10.969 2.572   18.979  1.00 48.54 ? 19  ARG A CZ  1 
ATOM 127  N NH1 . ARG A 1 19  ? -11.576 3.732   18.774  1.00 45.96 ? 19  ARG A NH1 1 
ATOM 128  N NH2 . ARG A 1 19  ? -11.693 1.469   19.093  1.00 48.53 ? 19  ARG A NH2 1 
ATOM 129  N N   . LYS A 1 20  ? -7.339  3.783   24.189  1.00 55.18 ? 20  LYS A N   1 
ATOM 130  C CA  . LYS A 1 20  ? -7.608  4.905   25.093  1.00 55.74 ? 20  LYS A CA  1 
ATOM 131  C C   . LYS A 1 20  ? -6.395  5.816   25.398  1.00 56.80 ? 20  LYS A C   1 
ATOM 132  O O   . LYS A 1 20  ? -6.524  7.054   25.434  1.00 57.16 ? 20  LYS A O   1 
ATOM 133  C CB  . LYS A 1 20  ? -8.231  4.420   26.407  1.00 55.21 ? 20  LYS A CB  1 
ATOM 134  C CG  . LYS A 1 20  ? -8.642  5.561   27.318  1.00 53.60 ? 20  LYS A CG  1 
ATOM 135  C CD  . LYS A 1 20  ? -9.683  5.062   28.328  1.00 54.08 ? 20  LYS A CD  1 
ATOM 136  C CE  . LYS A 1 20  ? -9.616  6.035   29.592  1.00 54.33 ? 20  LYS A CE  1 
ATOM 137  N NZ  . LYS A 1 20  ? -10.203 5.370   30.803  1.00 51.68 ? 20  LYS A NZ  1 
ATOM 138  N N   . ARG A 1 21  ? -5.242  5.184   25.635  1.00 57.46 ? 21  ARG A N   1 
ATOM 139  C CA  . ARG A 1 21  ? -3.994  5.851   26.017  1.00 57.47 ? 21  ARG A CA  1 
ATOM 140  C C   . ARG A 1 21  ? -3.610  7.074   25.151  1.00 57.96 ? 21  ARG A C   1 
ATOM 141  O O   . ARG A 1 21  ? -3.437  8.180   25.702  1.00 57.52 ? 21  ARG A O   1 
ATOM 142  C CB  . ARG A 1 21  ? -2.860  4.820   26.031  1.00 57.30 ? 21  ARG A CB  1 
ATOM 143  C CG  . ARG A 1 21  ? -3.112  3.632   26.954  1.00 56.72 ? 21  ARG A CG  1 
ATOM 144  C CD  . ARG A 1 21  ? -2.437  3.851   28.301  1.00 56.15 ? 21  ARG A CD  1 
ATOM 145  N NE  . ARG A 1 21  ? -2.400  2.627   29.109  1.00 55.52 ? 21  ARG A NE  1 
ATOM 146  C CZ  . ARG A 1 21  ? -1.772  2.514   30.283  1.00 54.24 ? 21  ARG A CZ  1 
ATOM 147  N NH1 . ARG A 1 21  ? -1.107  3.541   30.791  1.00 54.26 ? 21  ARG A NH1 1 
ATOM 148  N NH2 . ARG A 1 21  ? -1.797  1.368   30.954  1.00 53.08 ? 21  ARG A NH2 1 
ATOM 149  N N   . PHE A 1 22  ? -3.494  6.887   23.819  1.00 58.49 ? 22  PHE A N   1 
ATOM 150  C CA  . PHE A 1 22  ? -3.027  7.970   22.902  1.00 59.47 ? 22  PHE A CA  1 
ATOM 151  C C   . PHE A 1 22  ? -3.683  9.362   23.065  1.00 59.80 ? 22  PHE A C   1 
ATOM 152  O O   . PHE A 1 22  ? -2.995  10.406  23.017  1.00 59.89 ? 22  PHE A O   1 
ATOM 153  C CB  . PHE A 1 22  ? -3.124  7.533   21.439  1.00 59.55 ? 22  PHE A CB  1 
ATOM 154  C CG  . PHE A 1 22  ? -2.889  8.654   20.443  1.00 61.12 ? 22  PHE A CG  1 
ATOM 155  C CD1 . PHE A 1 22  ? -1.622  9.229   20.295  1.00 62.01 ? 22  PHE A CD1 1 
ATOM 156  C CD2 . PHE A 1 22  ? -3.944  9.118   19.625  1.00 63.33 ? 22  PHE A CD2 1 
ATOM 157  C CE1 . PHE A 1 22  ? -1.412  10.255  19.360  1.00 62.31 ? 22  PHE A CE1 1 
ATOM 158  C CE2 . PHE A 1 22  ? -3.745  10.143  18.672  1.00 62.41 ? 22  PHE A CE2 1 
ATOM 159  C CZ  . PHE A 1 22  ? -2.481  10.713  18.549  1.00 63.14 ? 22  PHE A CZ  1 
ATOM 160  N N   . ALA A 1 23  ? -5.008  9.371   23.226  1.00 60.04 ? 23  ALA A N   1 
ATOM 161  C CA  . ALA A 1 23  ? -5.766  10.613  23.395  1.00 60.02 ? 23  ALA A CA  1 
ATOM 162  C C   . ALA A 1 23  ? -5.928  10.900  24.856  1.00 59.91 ? 23  ALA A C   1 
ATOM 163  O O   . ALA A 1 23  ? -6.013  12.068  25.259  1.00 59.90 ? 23  ALA A O   1 
ATOM 164  C CB  . ALA A 1 23  ? -7.121  10.482  22.764  1.00 60.27 ? 23  ALA A CB  1 
ATOM 165  N N   . ASP A 1 24  ? -5.966  9.810   25.633  1.00 60.20 ? 24  ASP A N   1 
ATOM 166  C CA  . ASP A 1 24  ? -6.165  9.835   27.082  1.00 60.34 ? 24  ASP A CA  1 
ATOM 167  C C   . ASP A 1 24  ? -5.281  10.895  27.713  1.00 61.10 ? 24  ASP A C   1 
ATOM 168  O O   . ASP A 1 24  ? -5.629  11.493  28.758  1.00 61.78 ? 24  ASP A O   1 
ATOM 169  C CB  . ASP A 1 24  ? -5.833  8.452   27.668  1.00 60.00 ? 24  ASP A CB  1 
ATOM 170  C CG  . ASP A 1 24  ? -6.300  8.276   29.102  1.00 58.02 ? 24  ASP A CG  1 
ATOM 171  O OD1 . ASP A 1 24  ? -5.820  7.315   29.765  1.00 53.79 ? 24  ASP A OD1 1 
ATOM 172  O OD2 . ASP A 1 24  ? -7.148  9.079   29.558  1.00 58.29 ? 24  ASP A OD2 1 
ATOM 173  N N   . GLN A 1 25  ? -4.127  11.123  27.085  1.00 61.52 ? 25  GLN A N   1 
ATOM 174  C CA  . GLN A 1 25  ? -3.244  12.171  27.544  1.00 61.74 ? 25  GLN A CA  1 
ATOM 175  C C   . GLN A 1 25  ? -2.903  13.120  26.412  1.00 61.87 ? 25  GLN A C   1 
ATOM 176  O O   . GLN A 1 25  ? -3.089  14.327  26.553  1.00 62.60 ? 25  GLN A O   1 
ATOM 177  C CB  . GLN A 1 25  ? -1.971  11.606  28.202  1.00 61.96 ? 25  GLN A CB  1 
ATOM 178  C CG  . GLN A 1 25  ? -2.192  10.574  29.331  1.00 61.87 ? 25  GLN A CG  1 
ATOM 179  C CD  . GLN A 1 25  ? -2.392  9.142   28.803  1.00 61.44 ? 25  GLN A CD  1 
ATOM 180  O OE1 . GLN A 1 25  ? -1.777  8.735   27.787  1.00 61.38 ? 25  GLN A OE1 1 
ATOM 181  N NE2 . GLN A 1 25  ? -3.252  8.375   29.491  1.00 59.82 ? 25  GLN A NE2 1 
ATOM 182  N N   . GLU A 1 26  ? -2.426  12.593  25.289  1.00 61.94 ? 26  GLU A N   1 
ATOM 183  C CA  . GLU A 1 26  ? -1.767  13.458  24.281  1.00 62.60 ? 26  GLU A CA  1 
ATOM 184  C C   . GLU A 1 26  ? -2.678  14.452  23.485  1.00 62.69 ? 26  GLU A C   1 
ATOM 185  O O   . GLU A 1 26  ? -3.650  15.047  24.095  1.00 62.83 ? 26  GLU A O   1 
ATOM 186  C CB  . GLU A 1 26  ? -0.818  12.634  23.362  1.00 62.69 ? 26  GLU A CB  1 
ATOM 187  C CG  . GLU A 1 26  ? 0.393   12.038  24.142  1.00 61.50 ? 26  GLU A CG  1 
ATOM 188  C CD  . GLU A 1 26  ? 0.045   10.726  24.833  1.00 58.64 ? 26  GLU A CD  1 
ATOM 189  O OE1 . GLU A 1 26  ? -0.265  9.772   24.081  1.00 60.20 ? 26  GLU A OE1 1 
ATOM 190  O OE2 . GLU A 1 26  ? 0.081   10.640  26.092  1.00 54.33 ? 26  GLU A OE2 1 
ATOM 191  N N   . LEU A 1 27  ? -2.341  14.641  22.165  1.00 62.25 ? 27  LEU A N   1 
ATOM 192  C CA  . LEU A 1 27  ? -3.012  15.666  21.329  1.00 61.95 ? 27  LEU A CA  1 
ATOM 193  C C   . LEU A 1 27  ? -4.473  15.303  21.129  1.00 61.70 ? 27  LEU A C   1 
ATOM 194  O O   . LEU A 1 27  ? -5.343  16.172  21.278  1.00 61.88 ? 27  LEU A O   1 
ATOM 195  C CB  . LEU A 1 27  ? -2.311  15.855  19.957  1.00 62.36 ? 27  LEU A CB  1 
ATOM 196  C CG  . LEU A 1 27  ? -2.636  16.990  18.950  1.00 62.19 ? 27  LEU A CG  1 
ATOM 197  C CD1 . LEU A 1 27  ? -1.409  17.300  18.024  1.00 62.29 ? 27  LEU A CD1 1 
ATOM 198  C CD2 . LEU A 1 27  ? -3.883  16.678  18.101  1.00 59.82 ? 27  LEU A CD2 1 
ATOM 199  N N   . GLY A 1 28  ? -4.732  14.026  20.804  1.00 61.02 ? 28  GLY A N   1 
ATOM 200  C CA  . GLY A 1 28  ? -6.085  13.522  20.608  1.00 59.92 ? 28  GLY A CA  1 
ATOM 201  C C   . GLY A 1 28  ? -6.568  13.917  19.230  1.00 59.65 ? 28  GLY A C   1 
ATOM 202  O O   . GLY A 1 28  ? -5.855  13.696  18.231  1.00 59.48 ? 28  GLY A O   1 
ATOM 203  N N   . ASP A 1 29  ? -7.764  14.522  19.184  1.00 58.94 ? 29  ASP A N   1 
ATOM 204  C CA  . ASP A 1 29  ? -8.453  14.906  17.936  1.00 58.38 ? 29  ASP A CA  1 
ATOM 205  C C   . ASP A 1 29  ? -9.942  14.784  18.209  1.00 57.85 ? 29  ASP A C   1 
ATOM 206  O O   . ASP A 1 29  ? -10.355 13.870  18.935  1.00 57.80 ? 29  ASP A O   1 
ATOM 207  C CB  . ASP A 1 29  ? -8.061  13.969  16.798  1.00 58.60 ? 29  ASP A CB  1 
ATOM 208  C CG  . ASP A 1 29  ? -8.949  14.116  15.571  1.00 59.21 ? 29  ASP A CG  1 
ATOM 209  O OD1 . ASP A 1 29  ? -8.893  15.219  14.966  1.00 60.53 ? 29  ASP A OD1 1 
ATOM 210  O OD2 . ASP A 1 29  ? -9.669  13.128  15.211  1.00 56.43 ? 29  ASP A OD2 1 
ATOM 211  N N   . ALA A 1 30  ? -10.749 15.693  17.652  1.00 57.20 ? 30  ALA A N   1 
ATOM 212  C CA  . ALA A 1 30  ? -12.210 15.685  17.929  1.00 56.15 ? 30  ALA A CA  1 
ATOM 213  C C   . ALA A 1 30  ? -12.869 14.414  17.380  1.00 55.27 ? 30  ALA A C   1 
ATOM 214  O O   . ALA A 1 30  ? -13.469 13.658  18.156  1.00 55.10 ? 30  ALA A O   1 
ATOM 215  C CB  . ALA A 1 30  ? -12.916 16.952  17.399  1.00 56.34 ? 30  ALA A CB  1 
ATOM 216  N N   . PRO A 1 31  ? -12.756 14.168  16.053  1.00 54.04 ? 31  PRO A N   1 
ATOM 217  C CA  . PRO A 1 31  ? -13.194 12.874  15.528  1.00 53.20 ? 31  PRO A CA  1 
ATOM 218  C C   . PRO A 1 31  ? -12.548 11.623  16.144  1.00 52.13 ? 31  PRO A C   1 
ATOM 219  O O   . PRO A 1 31  ? -13.282 10.677  16.372  1.00 52.46 ? 31  PRO A O   1 
ATOM 220  C CB  . PRO A 1 31  ? -12.902 12.985  14.030  1.00 53.42 ? 31  PRO A CB  1 
ATOM 221  C CG  . PRO A 1 31  ? -12.957 14.475  13.759  1.00 53.55 ? 31  PRO A CG  1 
ATOM 222  C CD  . PRO A 1 31  ? -12.312 15.065  14.968  1.00 53.96 ? 31  PRO A CD  1 
ATOM 223  N N   . PHE A 1 32  ? -11.236 11.599  16.428  1.00 50.93 ? 32  PHE A N   1 
ATOM 224  C CA  . PHE A 1 32  ? -10.603 10.388  17.043  1.00 49.56 ? 32  PHE A CA  1 
ATOM 225  C C   . PHE A 1 32  ? -11.236 10.080  18.414  1.00 50.00 ? 32  PHE A C   1 
ATOM 226  O O   . PHE A 1 32  ? -11.576 8.929   18.751  1.00 49.47 ? 32  PHE A O   1 
ATOM 227  C CB  . PHE A 1 32  ? -9.068  10.549  17.161  1.00 48.60 ? 32  PHE A CB  1 
ATOM 228  C CG  . PHE A 1 32  ? -8.354  9.379   17.827  1.00 44.65 ? 32  PHE A CG  1 
ATOM 229  C CD1 . PHE A 1 32  ? -7.961  8.272   17.099  1.00 43.84 ? 32  PHE A CD1 1 
ATOM 230  C CD2 . PHE A 1 32  ? -8.039  9.410   19.170  1.00 42.62 ? 32  PHE A CD2 1 
ATOM 231  C CE1 . PHE A 1 32  ? -7.290  7.200   17.723  1.00 42.12 ? 32  PHE A CE1 1 
ATOM 232  C CE2 . PHE A 1 32  ? -7.379  8.345   19.786  1.00 40.95 ? 32  PHE A CE2 1 
ATOM 233  C CZ  . PHE A 1 32  ? -7.009  7.250   19.068  1.00 40.78 ? 32  PHE A CZ  1 
ATOM 234  N N   . LEU A 1 33  ? -11.391 11.138  19.191  1.00 50.20 ? 33  LEU A N   1 
ATOM 235  C CA  . LEU A 1 33  ? -11.954 11.055  20.507  1.00 50.61 ? 33  LEU A CA  1 
ATOM 236  C C   . LEU A 1 33  ? -13.457 10.838  20.426  1.00 50.73 ? 33  LEU A C   1 
ATOM 237  O O   . LEU A 1 33  ? -14.066 10.357  21.388  1.00 50.86 ? 33  LEU A O   1 
ATOM 238  C CB  . LEU A 1 33  ? -11.665 12.357  21.235  1.00 50.82 ? 33  LEU A CB  1 
ATOM 239  C CG  . LEU A 1 33  ? -11.240 12.226  22.694  1.00 51.87 ? 33  LEU A CG  1 
ATOM 240  C CD1 . LEU A 1 33  ? -10.510 10.917  22.957  1.00 53.63 ? 33  LEU A CD1 1 
ATOM 241  C CD2 . LEU A 1 33  ? -10.363 13.409  23.076  1.00 53.50 ? 33  LEU A CD2 1 
ATOM 242  N N   . ASP A 1 34  ? -14.059 11.206  19.289  1.00 50.95 ? 34  ASP A N   1 
ATOM 243  C CA  . ASP A 1 34  ? -15.486 10.942  19.082  1.00 50.81 ? 34  ASP A CA  1 
ATOM 244  C C   . ASP A 1 34  ? -15.660 9.485   18.801  1.00 49.71 ? 34  ASP A C   1 
ATOM 245  O O   . ASP A 1 34  ? -16.627 8.883   19.257  1.00 49.16 ? 34  ASP A O   1 
ATOM 246  C CB  . ASP A 1 34  ? -16.067 11.761  17.924  1.00 51.49 ? 34  ASP A CB  1 
ATOM 247  C CG  . ASP A 1 34  ? -16.709 13.069  18.399  1.00 54.28 ? 34  ASP A CG  1 
ATOM 248  O OD1 . ASP A 1 34  ? -16.817 13.297  19.641  1.00 56.42 ? 34  ASP A OD1 1 
ATOM 249  O OD2 . ASP A 1 34  ? -17.112 13.882  17.528  1.00 58.17 ? 34  ASP A OD2 1 
ATOM 250  N N   . ARG A 1 35  ? -14.706 8.936   18.050  1.00 48.67 ? 35  ARG A N   1 
ATOM 251  C CA  . ARG A 1 35  ? -14.687 7.522   17.714  1.00 47.78 ? 35  ARG A CA  1 
ATOM 252  C C   . ARG A 1 35  ? -14.522 6.681   18.944  1.00 46.87 ? 35  ARG A C   1 
ATOM 253  O O   . ARG A 1 35  ? -15.140 5.652   19.050  1.00 47.09 ? 35  ARG A O   1 
ATOM 254  C CB  . ARG A 1 35  ? -13.593 7.203   16.706  1.00 47.55 ? 35  ARG A CB  1 
ATOM 255  C CG  . ARG A 1 35  ? -13.933 7.690   15.303  1.00 47.78 ? 35  ARG A CG  1 
ATOM 256  C CD  . ARG A 1 35  ? -13.071 7.019   14.256  1.00 48.43 ? 35  ARG A CD  1 
ATOM 257  N NE  . ARG A 1 35  ? -11.652 7.260   14.465  1.00 47.34 ? 35  ARG A NE  1 
ATOM 258  C CZ  . ARG A 1 35  ? -11.069 8.417   14.193  1.00 49.65 ? 35  ARG A CZ  1 
ATOM 259  N NH1 . ARG A 1 35  ? -11.793 9.443   13.727  1.00 49.72 ? 35  ARG A NH1 1 
ATOM 260  N NH2 . ARG A 1 35  ? -9.767  8.558   14.402  1.00 50.69 ? 35  ARG A NH2 1 
ATOM 261  N N   . LEU A 1 36  ? -13.712 7.141   19.884  1.00 46.46 ? 36  LEU A N   1 
ATOM 262  C CA  . LEU A 1 36  ? -13.526 6.450   21.146  1.00 45.96 ? 36  LEU A CA  1 
ATOM 263  C C   . LEU A 1 36  ? -14.797 6.521   22.020  1.00 46.45 ? 36  LEU A C   1 
ATOM 264  O O   . LEU A 1 36  ? -15.175 5.537   22.678  1.00 46.55 ? 36  LEU A O   1 
ATOM 265  C CB  . LEU A 1 36  ? -12.323 7.036   21.857  1.00 45.35 ? 36  LEU A CB  1 
ATOM 266  C CG  . LEU A 1 36  ? -11.476 6.105   22.719  1.00 45.57 ? 36  LEU A CG  1 
ATOM 267  C CD1 . LEU A 1 36  ? -10.980 4.903   21.940  1.00 45.04 ? 36  LEU A CD1 1 
ATOM 268  C CD2 . LEU A 1 36  ? -10.302 6.887   23.307  1.00 46.28 ? 36  LEU A CD2 1 
ATOM 269  N N   . ARG A 1 37  ? -15.464 7.679   22.007  1.00 46.69 ? 37  ARG A N   1 
ATOM 270  C CA  . ARG A 1 37  ? -16.785 7.837   22.652  1.00 46.69 ? 37  ARG A CA  1 
ATOM 271  C C   . ARG A 1 37  ? -17.822 6.919   22.030  1.00 46.55 ? 37  ARG A C   1 
ATOM 272  O O   . ARG A 1 37  ? -18.527 6.204   22.742  1.00 46.59 ? 37  ARG A O   1 
ATOM 273  C CB  . ARG A 1 37  ? -17.305 9.260   22.499  1.00 46.54 ? 37  ARG A CB  1 
ATOM 274  C CG  . ARG A 1 37  ? -17.028 10.170  23.633  1.00 46.98 ? 37  ARG A CG  1 
ATOM 275  C CD  . ARG A 1 37  ? -17.991 11.330  23.549  1.00 47.73 ? 37  ARG A CD  1 
ATOM 276  N NE  . ARG A 1 37  ? -19.364 10.884  23.742  1.00 47.54 ? 37  ARG A NE  1 
ATOM 277  C CZ  . ARG A 1 37  ? -19.941 10.745  24.937  1.00 49.68 ? 37  ARG A CZ  1 
ATOM 278  N NH1 . ARG A 1 37  ? -19.268 11.033  26.056  1.00 51.21 ? 37  ARG A NH1 1 
ATOM 279  N NH2 . ARG A 1 37  ? -21.202 10.329  25.027  1.00 49.33 ? 37  ARG A NH2 1 
ATOM 280  N N   . ALA A 1 38  ? -17.918 6.974   20.700  1.00 46.54 ? 38  ALA A N   1 
ATOM 281  C CA  . ALA A 1 38  ? -18.899 6.193   19.944  1.00 46.55 ? 38  ALA A CA  1 
ATOM 282  C C   . ALA A 1 38  ? -18.593 4.712   20.103  1.00 46.66 ? 38  ALA A C   1 
ATOM 283  O O   . ALA A 1 38  ? -19.511 3.912   20.336  1.00 47.21 ? 38  ALA A O   1 
ATOM 284  C CB  . ALA A 1 38  ? -18.927 6.595   18.461  1.00 46.16 ? 38  ALA A CB  1 
ATOM 285  N N   . ASP A 1 39  ? -17.306 4.364   20.024  1.00 46.03 ? 39  ASP A N   1 
ATOM 286  C CA  . ASP A 1 39  ? -16.885 2.985   20.184  1.00 45.59 ? 39  ASP A CA  1 
ATOM 287  C C   . ASP A 1 39  ? -17.068 2.494   21.623  1.00 46.24 ? 39  ASP A C   1 
ATOM 288  O O   . ASP A 1 39  ? -17.228 1.299   21.830  1.00 47.09 ? 39  ASP A O   1 
ATOM 289  C CB  . ASP A 1 39  ? -15.447 2.770   19.688  1.00 44.69 ? 39  ASP A CB  1 
ATOM 290  C CG  . ASP A 1 39  ? -15.320 2.873   18.168  1.00 42.86 ? 39  ASP A CG  1 
ATOM 291  O OD1 . ASP A 1 39  ? -16.321 3.114   17.468  1.00 39.96 ? 39  ASP A OD1 1 
ATOM 292  O OD2 . ASP A 1 39  ? -14.194 2.716   17.657  1.00 41.69 ? 39  ASP A OD2 1 
ATOM 293  N N   . GLN A 1 40  ? -17.060 3.384   22.612  1.00 46.56 ? 40  GLN A N   1 
ATOM 294  C CA  . GLN A 1 40  ? -17.350 2.936   23.965  1.00 47.39 ? 40  GLN A CA  1 
ATOM 295  C C   . GLN A 1 40  ? -18.861 2.731   24.127  1.00 47.91 ? 40  GLN A C   1 
ATOM 296  O O   . GLN A 1 40  ? -19.303 1.780   24.771  1.00 47.28 ? 40  GLN A O   1 
ATOM 297  C CB  . GLN A 1 40  ? -16.784 3.877   25.041  1.00 47.50 ? 40  GLN A CB  1 
ATOM 298  C CG  . GLN A 1 40  ? -16.693 3.212   26.446  1.00 47.62 ? 40  GLN A CG  1 
ATOM 299  C CD  . GLN A 1 40  ? -16.708 4.212   27.601  1.00 48.12 ? 40  GLN A CD  1 
ATOM 300  O OE1 . GLN A 1 40  ? -16.109 5.285   27.529  1.00 47.80 ? 40  GLN A OE1 1 
ATOM 301  N NE2 . GLN A 1 40  ? -17.399 3.854   28.681  1.00 50.32 ? 40  GLN A NE2 1 
ATOM 302  N N   . ALA A 1 41  ? -19.635 3.627   23.516  1.00 48.77 ? 41  ALA A N   1 
ATOM 303  C CA  . ALA A 1 41  ? -21.088 3.520   23.481  1.00 49.55 ? 41  ALA A CA  1 
ATOM 304  C C   . ALA A 1 41  ? -21.505 2.337   22.651  1.00 50.55 ? 41  ALA A C   1 
ATOM 305  O O   . ALA A 1 41  ? -22.439 1.635   23.025  1.00 51.13 ? 41  ALA A O   1 
ATOM 306  C CB  . ALA A 1 41  ? -21.685 4.758   22.881  1.00 49.67 ? 41  ALA A CB  1 
ATOM 307  N N   . SER A 1 42  ? -20.834 2.138   21.509  1.00 51.02 ? 42  SER A N   1 
ATOM 308  C CA  . SER A 1 42  ? -21.168 1.052   20.603  1.00 51.41 ? 42  SER A CA  1 
ATOM 309  C C   . SER A 1 42  ? -20.949 -0.244  21.334  1.00 51.30 ? 42  SER A C   1 
ATOM 310  O O   . SER A 1 42  ? -21.644 -1.219  21.063  1.00 52.09 ? 42  SER A O   1 
ATOM 311  C CB  . SER A 1 42  ? -20.345 1.074   19.300  1.00 52.05 ? 42  SER A CB  1 
ATOM 312  O OG  . SER A 1 42  ? -19.229 0.146   19.346  1.00 53.62 ? 42  SER A OG  1 
ATOM 313  N N   . LEU A 1 43  ? -20.004 -0.263  22.269  1.00 50.58 ? 43  LEU A N   1 
ATOM 314  C CA  . LEU A 1 43  ? -19.831 -1.448  23.095  1.00 50.46 ? 43  LEU A CA  1 
ATOM 315  C C   . LEU A 1 43  ? -20.957 -1.596  24.144  1.00 50.86 ? 43  LEU A C   1 
ATOM 316  O O   . LEU A 1 43  ? -21.420 -2.720  24.409  1.00 51.18 ? 43  LEU A O   1 
ATOM 317  C CB  . LEU A 1 43  ? -18.426 -1.492  23.722  1.00 50.15 ? 43  LEU A CB  1 
ATOM 318  C CG  . LEU A 1 43  ? -17.193 -1.451  22.794  1.00 49.06 ? 43  LEU A CG  1 
ATOM 319  C CD1 . LEU A 1 43  ? -15.929 -1.271  23.604  1.00 48.46 ? 43  LEU A CD1 1 
ATOM 320  C CD2 . LEU A 1 43  ? -17.059 -2.672  21.865  1.00 48.66 ? 43  LEU A CD2 1 
ATOM 321  N N   . ARG A 1 44  ? -21.397 -0.470  24.730  1.00 51.23 ? 44  ARG A N   1 
ATOM 322  C CA  . ARG A 1 44  ? -22.558 -0.450  25.659  1.00 51.13 ? 44  ARG A CA  1 
ATOM 323  C C   . ARG A 1 44  ? -23.732 -1.124  24.943  1.00 50.89 ? 44  ARG A C   1 
ATOM 324  O O   . ARG A 1 44  ? -24.168 -2.202  25.323  1.00 50.31 ? 44  ARG A O   1 
ATOM 325  C CB  . ARG A 1 44  ? -22.987 0.988   26.060  1.00 51.00 ? 44  ARG A CB  1 
ATOM 326  C CG  . ARG A 1 44  ? -21.972 1.888   26.800  1.00 50.89 ? 44  ARG A CG  1 
ATOM 327  C CD  . ARG A 1 44  ? -21.662 1.341   28.168  1.00 52.49 ? 44  ARG A CD  1 
ATOM 328  N NE  . ARG A 1 44  ? -21.207 2.385   29.099  1.00 53.76 ? 44  ARG A NE  1 
ATOM 329  C CZ  . ARG A 1 44  ? -21.980 2.979   30.028  1.00 52.75 ? 44  ARG A CZ  1 
ATOM 330  N NH1 . ARG A 1 44  ? -23.275 2.681   30.143  1.00 51.78 ? 44  ARG A NH1 1 
ATOM 331  N NH2 . ARG A 1 44  ? -21.457 3.894   30.835  1.00 52.55 ? 44  ARG A NH2 1 
ATOM 332  N N   . GLY A 1 45  ? -24.183 -0.477  23.865  1.00 51.00 ? 45  GLY A N   1 
ATOM 333  C CA  . GLY A 1 45  ? -25.314 -0.914  23.055  1.00 50.77 ? 45  GLY A CA  1 
ATOM 334  C C   . GLY A 1 45  ? -25.290 -2.354  22.608  1.00 50.58 ? 45  GLY A C   1 
ATOM 335  O O   . GLY A 1 45  ? -26.274 -3.077  22.808  1.00 50.73 ? 45  GLY A O   1 
ATOM 336  N N   . ARG A 1 46  ? -24.181 -2.772  21.988  1.00 50.74 ? 46  ARG A N   1 
ATOM 337  C CA  . ARG A 1 46  ? -24.052 -4.156  21.476  1.00 50.45 ? 46  ARG A CA  1 
ATOM 338  C C   . ARG A 1 46  ? -23.972 -5.155  22.626  1.00 49.90 ? 46  ARG A C   1 
ATOM 339  O O   . ARG A 1 46  ? -24.394 -6.294  22.470  1.00 49.69 ? 46  ARG A O   1 
ATOM 340  C CB  . ARG A 1 46  ? -22.871 -4.340  20.487  1.00 50.42 ? 46  ARG A CB  1 
ATOM 341  C CG  . ARG A 1 46  ? -22.976 -3.531  19.161  1.00 52.10 ? 46  ARG A CG  1 
ATOM 342  C CD  . ARG A 1 46  ? -21.889 -3.909  18.095  1.00 54.31 ? 46  ARG A CD  1 
ATOM 343  N NE  . ARG A 1 46  ? -20.600 -4.293  18.707  1.00 57.04 ? 46  ARG A NE  1 
ATOM 344  C CZ  . ARG A 1 46  ? -19.690 -5.090  18.130  1.00 58.45 ? 46  ARG A CZ  1 
ATOM 345  N NH1 . ARG A 1 46  ? -18.560 -5.386  18.789  1.00 59.26 ? 46  ARG A NH1 1 
ATOM 346  N NH2 . ARG A 1 46  ? -19.903 -5.609  16.901  1.00 60.36 ? 46  ARG A NH2 1 
ATOM 347  N N   . GLY A 1 47  ? -23.450 -4.720  23.774  1.00 49.48 ? 47  GLY A N   1 
ATOM 348  C CA  . GLY A 1 47  ? -23.424 -5.568  24.958  1.00 49.93 ? 47  GLY A CA  1 
ATOM 349  C C   . GLY A 1 47  ? -24.806 -5.984  25.456  1.00 50.15 ? 47  GLY A C   1 
ATOM 350  O O   . GLY A 1 47  ? -25.011 -7.142  25.825  1.00 50.11 ? 47  GLY A O   1 
ATOM 351  N N   . ASN A 1 48  ? -25.742 -5.029  25.454  1.00 50.54 ? 48  ASN A N   1 
ATOM 352  C CA  . ASN A 1 48  ? -27.119 -5.207  25.929  1.00 51.22 ? 48  ASN A CA  1 
ATOM 353  C C   . ASN A 1 48  ? -27.931 -6.202  25.115  1.00 51.25 ? 48  ASN A C   1 
ATOM 354  O O   . ASN A 1 48  ? -28.639 -7.050  25.677  1.00 51.49 ? 48  ASN A O   1 
ATOM 355  C CB  . ASN A 1 48  ? -27.862 -3.864  25.969  1.00 51.19 ? 48  ASN A CB  1 
ATOM 356  C CG  . ASN A 1 48  ? -27.576 -3.073  27.237  1.00 52.84 ? 48  ASN A CG  1 
ATOM 357  O OD1 . ASN A 1 48  ? -26.557 -2.366  27.341  1.00 51.81 ? 48  ASN A OD1 1 
ATOM 358  N ND2 . ASN A 1 48  ? -28.491 -3.186  28.221  1.00 56.11 ? 48  ASN A ND2 1 
ATOM 359  N N   . THR A 1 49  ? -27.846 -6.087  23.789  1.00 51.40 ? 49  THR A N   1 
ATOM 360  C CA  . THR A 1 49  ? -28.534 -7.027  22.900  1.00 51.45 ? 49  THR A CA  1 
ATOM 361  C C   . THR A 1 49  ? -27.886 -8.413  22.992  1.00 51.36 ? 49  THR A C   1 
ATOM 362  O O   . THR A 1 49  ? -28.597 -9.420  22.930  1.00 51.36 ? 49  THR A O   1 
ATOM 363  C CB  . THR A 1 49  ? -28.586 -6.543  21.412  1.00 51.50 ? 49  THR A CB  1 
ATOM 364  O OG1 . THR A 1 49  ? -27.346 -6.846  20.760  1.00 51.59 ? 49  THR A OG1 1 
ATOM 365  C CG2 . THR A 1 49  ? -28.899 -5.031  21.309  1.00 50.65 ? 49  THR A CG2 1 
ATOM 366  N N   . LEU A 1 50  ? -26.552 -8.446  23.161  1.00 51.37 ? 50  LEU A N   1 
ATOM 367  C CA  . LEU A 1 50  ? -25.784 -9.708  23.324  1.00 51.55 ? 50  LEU A CA  1 
ATOM 368  C C   . LEU A 1 50  ? -25.898 -10.394 24.709  1.00 51.78 ? 50  LEU A C   1 
ATOM 369  O O   . LEU A 1 50  ? -25.654 -11.597 24.823  1.00 51.89 ? 50  LEU A O   1 
ATOM 370  C CB  . LEU A 1 50  ? -24.307 -9.544  22.906  1.00 51.08 ? 50  LEU A CB  1 
ATOM 371  C CG  . LEU A 1 50  ? -24.062 -9.327  21.391  1.00 51.36 ? 50  LEU A CG  1 
ATOM 372  C CD1 . LEU A 1 50  ? -22.644 -8.798  21.019  1.00 49.48 ? 50  LEU A CD1 1 
ATOM 373  C CD2 . LEU A 1 50  ? -24.439 -10.563 20.537  1.00 50.76 ? 50  LEU A CD2 1 
ATOM 374  N N   . GLY A 1 51  ? -26.299 -9.641  25.736  1.00 51.91 ? 51  GLY A N   1 
ATOM 375  C CA  . GLY A 1 51  ? -26.363 -10.149 27.109  1.00 51.91 ? 51  GLY A CA  1 
ATOM 376  C C   . GLY A 1 51  ? -24.959 -10.491 27.588  1.00 51.94 ? 51  GLY A C   1 
ATOM 377  O O   . GLY A 1 51  ? -24.682 -11.620 28.019  1.00 51.94 ? 51  GLY A O   1 
ATOM 378  N N   . LEU A 1 52  ? -24.063 -9.517  27.472  1.00 51.70 ? 52  LEU A N   1 
ATOM 379  C CA  . LEU A 1 52  ? -22.661 -9.704  27.814  1.00 51.68 ? 52  LEU A CA  1 
ATOM 380  C C   . LEU A 1 52  ? -22.190 -8.332  28.242  1.00 51.49 ? 52  LEU A C   1 
ATOM 381  O O   . LEU A 1 52  ? -22.705 -7.335  27.747  1.00 51.53 ? 52  LEU A O   1 
ATOM 382  C CB  . LEU A 1 52  ? -21.862 -10.201 26.581  1.00 51.20 ? 52  LEU A CB  1 
ATOM 383  C CG  . LEU A 1 52  ? -20.569 -11.004 26.874  1.00 50.91 ? 52  LEU A CG  1 
ATOM 384  C CD1 . LEU A 1 52  ? -20.774 -12.161 27.890  1.00 49.57 ? 52  LEU A CD1 1 
ATOM 385  C CD2 . LEU A 1 52  ? -19.989 -11.531 25.581  1.00 50.38 ? 52  LEU A CD2 1 
ATOM 386  N N   . ASP A 1 53  ? -21.240 -8.248  29.167  1.00 51.60 ? 53  ASP A N   1 
ATOM 387  C CA  . ASP A 1 53  ? -20.738 -6.914  29.475  1.00 52.36 ? 53  ASP A CA  1 
ATOM 388  C C   . ASP A 1 53  ? -19.227 -6.679  29.555  1.00 52.50 ? 53  ASP A C   1 
ATOM 389  O O   . ASP A 1 53  ? -18.455 -7.522  30.048  1.00 52.24 ? 53  ASP A O   1 
ATOM 390  C CB  . ASP A 1 53  ? -21.506 -6.255  30.636  1.00 52.51 ? 53  ASP A CB  1 
ATOM 391  C CG  . ASP A 1 53  ? -22.494 -5.160  30.138  1.00 52.64 ? 53  ASP A CG  1 
ATOM 392  O OD1 . ASP A 1 53  ? -22.576 -4.102  30.820  1.00 53.89 ? 53  ASP A OD1 1 
ATOM 393  O OD2 . ASP A 1 53  ? -23.180 -5.343  29.089  1.00 50.55 ? 53  ASP A OD2 1 
ATOM 394  N N   . ILE A 1 54  ? -18.869 -5.486  29.051  1.00 52.78 ? 54  ILE A N   1 
ATOM 395  C CA  . ILE A 1 54  ? -17.503 -5.010  28.762  1.00 53.33 ? 54  ILE A CA  1 
ATOM 396  C C   . ILE A 1 54  ? -16.339 -5.506  29.676  1.00 53.47 ? 54  ILE A C   1 
ATOM 397  O O   . ILE A 1 54  ? -15.200 -5.727  29.179  1.00 53.39 ? 54  ILE A O   1 
ATOM 398  C CB  . ILE A 1 54  ? -17.504 -3.429  28.557  1.00 53.29 ? 54  ILE A CB  1 
ATOM 399  C CG1 . ILE A 1 54  ? -18.253 -3.022  27.259  1.00 53.19 ? 54  ILE A CG1 1 
ATOM 400  C CG2 . ILE A 1 54  ? -16.076 -2.823  28.590  1.00 53.62 ? 54  ILE A CG2 1 
ATOM 401  C CD1 . ILE A 1 54  ? -19.799 -2.935  27.348  1.00 51.48 ? 54  ILE A CD1 1 
ATOM 402  N N   . GLU A 1 55  ? -16.602 -5.674  30.979  1.00 53.65 ? 55  GLU A N   1 
ATOM 403  C CA  . GLU A 1 55  ? -15.575 -6.238  31.859  1.00 54.31 ? 55  GLU A CA  1 
ATOM 404  C C   . GLU A 1 55  ? -15.196 -7.654  31.431  1.00 54.27 ? 55  GLU A C   1 
ATOM 405  O O   . GLU A 1 55  ? -14.026 -7.903  31.088  1.00 54.06 ? 55  GLU A O   1 
ATOM 406  C CB  . GLU A 1 55  ? -16.028 -6.227  33.315  1.00 54.70 ? 55  GLU A CB  1 
ATOM 407  C CG  . GLU A 1 55  ? -15.728 -4.916  34.036  1.00 56.60 ? 55  GLU A CG  1 
ATOM 408  C CD  . GLU A 1 55  ? -14.307 -4.842  34.619  1.00 58.68 ? 55  GLU A CD  1 
ATOM 409  O OE1 . GLU A 1 55  ? -13.724 -5.904  34.983  1.00 59.30 ? 55  GLU A OE1 1 
ATOM 410  O OE2 . GLU A 1 55  ? -13.786 -3.705  34.740  1.00 59.83 ? 55  GLU A OE2 1 
ATOM 411  N N   . THR A 1 56  ? -16.197 -8.561  31.453  1.00 54.36 ? 56  THR A N   1 
ATOM 412  C CA  . THR A 1 56  ? -16.075 -9.950  30.932  1.00 54.18 ? 56  THR A CA  1 
ATOM 413  C C   . THR A 1 56  ? -15.400 -10.058 29.534  1.00 54.02 ? 56  THR A C   1 
ATOM 414  O O   . THR A 1 56  ? -14.474 -10.876 29.322  1.00 53.45 ? 56  THR A O   1 
ATOM 415  C CB  . THR A 1 56  ? -17.479 -10.628 30.786  1.00 54.28 ? 56  THR A CB  1 
ATOM 416  O OG1 . THR A 1 56  ? -18.278 -9.902  29.821  1.00 53.84 ? 56  THR A OG1 1 
ATOM 417  C CG2 . THR A 1 56  ? -18.223 -10.709 32.124  1.00 54.17 ? 56  THR A CG2 1 
ATOM 418  N N   . ALA A 1 57  ? -15.904 -9.230  28.602  1.00 53.68 ? 57  ALA A N   1 
ATOM 419  C CA  . ALA A 1 57  ? -15.539 -9.239  27.175  1.00 53.32 ? 57  ALA A CA  1 
ATOM 420  C C   . ALA A 1 57  ? -14.086 -8.816  26.880  1.00 53.08 ? 57  ALA A C   1 
ATOM 421  O O   . ALA A 1 57  ? -13.447 -9.381  25.989  1.00 53.15 ? 57  ALA A O   1 
ATOM 422  C CB  . ALA A 1 57  ? -16.534 -8.376  26.370  1.00 53.38 ? 57  ALA A CB  1 
ATOM 423  N N   . THR A 1 58  ? -13.577 -7.828  27.620  1.00 52.69 ? 58  THR A N   1 
ATOM 424  C CA  . THR A 1 58  ? -12.190 -7.359  27.473  1.00 52.25 ? 58  THR A CA  1 
ATOM 425  C C   . THR A 1 58  ? -11.141 -8.398  27.904  1.00 51.69 ? 58  THR A C   1 
ATOM 426  O O   . THR A 1 58  ? -10.121 -8.567  27.241  1.00 51.26 ? 58  THR A O   1 
ATOM 427  C CB  . THR A 1 58  ? -11.936 -6.009  28.232  1.00 52.56 ? 58  THR A CB  1 
ATOM 428  O OG1 . THR A 1 58  ? -13.104 -5.163  28.125  1.00 52.69 ? 58  THR A OG1 1 
ATOM 429  C CG2 . THR A 1 58  ? -10.691 -5.275  27.640  1.00 52.75 ? 58  THR A CG2 1 
ATOM 430  N N   . ARG A 1 59  ? -11.388 -9.080  29.021  1.00 51.78 ? 59  ARG A N   1 
ATOM 431  C CA  . ARG A 1 59  ? -10.465 -10.118 29.492  1.00 51.69 ? 59  ARG A CA  1 
ATOM 432  C C   . ARG A 1 59  ? -10.324 -11.246 28.454  1.00 51.63 ? 59  ARG A C   1 
ATOM 433  O O   . ARG A 1 59  ? -9.200  -11.637 28.090  1.00 51.68 ? 59  ARG A O   1 
ATOM 434  C CB  . ARG A 1 59  ? -10.862 -10.637 30.877  1.00 51.46 ? 59  ARG A CB  1 
ATOM 435  C CG  . ARG A 1 59  ? -11.017 -9.539  31.975  1.00 51.97 ? 59  ARG A CG  1 
ATOM 436  C CD  . ARG A 1 59  ? -9.924  -8.430  31.904  1.00 50.99 ? 59  ARG A CD  1 
ATOM 437  N NE  . ARG A 1 59  ? -10.376 -7.162  31.306  1.00 48.50 ? 59  ARG A NE  1 
ATOM 438  C CZ  . ARG A 1 59  ? -10.618 -6.047  32.001  1.00 47.40 ? 59  ARG A CZ  1 
ATOM 439  N NH1 . ARG A 1 59  ? -10.450 -6.036  33.314  1.00 47.20 ? 59  ARG A NH1 1 
ATOM 440  N NH2 . ARG A 1 59  ? -11.031 -4.942  31.393  1.00 45.99 ? 59  ARG A NH2 1 
ATOM 441  N N   . ALA A 1 60  ? -11.458 -11.723 27.937  1.00 51.28 ? 60  ALA A N   1 
ATOM 442  C CA  . ALA A 1 60  ? -11.446 -12.684 26.834  1.00 50.94 ? 60  ALA A CA  1 
ATOM 443  C C   . ALA A 1 60  ? -10.748 -12.117 25.597  1.00 51.21 ? 60  ALA A C   1 
ATOM 444  O O   . ALA A 1 60  ? -10.217 -12.872 24.783  1.00 51.13 ? 60  ALA A O   1 
ATOM 445  C CB  . ALA A 1 60  ? -12.847 -13.114 26.499  1.00 50.59 ? 60  ALA A CB  1 
ATOM 446  N N   . GLY A 1 61  ? -10.762 -10.788 25.463  1.00 51.64 ? 61  GLY A N   1 
ATOM 447  C CA  . GLY A 1 61  ? -10.059 -10.080 24.390  1.00 51.67 ? 61  GLY A CA  1 
ATOM 448  C C   . GLY A 1 61  ? -8.542  -10.153 24.499  1.00 52.09 ? 61  GLY A C   1 
ATOM 449  O O   . GLY A 1 61  ? -7.866  -10.345 23.488  1.00 51.83 ? 61  GLY A O   1 
ATOM 450  N N   . LYS A 1 62  ? -8.002  -9.988  25.714  1.00 52.82 ? 62  LYS A N   1 
ATOM 451  C CA  . LYS A 1 62  ? -6.562  -10.221 25.978  1.00 53.45 ? 62  LYS A CA  1 
ATOM 452  C C   . LYS A 1 62  ? -6.108  -11.500 25.291  1.00 54.28 ? 62  LYS A C   1 
ATOM 453  O O   . LYS A 1 62  ? -5.326  -11.452 24.331  1.00 54.44 ? 62  LYS A O   1 
ATOM 454  C CB  . LYS A 1 62  ? -6.228  -10.288 27.483  1.00 52.96 ? 62  LYS A CB  1 
ATOM 455  C CG  . LYS A 1 62  ? -6.479  -8.996  28.228  1.00 52.22 ? 62  LYS A CG  1 
ATOM 456  C CD  . LYS A 1 62  ? -5.639  -8.896  29.502  1.00 50.30 ? 62  LYS A CD  1 
ATOM 457  C CE  . LYS A 1 62  ? -5.873  -7.497  30.167  1.00 50.01 ? 62  LYS A CE  1 
ATOM 458  N NZ  . LYS A 1 62  ? -7.314  -7.106  30.444  1.00 46.68 ? 62  LYS A NZ  1 
ATOM 459  N N   . GLN A 1 63  ? -6.648  -12.627 25.767  1.00 55.39 ? 63  GLN A N   1 
ATOM 460  C CA  . GLN A 1 63  ? -6.331  -13.960 25.236  1.00 56.62 ? 63  GLN A CA  1 
ATOM 461  C C   . GLN A 1 63  ? -6.614  -14.111 23.719  1.00 57.45 ? 63  GLN A C   1 
ATOM 462  O O   . GLN A 1 63  ? -5.740  -14.599 22.937  1.00 57.71 ? 63  GLN A O   1 
ATOM 463  C CB  . GLN A 1 63  ? -7.063  -15.054 26.054  1.00 56.44 ? 63  GLN A CB  1 
ATOM 464  N N   . ILE A 1 64  ? -7.815  -13.673 23.302  1.00 58.49 ? 64  ILE A N   1 
ATOM 465  C CA  . ILE A 1 64  ? -8.201  -13.785 21.887  1.00 59.65 ? 64  ILE A CA  1 
ATOM 466  C C   . ILE A 1 64  ? -7.279  -13.010 20.921  1.00 59.85 ? 64  ILE A C   1 
ATOM 467  O O   . ILE A 1 64  ? -7.169  -13.393 19.748  1.00 59.54 ? 64  ILE A O   1 
ATOM 468  C CB  . ILE A 1 64  ? -9.692  -13.385 21.654  1.00 59.86 ? 64  ILE A CB  1 
ATOM 469  C CG1 . ILE A 1 64  ? -10.306 -14.202 20.515  1.00 60.54 ? 64  ILE A CG1 1 
ATOM 470  C CG2 . ILE A 1 64  ? -9.836  -11.873 21.381  1.00 60.86 ? 64  ILE A CG2 1 
ATOM 471  C CD1 . ILE A 1 64  ? -11.837 -14.211 20.561  1.00 61.59 ? 64  ILE A CD1 1 
ATOM 472  N N   . VAL A 1 65  ? -6.626  -11.946 21.413  1.00 60.34 ? 65  VAL A N   1 
ATOM 473  C CA  . VAL A 1 65  ? -5.707  -11.142 20.577  1.00 60.96 ? 65  VAL A CA  1 
ATOM 474  C C   . VAL A 1 65  ? -4.212  -11.408 20.852  1.00 61.24 ? 65  VAL A C   1 
ATOM 475  O O   . VAL A 1 65  ? -3.423  -11.558 19.915  1.00 60.91 ? 65  VAL A O   1 
ATOM 476  C CB  . VAL A 1 65  ? -6.035  -9.600  20.634  1.00 61.16 ? 65  VAL A CB  1 
ATOM 477  C CG1 . VAL A 1 65  ? -4.781  -8.747  20.255  1.00 60.90 ? 65  VAL A CG1 1 
ATOM 478  C CG2 . VAL A 1 65  ? -7.274  -9.242  19.736  1.00 60.42 ? 65  VAL A CG2 1 
ATOM 479  N N   . GLU A 1 66  ? -3.832  -11.473 22.124  1.00 61.90 ? 66  GLU A N   1 
ATOM 480  C CA  . GLU A 1 66  ? -2.424  -11.668 22.480  1.00 63.06 ? 66  GLU A CA  1 
ATOM 481  C C   . GLU A 1 66  ? -1.849  -13.047 22.099  1.00 63.92 ? 66  GLU A C   1 
ATOM 482  O O   . GLU A 1 66  ? -0.622  -13.212 22.059  1.00 64.53 ? 66  GLU A O   1 
ATOM 483  C CB  . GLU A 1 66  ? -2.176  -11.332 23.956  1.00 62.86 ? 66  GLU A CB  1 
ATOM 484  C CG  . GLU A 1 66  ? -2.276  -9.821  24.214  1.00 62.96 ? 66  GLU A CG  1 
ATOM 485  C CD  . GLU A 1 66  ? -2.235  -9.439  25.700  1.00 62.72 ? 66  GLU A CD  1 
ATOM 486  O OE1 . GLU A 1 66  ? -2.270  -10.363 26.599  1.00 60.69 ? 66  GLU A OE1 1 
ATOM 487  O OE2 . GLU A 1 66  ? -2.174  -8.195  25.954  1.00 62.10 ? 66  GLU A OE2 1 
ATOM 488  N N   . ARG A 1 67  ? -2.727  -14.022 21.819  1.00 64.49 ? 67  ARG A N   1 
ATOM 489  C CA  . ARG A 1 67  ? -2.303  -15.281 21.187  1.00 64.70 ? 67  ARG A CA  1 
ATOM 490  C C   . ARG A 1 67  ? -2.062  -15.137 19.674  1.00 65.14 ? 67  ARG A C   1 
ATOM 491  O O   . ARG A 1 67  ? -1.067  -15.663 19.149  1.00 65.26 ? 67  ARG A O   1 
ATOM 492  C CB  . ARG A 1 67  ? -3.276  -16.428 21.497  1.00 64.65 ? 67  ARG A CB  1 
ATOM 493  C CG  . ARG A 1 67  ? -3.069  -17.051 22.911  1.00 64.48 ? 67  ARG A CG  1 
ATOM 494  C CD  . ARG A 1 67  ? -1.847  -18.035 22.960  1.00 63.43 ? 67  ARG A CD  1 
ATOM 495  N NE  . ARG A 1 67  ? -1.058  -17.848 24.220  1.00 61.65 ? 67  ARG A NE  1 
ATOM 496  C CZ  . ARG A 1 67  ? -0.084  -16.902 24.376  1.00 61.10 ? 67  ARG A CZ  1 
ATOM 497  N NH1 . ARG A 1 67  ? 0.240   -16.025 23.368  1.00 61.28 ? 67  ARG A NH1 1 
ATOM 498  N NH2 . ARG A 1 67  ? 0.573   -16.827 25.551  1.00 60.29 ? 67  ARG A NH2 1 
ATOM 499  N N   . ILE A 1 68  ? -2.958  -14.415 18.979  1.00 65.98 ? 68  ILE A N   1 
ATOM 500  C CA  . ILE A 1 68  ? -2.731  -14.057 17.554  1.00 66.64 ? 68  ILE A CA  1 
ATOM 501  C C   . ILE A 1 68  ? -1.542  -13.092 17.342  1.00 67.12 ? 68  ILE A C   1 
ATOM 502  O O   . ILE A 1 68  ? -0.994  -13.018 16.229  1.00 67.05 ? 68  ILE A O   1 
ATOM 503  C CB  . ILE A 1 68  ? -4.011  -13.480 16.921  1.00 66.71 ? 68  ILE A CB  1 
ATOM 504  N N   . LEU A 1 69  ? -1.166  -12.351 18.403  1.00 67.85 ? 69  LEU A N   1 
ATOM 505  C CA  . LEU A 1 69  ? 0.075   -11.523 18.435  1.00 67.80 ? 69  LEU A CA  1 
ATOM 506  C C   . LEU A 1 69  ? 1.330   -12.416 18.403  1.00 67.74 ? 69  LEU A C   1 
ATOM 507  O O   . LEU A 1 69  ? 2.309   -12.170 19.150  1.00 67.67 ? 69  LEU A O   1 
ATOM 508  C CB  . LEU A 1 69  ? 0.116   -10.609 19.688  1.00 67.78 ? 69  LEU A CB  1 
ATOM 509  C CG  . LEU A 1 69  ? -0.727  -9.327  19.778  1.00 66.33 ? 69  LEU A CG  1 
ATOM 510  C CD1 . LEU A 1 69  ? -0.488  -8.629  21.118  1.00 64.14 ? 69  LEU A CD1 1 
ATOM 511  C CD2 . LEU A 1 69  ? -0.398  -8.394  18.634  1.00 64.45 ? 69  LEU A CD2 1 
ATOM 512  N N   . GLU A 1 70  ? 1.267   -13.445 17.531  1.00 67.76 ? 70  GLU A N   1 
ATOM 513  C CA  . GLU A 1 70  ? 2.282   -14.506 17.397  1.00 67.85 ? 70  GLU A CA  1 
ATOM 514  C C   . GLU A 1 70  ? 2.104   -15.202 16.039  1.00 67.88 ? 70  GLU A C   1 
ATOM 515  O O   . GLU A 1 70  ? 1.039   -15.809 15.829  1.00 67.95 ? 70  GLU A O   1 
ATOM 516  C CB  . GLU A 1 70  ? 2.095   -15.537 18.513  1.00 67.81 ? 70  GLU A CB  1 
ATOM 517  C CG  . GLU A 1 70  ? 3.074   -15.417 19.674  1.00 67.72 ? 70  GLU A CG  1 
ATOM 518  C CD  . GLU A 1 70  ? 4.087   -16.572 19.695  1.00 67.18 ? 70  GLU A CD  1 
ATOM 519  O OE1 . GLU A 1 70  ? 3.906   -17.507 20.503  1.00 67.24 ? 70  GLU A OE1 1 
ATOM 520  O OE2 . GLU A 1 70  ? 5.055   -16.567 18.904  1.00 67.23 ? 70  GLU A OE2 1 
ATOM 521  N N   . GLY A 1 71  ? 3.082   -15.184 15.112  1.00 67.89 ? 71  GLY A N   1 
ATOM 522  C CA  . GLY A 1 71  ? 4.463   -14.643 15.197  1.00 67.89 ? 71  GLY A CA  1 
ATOM 523  C C   . GLY A 1 71  ? 5.148   -14.017 16.419  1.00 67.87 ? 71  GLY A C   1 
ATOM 524  O O   . GLY A 1 71  ? 5.222   -14.606 17.518  1.00 67.85 ? 71  GLY A O   1 
ATOM 525  N N   . GLU A 1 72  ? 5.723   -12.835 16.181  1.00 67.81 ? 72  GLU A N   1 
ATOM 526  C CA  . GLU A 1 72  ? 6.250   -11.984 17.269  1.00 67.77 ? 72  GLU A CA  1 
ATOM 527  C C   . GLU A 1 72  ? 5.631   -10.581 17.105  1.00 67.77 ? 72  GLU A C   1 
ATOM 528  O O   . GLU A 1 72  ? 6.073   -9.586  17.724  1.00 67.81 ? 72  GLU A O   1 
ATOM 529  C CB  . GLU A 1 72  ? 7.788   -11.909 17.238  1.00 67.71 ? 72  GLU A CB  1 
ATOM 530  C CG  . GLU A 1 72  ? 8.511   -13.244 17.256  1.00 67.62 ? 72  GLU A CG  1 
ATOM 531  C CD  . GLU A 1 72  ? 9.756   -13.195 16.350  1.00 67.61 ? 72  GLU A CD  1 
ATOM 532  O OE1 . GLU A 1 72  ? 10.654  -12.367 16.668  1.00 67.65 ? 72  GLU A OE1 1 
ATOM 533  O OE2 . GLU A 1 72  ? 9.833   -13.971 15.318  1.00 67.53 ? 72  GLU A OE2 1 
ATOM 534  N N   . SER A 1 73  ? 4.591   -10.520 16.266  1.00 67.77 ? 73  SER A N   1 
ATOM 535  C CA  . SER A 1 73  ? 3.949   -9.251  15.942  1.00 67.78 ? 73  SER A CA  1 
ATOM 536  C C   . SER A 1 73  ? 4.976   -8.090  15.893  1.00 67.75 ? 73  SER A C   1 
ATOM 537  O O   . SER A 1 73  ? 4.849   -7.082  16.615  1.00 67.73 ? 73  SER A O   1 
ATOM 538  C CB  . SER A 1 73  ? 2.762   -8.983  16.897  1.00 67.77 ? 73  SER A CB  1 
ATOM 539  O OG  . SER A 1 73  ? 1.581   -9.580  16.349  1.00 67.86 ? 73  SER A OG  1 
ATOM 540  N N   . ASP A 1 74  ? 6.021   -8.307  15.064  1.00 67.71 ? 74  ASP A N   1 
ATOM 541  C CA  . ASP A 1 74  ? 6.882   -7.231  14.579  1.00 67.71 ? 74  ASP A CA  1 
ATOM 542  C C   . ASP A 1 74  ? 6.384   -6.918  13.172  1.00 67.70 ? 74  ASP A C   1 
ATOM 543  O O   . ASP A 1 74  ? 7.147   -6.503  12.293  1.00 67.64 ? 74  ASP A O   1 
ATOM 544  C CB  . ASP A 1 74  ? 8.374   -7.687  14.533  1.00 67.64 ? 74  ASP A CB  1 
ATOM 545  C CG  . ASP A 1 74  ? 8.868   -8.103  15.969  1.00 67.42 ? 74  ASP A CG  1 
ATOM 546  O OD1 . ASP A 1 74  ? 8.298   -7.615  16.973  1.00 64.87 ? 74  ASP A OD1 1 
ATOM 547  O OD2 . ASP A 1 74  ? 9.835   -8.927  16.092  1.00 65.99 ? 74  ASP A OD2 1 
ATOM 548  N N   . PRO A 1 80  ? 15.207  -5.479  10.587  1.00 49.98 ? 80  PRO A N   1 
ATOM 549  C CA  . PRO A 1 80  ? 14.029  -5.296  9.691   1.00 49.98 ? 80  PRO A CA  1 
ATOM 550  C C   . PRO A 1 80  ? 13.417  -3.880  9.792   1.00 49.98 ? 80  PRO A C   1 
ATOM 551  O O   . PRO A 1 80  ? 12.170  -3.687  9.832   1.00 49.98 ? 80  PRO A O   1 
ATOM 552  C CB  . PRO A 1 80  ? 13.024  -6.371  10.183  1.00 49.98 ? 80  PRO A CB  1 
ATOM 553  C CG  . PRO A 1 80  ? 13.324  -6.472  11.739  1.00 49.98 ? 80  PRO A CG  1 
ATOM 554  C CD  . PRO A 1 80  ? 14.892  -6.241  11.828  1.00 49.98 ? 80  PRO A CD  1 
ATOM 555  N N   . ALA A 1 81  ? 14.377  -2.912  9.768   1.00 56.15 ? 81  ALA A N   1 
ATOM 556  C CA  . ALA A 1 81  ? 13.907  -1.527  9.736   1.00 56.78 ? 81  ALA A CA  1 
ATOM 557  C C   . ALA A 1 81  ? 13.333  -1.207  8.339   1.00 56.98 ? 81  ALA A C   1 
ATOM 558  O O   . ALA A 1 81  ? 14.059  -0.803  7.417   1.00 57.23 ? 81  ALA A O   1 
ATOM 559  C CB  . ALA A 1 81  ? 15.056  -0.559  10.118  1.00 56.74 ? 81  ALA A CB  1 
ATOM 560  N N   . SER A 1 82  ? 12.025  -1.420  8.172   1.00 57.35 ? 82  SER A N   1 
ATOM 561  C CA  . SER A 1 82  ? 11.382  -1.127  6.897   1.00 57.62 ? 82  SER A CA  1 
ATOM 562  C C   . SER A 1 82  ? 11.034  0.358   6.810   1.00 57.39 ? 82  SER A C   1 
ATOM 563  O O   . SER A 1 82  ? 10.672  0.971   7.824   1.00 57.54 ? 82  SER A O   1 
ATOM 564  C CB  . SER A 1 82  ? 10.110  -1.973  6.711   1.00 57.63 ? 82  SER A CB  1 
ATOM 565  O OG  . SER A 1 82  ? 9.680   -1.891  5.344   1.00 58.88 ? 82  SER A OG  1 
ATOM 566  N N   . ARG A 1 83  ? 11.149  0.919   5.597   1.00 56.93 ? 83  ARG A N   1 
ATOM 567  C CA  . ARG A 1 83  ? 10.765  2.319   5.309   1.00 55.93 ? 83  ARG A CA  1 
ATOM 568  C C   . ARG A 1 83  ? 10.086  2.471   3.909   1.00 55.24 ? 83  ARG A C   1 
ATOM 569  O O   . ARG A 1 83  ? 9.458   1.495   3.396   1.00 55.17 ? 83  ARG A O   1 
ATOM 570  C CB  . ARG A 1 83  ? 11.980  3.269   5.417   1.00 56.19 ? 83  ARG A CB  1 
ATOM 571  C CG  . ARG A 1 83  ? 13.233  2.873   4.620   1.00 55.66 ? 83  ARG A CG  1 
ATOM 572  C CD  . ARG A 1 83  ? 14.218  4.064   4.500   1.00 53.28 ? 83  ARG A CD  1 
ATOM 573  N NE  . ARG A 1 83  ? 15.506  3.612   3.942   1.00 51.52 ? 83  ARG A NE  1 
ATOM 574  C CZ  . ARG A 1 83  ? 16.351  4.366   3.241   1.00 48.86 ? 83  ARG A CZ  1 
ATOM 575  N NH1 . ARG A 1 83  ? 16.065  5.641   2.970   1.00 48.31 ? 83  ARG A NH1 1 
ATOM 576  N NH2 . ARG A 1 83  ? 17.486  3.829   2.795   1.00 47.12 ? 83  ARG A NH2 1 
ATOM 577  N N   . TYR A 1 84  ? 10.204  3.689   3.311   1.00 53.67 ? 84  TYR A N   1 
ATOM 578  C CA  . TYR A 1 84  ? 9.332   4.104   2.205   1.00 52.65 ? 84  TYR A CA  1 
ATOM 579  C C   . TYR A 1 84  ? 9.902   5.270   1.385   1.00 51.79 ? 84  TYR A C   1 
ATOM 580  O O   . TYR A 1 84  ? 10.212  6.324   1.941   1.00 52.03 ? 84  TYR A O   1 
ATOM 581  C CB  . TYR A 1 84  ? 7.926   4.439   2.736   1.00 52.48 ? 84  TYR A CB  1 
ATOM 582  C CG  . TYR A 1 84  ? 6.886   4.711   1.654   1.00 52.75 ? 84  TYR A CG  1 
ATOM 583  C CD1 . TYR A 1 84  ? 6.634   3.773   0.632   1.00 54.50 ? 84  TYR A CD1 1 
ATOM 584  C CD2 . TYR A 1 84  ? 6.139   5.886   1.666   1.00 50.99 ? 84  TYR A CD2 1 
ATOM 585  C CE1 . TYR A 1 84  ? 5.675   4.021   -0.374  1.00 54.35 ? 84  TYR A CE1 1 
ATOM 586  C CE2 . TYR A 1 84  ? 5.178   6.140   0.691   1.00 52.68 ? 84  TYR A CE2 1 
ATOM 587  C CZ  . TYR A 1 84  ? 4.949   5.208   -0.335  1.00 53.35 ? 84  TYR A CZ  1 
ATOM 588  O OH  . TYR A 1 84  ? 4.001   5.474   -1.307  1.00 51.52 ? 84  TYR A OH  1 
ATOM 589  N N   . LEU A 1 85  ? 10.038  5.070   0.066   1.00 50.73 ? 85  LEU A N   1 
ATOM 590  C CA  . LEU A 1 85  ? 10.611  6.077   -0.839  1.00 49.78 ? 85  LEU A CA  1 
ATOM 591  C C   . LEU A 1 85  ? 9.634   6.458   -1.926  1.00 49.29 ? 85  LEU A C   1 
ATOM 592  O O   . LEU A 1 85  ? 8.908   5.601   -2.438  1.00 50.14 ? 85  LEU A O   1 
ATOM 593  C CB  . LEU A 1 85  ? 11.879  5.570   -1.486  1.00 49.38 ? 85  LEU A CB  1 
ATOM 594  C CG  . LEU A 1 85  ? 12.928  5.055   -0.519  1.00 49.41 ? 85  LEU A CG  1 
ATOM 595  C CD1 . LEU A 1 85  ? 14.116  4.599   -1.324  1.00 49.55 ? 85  LEU A CD1 1 
ATOM 596  C CD2 . LEU A 1 85  ? 13.337  6.117   0.479   1.00 48.84 ? 85  LEU A CD2 1 
ATOM 597  N N   . THR A 1 86  ? 9.622   7.734   -2.290  1.00 47.90 ? 86  THR A N   1 
ATOM 598  C CA  . THR A 1 86  ? 8.576   8.244   -3.148  1.00 47.15 ? 86  THR A CA  1 
ATOM 599  C C   . THR A 1 86  ? 9.069   9.277   -4.167  1.00 46.67 ? 86  THR A C   1 
ATOM 600  O O   . THR A 1 86  ? 9.641   10.299  -3.790  1.00 45.96 ? 86  THR A O   1 
ATOM 601  C CB  . THR A 1 86  ? 7.460   8.920   -2.318  1.00 47.14 ? 86  THR A CB  1 
ATOM 602  O OG1 . THR A 1 86  ? 8.041   9.931   -1.487  1.00 47.54 ? 86  THR A OG1 1 
ATOM 603  C CG2 . THR A 1 86  ? 6.728   7.955   -1.469  1.00 46.59 ? 86  THR A CG2 1 
ATOM 604  N N   . ASP A 1 87  ? 8.797   9.015   -5.448  1.00 46.23 ? 87  ASP A N   1 
ATOM 605  C CA  . ASP A 1 87  ? 9.064   9.979   -6.515  1.00 45.23 ? 87  ASP A CA  1 
ATOM 606  C C   . ASP A 1 87  ? 7.799   10.689  -6.871  1.00 44.97 ? 87  ASP A C   1 
ATOM 607  O O   . ASP A 1 87  ? 7.847   11.796  -7.372  1.00 45.14 ? 87  ASP A O   1 
ATOM 608  C CB  . ASP A 1 87  ? 9.554   9.284   -7.774  1.00 45.57 ? 87  ASP A CB  1 
ATOM 609  C CG  . ASP A 1 87  ? 10.983  8.831   -7.673  1.00 45.13 ? 87  ASP A CG  1 
ATOM 610  O OD1 . ASP A 1 87  ? 11.679  9.208   -6.715  1.00 45.35 ? 87  ASP A OD1 1 
ATOM 611  O OD2 . ASP A 1 87  ? 11.405  8.089   -8.565  1.00 45.47 ? 87  ASP A OD2 1 
ATOM 612  N N   . MET A 1 88  ? 6.666   10.051  -6.606  1.00 44.74 ? 88  MET A N   1 
ATOM 613  C CA  . MET A 1 88  ? 5.381   10.564  -7.040  1.00 44.99 ? 88  MET A CA  1 
ATOM 614  C C   . MET A 1 88  ? 4.540   11.130  -5.910  1.00 45.60 ? 88  MET A C   1 
ATOM 615  O O   . MET A 1 88  ? 4.552   10.617  -4.803  1.00 46.83 ? 88  MET A O   1 
ATOM 616  C CB  . MET A 1 88  ? 4.609   9.483   -7.789  1.00 44.25 ? 88  MET A CB  1 
ATOM 617  C CG  . MET A 1 88  ? 5.226   9.169   -9.127  1.00 43.96 ? 88  MET A CG  1 
ATOM 618  S SD  . MET A 1 88  ? 4.284   7.995   -10.083 1.00 43.16 ? 88  MET A SD  1 
ATOM 619  C CE  . MET A 1 88  ? 4.842   6.471   -9.340  1.00 43.75 ? 88  MET A CE  1 
ATOM 620  N N   . THR A 1 89  ? 3.812   12.203  -6.190  1.00 45.96 ? 89  THR A N   1 
ATOM 621  C CA  . THR A 1 89  ? 2.829   12.701  -5.258  1.00 46.29 ? 89  THR A CA  1 
ATOM 622  C C   . THR A 1 89  ? 1.558   11.893  -5.466  1.00 46.81 ? 89  THR A C   1 
ATOM 623  O O   . THR A 1 89  ? 1.417   11.221  -6.484  1.00 47.19 ? 89  THR A O   1 
ATOM 624  C CB  . THR A 1 89  ? 2.549   14.194  -5.480  1.00 46.17 ? 89  THR A CB  1 
ATOM 625  O OG1 . THR A 1 89  ? 2.083   14.405  -6.820  1.00 46.06 ? 89  THR A OG1 1 
ATOM 626  C CG2 . THR A 1 89  ? 3.798   14.976  -5.275  1.00 45.41 ? 89  THR A CG2 1 
ATOM 627  N N   . LEU A 1 90  ? 0.625   11.954  -4.513  1.00 47.44 ? 90  LEU A N   1 
ATOM 628  C CA  . LEU A 1 90  ? -0.663  11.258  -4.665  1.00 47.46 ? 90  LEU A CA  1 
ATOM 629  C C   . LEU A 1 90  ? -1.316  11.591  -5.998  1.00 46.89 ? 90  LEU A C   1 
ATOM 630  O O   . LEU A 1 90  ? -1.878  10.719  -6.649  1.00 47.05 ? 90  LEU A O   1 
ATOM 631  C CB  . LEU A 1 90  ? -1.634  11.555  -3.507  1.00 47.76 ? 90  LEU A CB  1 
ATOM 632  C CG  . LEU A 1 90  ? -1.177  11.183  -2.085  1.00 49.42 ? 90  LEU A CG  1 
ATOM 633  C CD1 . LEU A 1 90  ? -2.257  11.535  -1.030  1.00 52.97 ? 90  LEU A CD1 1 
ATOM 634  C CD2 . LEU A 1 90  ? -0.751  9.725   -1.958  1.00 50.68 ? 90  LEU A CD2 1 
ATOM 635  N N   . GLU A 1 91  ? -1.220  12.847  -6.407  1.00 46.81 ? 91  GLU A N   1 
ATOM 636  C CA  . GLU A 1 91  ? -1.769  13.263  -7.685  1.00 47.29 ? 91  GLU A CA  1 
ATOM 637  C C   . GLU A 1 91  ? -1.139  12.503  -8.841  1.00 46.55 ? 91  GLU A C   1 
ATOM 638  O O   . GLU A 1 91  ? -1.860  11.994  -9.684  1.00 47.15 ? 91  GLU A O   1 
ATOM 639  C CB  . GLU A 1 91  ? -1.595  14.757  -7.883  1.00 47.94 ? 91  GLU A CB  1 
ATOM 640  C CG  . GLU A 1 91  ? -2.429  15.341  -9.000  1.00 49.75 ? 91  GLU A CG  1 
ATOM 641  C CD  . GLU A 1 91  ? -1.898  15.006  -10.373 1.00 53.37 ? 91  GLU A CD  1 
ATOM 642  O OE1 . GLU A 1 91  ? -0.664  15.160  -10.619 1.00 53.34 ? 91  GLU A OE1 1 
ATOM 643  O OE2 . GLU A 1 91  ? -2.734  14.583  -11.219 1.00 56.70 ? 91  GLU A OE2 1 
ATOM 644  N N   . GLU A 1 92  ? 0.189   12.407  -8.874  1.00 45.71 ? 92  GLU A N   1 
ATOM 645  C CA  . GLU A 1 92  ? 0.876   11.648  -9.940  1.00 45.09 ? 92  GLU A CA  1 
ATOM 646  C C   . GLU A 1 92  ? 0.459   10.178  -9.952  1.00 44.62 ? 92  GLU A C   1 
ATOM 647  O O   . GLU A 1 92  ? 0.321   9.570   -11.009 1.00 44.24 ? 92  GLU A O   1 
ATOM 648  C CB  . GLU A 1 92  ? 2.401   11.789  -9.847  1.00 45.09 ? 92  GLU A CB  1 
ATOM 649  C CG  . GLU A 1 92  ? 2.904   13.198  -10.117 1.00 45.01 ? 92  GLU A CG  1 
ATOM 650  C CD  . GLU A 1 92  ? 4.413   13.334  -10.011 1.00 47.24 ? 92  GLU A CD  1 
ATOM 651  O OE1 . GLU A 1 92  ? 4.932   13.294  -8.888  1.00 46.63 ? 92  GLU A OE1 1 
ATOM 652  O OE2 . GLU A 1 92  ? 5.086   13.525  -11.052 1.00 49.10 ? 92  GLU A OE2 1 
ATOM 653  N N   . MET A 1 93  ? 0.212   9.621   -8.770  1.00 44.56 ? 93  MET A N   1 
ATOM 654  C CA  . MET A 1 93  ? -0.207  8.219   -8.665  1.00 44.81 ? 93  MET A CA  1 
ATOM 655  C C   . MET A 1 93  ? -1.663  7.903   -9.017  1.00 44.34 ? 93  MET A C   1 
ATOM 656  O O   . MET A 1 93  ? -1.972  6.811   -9.444  1.00 43.96 ? 93  MET A O   1 
ATOM 657  C CB  . MET A 1 93  ? 0.108   7.667   -7.287  1.00 44.90 ? 93  MET A CB  1 
ATOM 658  C CG  . MET A 1 93  ? 1.567   7.567   -7.041  1.00 45.71 ? 93  MET A CG  1 
ATOM 659  S SD  . MET A 1 93  ? 1.927   6.467   -5.664  1.00 50.76 ? 93  MET A SD  1 
ATOM 660  C CE  . MET A 1 93  ? 1.262   7.353   -4.228  1.00 47.10 ? 93  MET A CE  1 
ATOM 661  N N   . SER A 1 94  ? -2.556  8.858   -8.825  1.00 44.67 ? 94  SER A N   1 
ATOM 662  C CA  . SER A 1 94  ? -3.970  8.570   -8.959  1.00 44.95 ? 94  SER A CA  1 
ATOM 663  C C   . SER A 1 94  ? -4.540  9.219   -10.208 1.00 45.02 ? 94  SER A C   1 
ATOM 664  O O   . SER A 1 94  ? -5.682  9.001   -10.549 1.00 45.19 ? 94  SER A O   1 
ATOM 665  C CB  . SER A 1 94  ? -4.724  9.004   -7.690  1.00 44.95 ? 94  SER A CB  1 
ATOM 666  O OG  . SER A 1 94  ? -4.765  10.430  -7.596  1.00 45.81 ? 94  SER A OG  1 
ATOM 667  N N   . ARG A 1 95  ? -3.725  10.000  -10.894 1.00 45.77 ? 95  ARG A N   1 
ATOM 668  C CA  . ARG A 1 95  ? -4.148  10.615  -12.145 1.00 47.35 ? 95  ARG A CA  1 
ATOM 669  C C   . ARG A 1 95  ? -4.602  9.613   -13.200 1.00 48.33 ? 95  ARG A C   1 
ATOM 670  O O   . ARG A 1 95  ? -4.002  8.539   -13.357 1.00 48.68 ? 95  ARG A O   1 
ATOM 671  C CB  . ARG A 1 95  ? -3.047  11.478  -12.751 1.00 46.81 ? 95  ARG A CB  1 
ATOM 672  C CG  . ARG A 1 95  ? -3.506  12.229  -13.986 1.00 46.63 ? 95  ARG A CG  1 
ATOM 673  C CD  . ARG A 1 95  ? -2.339  12.777  -14.790 1.00 45.78 ? 95  ARG A CD  1 
ATOM 674  N NE  . ARG A 1 95  ? -1.423  13.506  -13.925 1.00 45.15 ? 95  ARG A NE  1 
ATOM 675  C CZ  . ARG A 1 95  ? -0.197  13.851  -14.272 1.00 45.59 ? 95  ARG A CZ  1 
ATOM 676  N NH1 . ARG A 1 95  ? 0.239   13.550  -15.494 1.00 44.48 ? 95  ARG A NH1 1 
ATOM 677  N NH2 . ARG A 1 95  ? 0.570   14.517  -13.409 1.00 45.81 ? 95  ARG A NH2 1 
ATOM 678  N N   . ASP A 1 96  ? -5.659  9.989   -13.921 1.00 49.54 ? 96  ASP A N   1 
ATOM 679  C CA  . ASP A 1 96  ? -6.163  9.193   -15.034 1.00 50.43 ? 96  ASP A CA  1 
ATOM 680  C C   . ASP A 1 96  ? -5.298  9.363   -16.266 1.00 49.48 ? 96  ASP A C   1 
ATOM 681  O O   . ASP A 1 96  ? -4.668  10.400  -16.477 1.00 48.94 ? 96  ASP A O   1 
ATOM 682  C CB  . ASP A 1 96  ? -7.625  9.541   -15.363 1.00 51.15 ? 96  ASP A CB  1 
ATOM 683  C CG  . ASP A 1 96  ? -8.623  8.686   -14.563 1.00 53.84 ? 96  ASP A CG  1 
ATOM 684  O OD1 . ASP A 1 96  ? -9.714  9.240   -14.216 1.00 58.24 ? 96  ASP A OD1 1 
ATOM 685  O OD2 . ASP A 1 96  ? -8.320  7.476   -14.278 1.00 54.42 ? 96  ASP A OD2 1 
ATOM 686  N N   . TRP A 1 97  ? -5.274  8.307   -17.067 1.00 49.23 ? 97  TRP A N   1 
ATOM 687  C CA  . TRP A 1 97  ? -4.496  8.257   -18.306 1.00 47.99 ? 97  TRP A CA  1 
ATOM 688  C C   . TRP A 1 97  ? -4.994  7.082   -19.115 1.00 47.24 ? 97  TRP A C   1 
ATOM 689  O O   . TRP A 1 97  ? -5.678  6.205   -18.611 1.00 47.44 ? 97  TRP A O   1 
ATOM 690  C CB  . TRP A 1 97  ? -3.022  8.040   -17.993 1.00 47.85 ? 97  TRP A CB  1 
ATOM 691  C CG  . TRP A 1 97  ? -2.746  6.669   -17.489 1.00 46.54 ? 97  TRP A CG  1 
ATOM 692  C CD1 . TRP A 1 97  ? -3.132  6.132   -16.298 1.00 44.45 ? 97  TRP A CD1 1 
ATOM 693  C CD2 . TRP A 1 97  ? -1.997  5.668   -18.158 1.00 45.09 ? 97  TRP A CD2 1 
ATOM 694  N NE1 . TRP A 1 97  ? -2.672  4.849   -16.189 1.00 45.44 ? 97  TRP A NE1 1 
ATOM 695  C CE2 . TRP A 1 97  ? -1.968  4.540   -17.322 1.00 44.19 ? 97  TRP A CE2 1 
ATOM 696  C CE3 . TRP A 1 97  ? -1.358  5.609   -19.403 1.00 45.40 ? 97  TRP A CE3 1 
ATOM 697  C CZ2 . TRP A 1 97  ? -1.329  3.370   -17.679 1.00 44.32 ? 97  TRP A CZ2 1 
ATOM 698  C CZ3 . TRP A 1 97  ? -0.708  4.445   -19.757 1.00 46.52 ? 97  TRP A CZ3 1 
ATOM 699  C CH2 . TRP A 1 97  ? -0.700  3.337   -18.897 1.00 46.56 ? 97  TRP A CH2 1 
ATOM 700  N N   . PHE A 1 98  ? -4.626  7.047   -20.376 1.00 46.33 ? 98  PHE A N   1 
ATOM 701  C CA  . PHE A 1 98  ? -5.154  6.040   -21.238 1.00 45.28 ? 98  PHE A CA  1 
ATOM 702  C C   . PHE A 1 98  ? -4.104  5.726   -22.263 1.00 43.62 ? 98  PHE A C   1 
ATOM 703  O O   . PHE A 1 98  ? -3.237  6.542   -22.551 1.00 43.53 ? 98  PHE A O   1 
ATOM 704  C CB  . PHE A 1 98  ? -6.374  6.608   -21.933 1.00 46.09 ? 98  PHE A CB  1 
ATOM 705  C CG  . PHE A 1 98  ? -6.053  7.792   -22.805 1.00 49.99 ? 98  PHE A CG  1 
ATOM 706  C CD1 . PHE A 1 98  ? -6.069  9.088   -22.271 1.00 51.97 ? 98  PHE A CD1 1 
ATOM 707  C CD2 . PHE A 1 98  ? -5.696  7.613   -24.156 1.00 53.06 ? 98  PHE A CD2 1 
ATOM 708  C CE1 . PHE A 1 98  ? -5.758  10.185  -23.060 1.00 53.19 ? 98  PHE A CE1 1 
ATOM 709  C CE2 . PHE A 1 98  ? -5.382  8.715   -24.964 1.00 55.27 ? 98  PHE A CE2 1 
ATOM 710  C CZ  . PHE A 1 98  ? -5.419  10.010  -24.414 1.00 54.34 ? 98  PHE A CZ  1 
ATOM 711  N N   . MET A 1 99  ? -4.203  4.534   -22.826 1.00 41.57 ? 99  MET A N   1 
ATOM 712  C CA  . MET A 1 99  ? -3.357  4.140   -23.912 1.00 39.38 ? 99  MET A CA  1 
ATOM 713  C C   . MET A 1 99  ? -4.184  4.173   -25.205 1.00 37.62 ? 99  MET A C   1 
ATOM 714  O O   . MET A 1 99  ? -5.296  3.637   -25.276 1.00 38.42 ? 99  MET A O   1 
ATOM 715  C CB  . MET A 1 99  ? -2.803  2.745   -23.659 1.00 39.36 ? 99  MET A CB  1 
ATOM 716  C CG  . MET A 1 99  ? -1.935  2.604   -22.434 1.00 41.03 ? 99  MET A CG  1 
ATOM 717  S SD  . MET A 1 99  ? -1.758  0.894   -21.857 1.00 45.03 ? 99  MET A SD  1 
ATOM 718  C CE  . MET A 1 99  ? -3.462  0.481   -21.508 1.00 41.97 ? 99  MET A CE  1 
ATOM 719  N N   . LEU A 1 100 ? -3.627  4.800   -26.243 1.00 33.40 ? 100 LEU A N   1 
ATOM 720  C CA  . LEU A 1 100 ? -4.348  4.866   -27.541 1.00 32.89 ? 100 LEU A CA  1 
ATOM 721  C C   . LEU A 1 100 ? -4.182  3.506   -28.202 1.00 34.35 ? 100 LEU A C   1 
ATOM 722  O O   . LEU A 1 100 ? -5.120  2.966   -28.790 1.00 35.60 ? 100 LEU A O   1 
ATOM 723  C CB  . LEU A 1 100 ? -3.781  5.999   -28.420 1.00 31.81 ? 100 LEU A CB  1 
ATOM 724  C CG  . LEU A 1 100 ? -4.425  6.137   -29.797 1.00 31.07 ? 100 LEU A CG  1 
ATOM 725  C CD1 . LEU A 1 100 ? -5.921  6.496   -29.670 1.00 30.84 ? 100 LEU A CD1 1 
ATOM 726  C CD2 . LEU A 1 100 ? -3.706  7.147   -30.747 1.00 28.87 ? 100 LEU A CD2 1 
ATOM 727  N N   . MET A 1 101 ? -2.984  2.937   -28.047 1.00 37.54 ? 101 MET A N   1 
ATOM 728  C CA  . MET A 1 101 ? -2.692  1.579   -28.519 1.00 39.89 ? 101 MET A CA  1 
ATOM 729  C C   . MET A 1 101 ? -2.156  0.741   -27.345 1.00 40.39 ? 101 MET A C   1 
ATOM 730  O O   . MET A 1 101 ? -0.938  0.666   -27.138 1.00 41.31 ? 101 MET A O   1 
ATOM 731  C CB  . MET A 1 101 ? -1.685  1.605   -29.677 1.00 39.95 ? 101 MET A CB  1 
ATOM 732  C CG  . MET A 1 101 ? -2.146  2.328   -30.934 1.00 42.69 ? 101 MET A CG  1 
ATOM 733  S SD  . MET A 1 101 ? -0.815  2.610   -32.161 1.00 49.62 ? 101 MET A SD  1 
ATOM 734  C CE  . MET A 1 101 ? -0.630  0.913   -32.830 1.00 50.41 ? 101 MET A CE  1 
ATOM 735  N N   . PRO A 1 102 ? -3.070  0.123   -26.581 1.00 40.43 ? 102 PRO A N   1 
ATOM 736  C CA  . PRO A 1 102 ? -2.806  -0.577  -25.332 1.00 40.65 ? 102 PRO A CA  1 
ATOM 737  C C   . PRO A 1 102 ? -1.986  -1.835  -25.501 1.00 41.19 ? 102 PRO A C   1 
ATOM 738  O O   . PRO A 1 102 ? -2.088  -2.527  -26.504 1.00 41.95 ? 102 PRO A O   1 
ATOM 739  C CB  . PRO A 1 102 ? -4.199  -0.958  -24.834 1.00 39.92 ? 102 PRO A CB  1 
ATOM 740  C CG  . PRO A 1 102 ? -5.145  -0.181  -25.640 1.00 40.26 ? 102 PRO A CG  1 
ATOM 741  C CD  . PRO A 1 102 ? -4.497  0.076   -26.938 1.00 40.83 ? 102 PRO A CD  1 
ATOM 742  N N   . LYS A 1 103 ? -1.164  -2.120  -24.508 1.00 41.69 ? 103 LYS A N   1 
ATOM 743  C CA  . LYS A 1 103 ? -0.351  -3.312  -24.511 1.00 42.31 ? 103 LYS A CA  1 
ATOM 744  C C   . LYS A 1 103 ? -0.181  -3.672  -23.056 1.00 42.27 ? 103 LYS A C   1 
ATOM 745  O O   . LYS A 1 103 ? 0.451   -2.940  -22.300 1.00 41.83 ? 103 LYS A O   1 
ATOM 746  C CB  . LYS A 1 103 ? 0.991   -3.003  -25.160 1.00 42.81 ? 103 LYS A CB  1 
ATOM 747  C CG  . LYS A 1 103 ? 1.712   -4.221  -25.741 1.00 44.47 ? 103 LYS A CG  1 
ATOM 748  C CD  . LYS A 1 103 ? 3.208   -3.907  -25.767 1.00 47.66 ? 103 LYS A CD  1 
ATOM 749  C CE  . LYS A 1 103 ? 4.051   -5.126  -26.141 1.00 50.52 ? 103 LYS A CE  1 
ATOM 750  N NZ  . LYS A 1 103 ? 5.540   -4.812  -26.088 1.00 53.18 ? 103 LYS A NZ  1 
ATOM 751  N N   . GLN A 1 104 ? -0.794  -4.762  -22.629 1.00 42.52 ? 104 GLN A N   1 
ATOM 752  C CA  . GLN A 1 104 ? -0.705  -5.085  -21.215 1.00 43.63 ? 104 GLN A CA  1 
ATOM 753  C C   . GLN A 1 104 ? -0.544  -6.553  -20.944 1.00 43.12 ? 104 GLN A C   1 
ATOM 754  O O   . GLN A 1 104 ? -1.053  -7.389  -21.683 1.00 43.41 ? 104 GLN A O   1 
ATOM 755  C CB  . GLN A 1 104 ? -1.875  -4.486  -20.435 1.00 44.40 ? 104 GLN A CB  1 
ATOM 756  C CG  . GLN A 1 104 ? -3.257  -4.751  -21.028 1.00 48.26 ? 104 GLN A CG  1 
ATOM 757  C CD  . GLN A 1 104 ? -4.398  -4.075  -20.242 1.00 52.14 ? 104 GLN A CD  1 
ATOM 758  O OE1 . GLN A 1 104 ? -4.284  -3.837  -19.032 1.00 54.00 ? 104 GLN A OE1 1 
ATOM 759  N NE2 . GLN A 1 104 ? -5.509  -3.774  -20.936 1.00 52.97 ? 104 GLN A NE2 1 
ATOM 760  N N   . LYS A 1 105 ? 0.198   -6.862  -19.888 1.00 43.02 ? 105 LYS A N   1 
ATOM 761  C CA  . LYS A 1 105 ? 0.394   -8.255  -19.487 1.00 42.85 ? 105 LYS A CA  1 
ATOM 762  C C   . LYS A 1 105 ? 0.407   -8.414  -17.978 1.00 42.99 ? 105 LYS A C   1 
ATOM 763  O O   . LYS A 1 105 ? 0.488   -7.445  -17.237 1.00 42.41 ? 105 LYS A O   1 
ATOM 764  C CB  . LYS A 1 105 ? 1.710   -8.785  -20.054 1.00 42.90 ? 105 LYS A CB  1 
ATOM 765  C CG  . LYS A 1 105 ? 2.925   -8.001  -19.599 1.00 42.53 ? 105 LYS A CG  1 
ATOM 766  C CD  . LYS A 1 105 ? 4.195   -8.721  -19.933 1.00 43.76 ? 105 LYS A CD  1 
ATOM 767  C CE  . LYS A 1 105 ? 4.303   -10.014 -19.185 1.00 43.07 ? 105 LYS A CE  1 
ATOM 768  N NZ  . LYS A 1 105 ? 5.730   -10.441 -19.241 1.00 45.44 ? 105 LYS A NZ  1 
ATOM 769  N N   . VAL A 1 106 ? 0.339   -9.655  -17.529 1.00 43.58 ? 106 VAL A N   1 
ATOM 770  C CA  . VAL A 1 106 ? 0.491   -9.954  -16.120 1.00 43.89 ? 106 VAL A CA  1 
ATOM 771  C C   . VAL A 1 106 ? 1.785   -10.764 -15.981 1.00 44.62 ? 106 VAL A C   1 
ATOM 772  O O   . VAL A 1 106 ? 1.935   -11.797 -16.615 1.00 44.76 ? 106 VAL A O   1 
ATOM 773  C CB  . VAL A 1 106 ? -0.742  -10.697 -15.601 1.00 43.66 ? 106 VAL A CB  1 
ATOM 774  C CG1 . VAL A 1 106 ? -0.525  -11.189 -14.172 1.00 44.56 ? 106 VAL A CG1 1 
ATOM 775  C CG2 . VAL A 1 106 ? -1.964  -9.784  -15.680 1.00 42.40 ? 106 VAL A CG2 1 
ATOM 776  N N   . ALA A 1 107 ? 2.750   -10.270 -15.208 1.00 45.36 ? 107 ALA A N   1 
ATOM 777  C CA  . ALA A 1 107 ? 4.007   -11.007 -15.038 1.00 45.70 ? 107 ALA A CA  1 
ATOM 778  C C   . ALA A 1 107 ? 4.196   -11.355 -13.600 1.00 45.64 ? 107 ALA A C   1 
ATOM 779  O O   . ALA A 1 107 ? 4.756   -10.581 -12.833 1.00 45.27 ? 107 ALA A O   1 
ATOM 780  C CB  . ALA A 1 107 ? 5.204   -10.222 -15.545 1.00 46.05 ? 107 ALA A CB  1 
ATOM 781  N N   . GLY A 1 108 ? 3.750   -12.556 -13.264 1.00 45.88 ? 108 GLY A N   1 
ATOM 782  C CA  . GLY A 1 108 ? 3.776   -13.039 -11.907 1.00 46.28 ? 108 GLY A CA  1 
ATOM 783  C C   . GLY A 1 108 ? 2.626   -12.382 -11.182 1.00 46.73 ? 108 GLY A C   1 
ATOM 784  O O   . GLY A 1 108 ? 1.450   -12.757 -11.385 1.00 47.10 ? 108 GLY A O   1 
ATOM 785  N N   . SER A 1 109 ? 2.965   -11.393 -10.353 1.00 46.23 ? 109 SER A N   1 
ATOM 786  C CA  . SER A 1 109 ? 1.966   -10.606 -9.661  1.00 46.12 ? 109 SER A CA  1 
ATOM 787  C C   . SER A 1 109 ? 2.196   -9.103  -9.865  1.00 45.26 ? 109 SER A C   1 
ATOM 788  O O   . SER A 1 109 ? 1.839   -8.267  -9.022  1.00 45.25 ? 109 SER A O   1 
ATOM 789  C CB  . SER A 1 109 ? 1.961   -10.972 -8.189  1.00 46.36 ? 109 SER A CB  1 
ATOM 790  O OG  . SER A 1 109 ? 3.198   -10.596 -7.612  1.00 50.00 ? 109 SER A OG  1 
ATOM 791  N N   . LEU A 1 110 ? 2.777   -8.773  -11.012 1.00 44.37 ? 110 LEU A N   1 
ATOM 792  C CA  . LEU A 1 110 ? 2.973   -7.389  -11.404 1.00 43.16 ? 110 LEU A CA  1 
ATOM 793  C C   . LEU A 1 110 ? 2.287   -7.172  -12.729 1.00 42.98 ? 110 LEU A C   1 
ATOM 794  O O   . LEU A 1 110 ? 2.434   -7.949  -13.668 1.00 43.33 ? 110 LEU A O   1 
ATOM 795  C CB  . LEU A 1 110 ? 4.451   -7.061  -11.522 1.00 42.92 ? 110 LEU A CB  1 
ATOM 796  C CG  . LEU A 1 110 ? 5.383   -7.049  -10.318 1.00 41.30 ? 110 LEU A CG  1 
ATOM 797  C CD1 . LEU A 1 110 ? 6.806   -6.826  -10.802 1.00 38.84 ? 110 LEU A CD1 1 
ATOM 798  C CD2 . LEU A 1 110 ? 4.986   -5.997  -9.329  1.00 37.16 ? 110 LEU A CD2 1 
ATOM 799  N N   . CYS A 1 111 ? 1.502   -6.118  -12.773 1.00 42.67 ? 111 CYS A N   1 
ATOM 800  C CA  . CYS A 1 111 ? 0.774   -5.754  -13.946 1.00 42.75 ? 111 CYS A CA  1 
ATOM 801  C C   . CYS A 1 111 ? 1.555   -4.681  -14.689 1.00 42.57 ? 111 CYS A C   1 
ATOM 802  O O   . CYS A 1 111 ? 1.923   -3.643  -14.112 1.00 42.87 ? 111 CYS A O   1 
ATOM 803  C CB  . CYS A 1 111 ? -0.582  -5.246  -13.526 1.00 42.50 ? 111 CYS A CB  1 
ATOM 804  S SG  . CYS A 1 111 ? -1.769  -5.326  -14.810 1.00 47.40 ? 111 CYS A SG  1 
ATOM 805  N N   . ILE A 1 112 ? 1.844   -4.943  -15.959 1.00 42.17 ? 112 ILE A N   1 
ATOM 806  C CA  . ILE A 1 112 ? 2.615   -4.021  -16.779 1.00 42.12 ? 112 ILE A CA  1 
ATOM 807  C C   . ILE A 1 112 ? 1.786   -3.484  -17.944 1.00 42.60 ? 112 ILE A C   1 
ATOM 808  O O   . ILE A 1 112 ? 1.161   -4.251  -18.690 1.00 42.69 ? 112 ILE A O   1 
ATOM 809  C CB  . ILE A 1 112 ? 3.911   -4.679  -17.298 1.00 42.06 ? 112 ILE A CB  1 
ATOM 810  C CG1 . ILE A 1 112 ? 4.743   -5.190  -16.121 1.00 40.83 ? 112 ILE A CG1 1 
ATOM 811  C CG2 . ILE A 1 112 ? 4.698   -3.709  -18.172 1.00 40.87 ? 112 ILE A CG2 1 
ATOM 812  C CD1 . ILE A 1 112 ? 5.753   -6.229  -16.495 1.00 40.73 ? 112 ILE A CD1 1 
ATOM 813  N N   . LYS A 1 113 ? 1.792   -2.162  -18.094 1.00 42.85 ? 113 LYS A N   1 
ATOM 814  C CA  . LYS A 1 113 ? 1.061   -1.498  -19.184 1.00 43.42 ? 113 LYS A CA  1 
ATOM 815  C C   . LYS A 1 113 ? 1.910   -0.464  -19.924 1.00 43.27 ? 113 LYS A C   1 
ATOM 816  O O   . LYS A 1 113 ? 2.732   0.220   -19.323 1.00 42.88 ? 113 LYS A O   1 
ATOM 817  C CB  . LYS A 1 113 ? -0.209  -0.837  -18.634 1.00 43.49 ? 113 LYS A CB  1 
ATOM 818  C CG  . LYS A 1 113 ? -1.032  -1.749  -17.754 1.00 45.70 ? 113 LYS A CG  1 
ATOM 819  C CD  . LYS A 1 113 ? -2.006  -0.962  -16.901 1.00 48.67 ? 113 LYS A CD  1 
ATOM 820  C CE  . LYS A 1 113 ? -3.408  -1.073  -17.484 1.00 50.29 ? 113 LYS A CE  1 
ATOM 821  N NZ  . LYS A 1 113 ? -4.424  -0.734  -16.472 1.00 52.49 ? 113 LYS A NZ  1 
ATOM 822  N N   . MET A 1 114 ? 1.710   -0.362  -21.235 1.00 43.96 ? 114 MET A N   1 
ATOM 823  C CA  . MET A 1 114 ? 2.322   0.700   -22.050 1.00 44.51 ? 114 MET A CA  1 
ATOM 824  C C   . MET A 1 114 ? 1.535   1.045   -23.311 1.00 44.44 ? 114 MET A C   1 
ATOM 825  O O   . MET A 1 114 ? 0.977   0.147   -23.955 1.00 44.39 ? 114 MET A O   1 
ATOM 826  C CB  . MET A 1 114 ? 3.772   0.366   -22.413 1.00 44.78 ? 114 MET A CB  1 
ATOM 827  C CG  . MET A 1 114 ? 3.940   -0.802  -23.358 1.00 46.41 ? 114 MET A CG  1 
ATOM 828  S SD  . MET A 1 114 ? 5.556   -0.701  -24.168 1.00 50.42 ? 114 MET A SD  1 
ATOM 829  C CE  . MET A 1 114 ? 5.161   0.186   -25.668 1.00 46.11 ? 114 MET A CE  1 
ATOM 830  N N   . ASP A 1 115 ? 1.505   2.339   -23.656 1.00 44.37 ? 115 ASP A N   1 
ATOM 831  C CA  . ASP A 1 115 ? 0.947   2.804   -24.943 1.00 44.44 ? 115 ASP A CA  1 
ATOM 832  C C   . ASP A 1 115 ? 1.926   2.573   -26.112 1.00 44.70 ? 115 ASP A C   1 
ATOM 833  O O   . ASP A 1 115 ? 3.043   3.084   -26.121 1.00 44.05 ? 115 ASP A O   1 
ATOM 834  C CB  . ASP A 1 115 ? 0.515   4.283   -24.890 1.00 44.27 ? 115 ASP A CB  1 
ATOM 835  C CG  . ASP A 1 115 ? -0.560  4.619   -25.932 1.00 44.54 ? 115 ASP A CG  1 
ATOM 836  O OD1 . ASP A 1 115 ? -0.844  3.784   -26.818 1.00 44.58 ? 115 ASP A OD1 1 
ATOM 837  O OD2 . ASP A 1 115 ? -1.163  5.708   -25.856 1.00 44.85 ? 115 ASP A OD2 1 
ATOM 838  N N   . GLN A 1 116 ? 1.495   1.783   -27.091 1.00 45.41 ? 116 GLN A N   1 
ATOM 839  C CA  . GLN A 1 116 ? 2.316   1.523   -28.262 1.00 46.76 ? 116 GLN A CA  1 
ATOM 840  C C   . GLN A 1 116 ? 2.319   2.650   -29.308 1.00 47.23 ? 116 GLN A C   1 
ATOM 841  O O   . GLN A 1 116 ? 3.080   2.601   -30.283 1.00 47.34 ? 116 GLN A O   1 
ATOM 842  C CB  . GLN A 1 116 ? 1.873   0.238   -28.918 1.00 47.38 ? 116 GLN A CB  1 
ATOM 843  C CG  . GLN A 1 116 ? 2.693   -0.969  -28.523 1.00 48.75 ? 116 GLN A CG  1 
ATOM 844  C CD  . GLN A 1 116 ? 2.092   -2.216  -29.078 1.00 49.43 ? 116 GLN A CD  1 
ATOM 845  O OE1 . GLN A 1 116 ? 0.910   -2.510  -28.860 1.00 50.23 ? 116 GLN A OE1 1 
ATOM 846  N NE2 . GLN A 1 116 ? 2.891   -2.960  -29.818 1.00 51.20 ? 116 GLN A NE2 1 
ATOM 847  N N   . ALA A 1 117 ? 1.468   3.658   -29.094 1.00 47.33 ? 117 ALA A N   1 
ATOM 848  C CA  . ALA A 1 117 ? 1.337   4.778   -30.002 1.00 47.39 ? 117 ALA A CA  1 
ATOM 849  C C   . ALA A 1 117 ? 2.390   5.831   -29.703 1.00 47.67 ? 117 ALA A C   1 
ATOM 850  O O   . ALA A 1 117 ? 2.550   6.787   -30.463 1.00 48.50 ? 117 ALA A O   1 
ATOM 851  C CB  . ALA A 1 117 ? -0.051  5.374   -29.907 1.00 46.82 ? 117 ALA A CB  1 
ATOM 852  N N   . ILE A 1 118 ? 3.107   5.671   -28.595 1.00 47.37 ? 118 ILE A N   1 
ATOM 853  C CA  . ILE A 1 118 ? 4.070   6.685   -28.200 1.00 47.19 ? 118 ILE A CA  1 
ATOM 854  C C   . ILE A 1 118 ? 5.348   6.414   -28.924 1.00 47.10 ? 118 ILE A C   1 
ATOM 855  O O   . ILE A 1 118 ? 5.867   5.293   -28.866 1.00 47.15 ? 118 ILE A O   1 
ATOM 856  C CB  . ILE A 1 118 ? 4.308   6.697   -26.681 1.00 46.90 ? 118 ILE A CB  1 
ATOM 857  C CG1 . ILE A 1 118 ? 3.010   7.031   -25.973 1.00 48.30 ? 118 ILE A CG1 1 
ATOM 858  C CG2 . ILE A 1 118 ? 5.357   7.714   -26.296 1.00 47.11 ? 118 ILE A CG2 1 
ATOM 859  C CD1 . ILE A 1 118 ? 2.339   8.305   -26.476 1.00 48.49 ? 118 ILE A CD1 1 
ATOM 860  N N   . MET A 1 119 ? 5.834   7.444   -29.620 1.00 47.25 ? 119 MET A N   1 
ATOM 861  C CA  . MET A 1 119 ? 7.109   7.373   -30.341 1.00 47.07 ? 119 MET A CA  1 
ATOM 862  C C   . MET A 1 119 ? 7.920   8.657   -30.378 1.00 46.56 ? 119 MET A C   1 
ATOM 863  O O   . MET A 1 119 ? 7.369   9.754   -30.444 1.00 46.88 ? 119 MET A O   1 
ATOM 864  C CB  . MET A 1 119 ? 6.924   6.811   -31.747 1.00 47.17 ? 119 MET A CB  1 
ATOM 865  C CG  . MET A 1 119 ? 5.674   7.288   -32.487 1.00 48.54 ? 119 MET A CG  1 
ATOM 866  S SD  . MET A 1 119 ? 5.555   6.396   -34.065 1.00 52.24 ? 119 MET A SD  1 
ATOM 867  C CE  . MET A 1 119 ? 5.205   4.704   -33.432 1.00 48.98 ? 119 MET A CE  1 
ATOM 868  N N   . ASP A 1 120 ? 9.237   8.492   -30.307 1.00 46.45 ? 120 ASP A N   1 
ATOM 869  C CA  . ASP A 1 120 ? 10.206  9.584   -30.457 1.00 46.79 ? 120 ASP A CA  1 
ATOM 870  C C   . ASP A 1 120 ? 10.204  10.573  -29.343 1.00 46.25 ? 120 ASP A C   1 
ATOM 871  O O   . ASP A 1 120 ? 10.612  11.726  -29.532 1.00 46.98 ? 120 ASP A O   1 
ATOM 872  C CB  . ASP A 1 120 ? 9.982   10.355  -31.756 1.00 46.94 ? 120 ASP A CB  1 
ATOM 873  C CG  . ASP A 1 120 ? 10.058  9.483   -32.959 1.00 46.92 ? 120 ASP A CG  1 
ATOM 874  O OD1 . ASP A 1 120 ? 9.315   9.791   -33.903 1.00 51.21 ? 120 ASP A OD1 1 
ATOM 875  O OD2 . ASP A 1 120 ? 10.844  8.508   -32.974 1.00 46.49 ? 120 ASP A OD2 1 
ATOM 876  N N   . LYS A 1 121 ? 9.742   10.126  -28.190 1.00 45.82 ? 121 LYS A N   1 
ATOM 877  C CA  . LYS A 1 121 ? 9.591   10.989  -27.031 1.00 45.08 ? 121 LYS A CA  1 
ATOM 878  C C   . LYS A 1 121 ? 10.683  10.661  -26.047 1.00 44.72 ? 121 LYS A C   1 
ATOM 879  O O   . LYS A 1 121 ? 11.226  9.558   -26.060 1.00 45.71 ? 121 LYS A O   1 
ATOM 880  C CB  . LYS A 1 121 ? 8.210   10.757  -26.391 1.00 45.35 ? 121 LYS A CB  1 
ATOM 881  C CG  . LYS A 1 121 ? 6.987   11.161  -27.256 1.00 44.46 ? 121 LYS A CG  1 
ATOM 882  C CD  . LYS A 1 121 ? 6.961   12.643  -27.514 1.00 45.55 ? 121 LYS A CD  1 
ATOM 883  C CE  . LYS A 1 121 ? 5.785   13.038  -28.382 1.00 46.36 ? 121 LYS A CE  1 
ATOM 884  N NZ  . LYS A 1 121 ? 6.056   12.833  -29.870 1.00 46.35 ? 121 LYS A NZ  1 
ATOM 885  N N   . THR A 1 122 ? 11.030  11.624  -25.211 1.00 44.24 ? 122 THR A N   1 
ATOM 886  C CA  . THR A 1 122 ? 11.805  11.337  -24.013 1.00 44.01 ? 122 THR A CA  1 
ATOM 887  C C   . THR A 1 122 ? 10.860  11.027  -22.861 1.00 43.66 ? 122 THR A C   1 
ATOM 888  O O   . THR A 1 122 ? 9.877   11.745  -22.602 1.00 42.82 ? 122 THR A O   1 
ATOM 889  C CB  . THR A 1 122 ? 12.658  12.510  -23.626 1.00 43.93 ? 122 THR A CB  1 
ATOM 890  O OG1 . THR A 1 122 ? 13.225  13.049  -24.823 1.00 47.44 ? 122 THR A OG1 1 
ATOM 891  C CG2 . THR A 1 122 ? 13.776  12.076  -22.680 1.00 43.21 ? 122 THR A CG2 1 
ATOM 892  N N   . ILE A 1 123 ? 11.188  9.949   -22.165 1.00 43.55 ? 123 ILE A N   1 
ATOM 893  C CA  . ILE A 1 123 ? 10.328  9.380   -21.149 1.00 43.05 ? 123 ILE A CA  1 
ATOM 894  C C   . ILE A 1 123 ? 11.141  9.118   -19.899 1.00 43.85 ? 123 ILE A C   1 
ATOM 895  O O   . ILE A 1 123 ? 12.276  8.613   -19.962 1.00 43.92 ? 123 ILE A O   1 
ATOM 896  C CB  . ILE A 1 123 ? 9.717   8.068   -21.630 1.00 42.43 ? 123 ILE A CB  1 
ATOM 897  C CG1 . ILE A 1 123 ? 8.804   8.312   -22.838 1.00 41.07 ? 123 ILE A CG1 1 
ATOM 898  C CG2 . ILE A 1 123 ? 8.996   7.370   -20.497 1.00 43.19 ? 123 ILE A CG2 1 
ATOM 899  C CD1 . ILE A 1 123 ? 8.432   7.078   -23.587 1.00 38.38 ? 123 ILE A CD1 1 
ATOM 900  N N   . ILE A 1 124 ? 10.557  9.466   -18.752 1.00 44.00 ? 124 ILE A N   1 
ATOM 901  C CA  . ILE A 1 124 ? 11.163  9.130   -17.476 1.00 43.96 ? 124 ILE A CA  1 
ATOM 902  C C   . ILE A 1 124 ? 10.238  8.213   -16.660 1.00 44.28 ? 124 ILE A C   1 
ATOM 903  O O   . ILE A 1 124 ? 9.011   8.419   -16.649 1.00 44.70 ? 124 ILE A O   1 
ATOM 904  C CB  . ILE A 1 124 ? 11.575  10.411  -16.712 1.00 43.75 ? 124 ILE A CB  1 
ATOM 905  C CG1 . ILE A 1 124 ? 12.399  10.059  -15.479 1.00 44.26 ? 124 ILE A CG1 1 
ATOM 906  C CG2 . ILE A 1 124 ? 10.370  11.242  -16.343 1.00 43.69 ? 124 ILE A CG2 1 
ATOM 907  C CD1 . ILE A 1 124 ? 12.593  11.264  -14.581 1.00 45.97 ? 124 ILE A CD1 1 
ATOM 908  N N   . LEU A 1 125 ? 10.823  7.199   -16.010 1.00 44.02 ? 125 LEU A N   1 
ATOM 909  C CA  . LEU A 1 125 ? 10.088  6.325   -15.078 1.00 43.65 ? 125 LEU A CA  1 
ATOM 910  C C   . LEU A 1 125 ? 10.238  6.802   -13.635 1.00 44.04 ? 125 LEU A C   1 
ATOM 911  O O   . LEU A 1 125 ? 11.338  7.130   -13.175 1.00 44.49 ? 125 LEU A O   1 
ATOM 912  C CB  . LEU A 1 125 ? 10.557  4.874   -15.167 1.00 43.52 ? 125 LEU A CB  1 
ATOM 913  C CG  . LEU A 1 125 ? 10.756  4.148   -16.501 1.00 43.06 ? 125 LEU A CG  1 
ATOM 914  C CD1 . LEU A 1 125 ? 10.992  2.697   -16.251 1.00 41.26 ? 125 LEU A CD1 1 
ATOM 915  C CD2 . LEU A 1 125 ? 9.593   4.298   -17.424 1.00 42.21 ? 125 LEU A CD2 1 
ATOM 916  N N   . LYS A 1 126 ? 9.126   6.847   -12.920 1.00 43.80 ? 126 LYS A N   1 
ATOM 917  C CA  . LYS A 1 126 ? 9.146   7.239   -11.515 1.00 43.70 ? 126 LYS A CA  1 
ATOM 918  C C   . LYS A 1 126 ? 8.530   6.139   -10.672 1.00 43.97 ? 126 LYS A C   1 
ATOM 919  O O   . LYS A 1 126 ? 7.606   5.445   -11.126 1.00 44.54 ? 126 LYS A O   1 
ATOM 920  C CB  . LYS A 1 126 ? 8.366   8.534   -11.314 1.00 43.70 ? 126 LYS A CB  1 
ATOM 921  C CG  . LYS A 1 126 ? 9.021   9.783   -11.891 1.00 42.20 ? 126 LYS A CG  1 
ATOM 922  C CD  . LYS A 1 126 ? 8.082   10.950  -11.736 1.00 41.79 ? 126 LYS A CD  1 
ATOM 923  C CE  . LYS A 1 126 ? 8.555   12.178  -12.462 1.00 44.16 ? 126 LYS A CE  1 
ATOM 924  N NZ  . LYS A 1 126 ? 7.956   13.428  -11.776 1.00 50.81 ? 126 LYS A NZ  1 
ATOM 925  N N   . ALA A 1 127 ? 9.022   5.963   -9.452  1.00 43.87 ? 127 ALA A N   1 
ATOM 926  C CA  . ALA A 1 127 ? 8.472   4.904   -8.596  1.00 43.71 ? 127 ALA A CA  1 
ATOM 927  C C   . ALA A 1 127 ? 8.305   5.301   -7.144  1.00 43.72 ? 127 ALA A C   1 
ATOM 928  O O   . ALA A 1 127 ? 9.041   6.140   -6.636  1.00 42.98 ? 127 ALA A O   1 
ATOM 929  C CB  . ALA A 1 127 ? 9.295   3.642   -8.710  1.00 43.36 ? 127 ALA A CB  1 
ATOM 930  N N   . ASN A 1 128 ? 7.283   4.715   -6.523  1.00 44.43 ? 128 ASN A N   1 
ATOM 931  C CA  . ASN A 1 128 ? 7.067   4.746   -5.079  1.00 45.23 ? 128 ASN A CA  1 
ATOM 932  C C   . ASN A 1 128 ? 7.130   3.330   -4.558  1.00 46.54 ? 128 ASN A C   1 
ATOM 933  O O   . ASN A 1 128 ? 6.351   2.466   -4.974  1.00 46.41 ? 128 ASN A O   1 
ATOM 934  C CB  . ASN A 1 128 ? 5.707   5.316   -4.740  1.00 44.71 ? 128 ASN A CB  1 
ATOM 935  C CG  . ASN A 1 128 ? 5.642   6.805   -4.927  1.00 46.37 ? 128 ASN A CG  1 
ATOM 936  O OD1 . ASN A 1 128 ? 6.462   7.402   -5.662  1.00 49.41 ? 128 ASN A OD1 1 
ATOM 937  N ND2 . ASN A 1 128 ? 4.673   7.438   -4.265  1.00 45.34 ? 128 ASN A ND2 1 
ATOM 938  N N   . PHE A 1 129 ? 8.063   3.082   -3.643  1.00 47.98 ? 129 PHE A N   1 
ATOM 939  C CA  . PHE A 1 129 ? 8.255   1.729   -3.126  1.00 49.12 ? 129 PHE A CA  1 
ATOM 940  C C   . PHE A 1 129 ? 8.931   1.716   -1.766  1.00 50.24 ? 129 PHE A C   1 
ATOM 941  O O   . PHE A 1 129 ? 9.493   2.720   -1.334  1.00 50.51 ? 129 PHE A O   1 
ATOM 942  C CB  . PHE A 1 129 ? 9.093   0.917   -4.109  1.00 48.59 ? 129 PHE A CB  1 
ATOM 943  C CG  . PHE A 1 129 ? 10.424  1.526   -4.422  1.00 47.70 ? 129 PHE A CG  1 
ATOM 944  C CD1 . PHE A 1 129 ? 10.549  2.458   -5.453  1.00 46.35 ? 129 PHE A CD1 1 
ATOM 945  C CD2 . PHE A 1 129 ? 11.561  1.150   -3.702  1.00 46.80 ? 129 PHE A CD2 1 
ATOM 946  C CE1 . PHE A 1 129 ? 11.778  3.020   -5.762  1.00 45.93 ? 129 PHE A CE1 1 
ATOM 947  C CE2 . PHE A 1 129 ? 12.812  1.687   -4.014  1.00 46.25 ? 129 PHE A CE2 1 
ATOM 948  C CZ  . PHE A 1 129 ? 12.919  2.631   -5.046  1.00 46.78 ? 129 PHE A CZ  1 
ATOM 949  N N   . SER A 1 130 ? 8.905   0.564   -1.104  1.00 51.46 ? 130 SER A N   1 
ATOM 950  C CA  . SER A 1 130 ? 9.593   0.416   0.183   1.00 52.22 ? 130 SER A CA  1 
ATOM 951  C C   . SER A 1 130 ? 10.967  -0.188  -0.050  1.00 52.48 ? 130 SER A C   1 
ATOM 952  O O   . SER A 1 130 ? 11.194  -0.823  -1.077  1.00 52.41 ? 130 SER A O   1 
ATOM 953  C CB  . SER A 1 130 ? 8.755   -0.422  1.167   1.00 52.06 ? 130 SER A CB  1 
ATOM 954  O OG  . SER A 1 130 ? 8.729   -1.795  0.782   1.00 53.63 ? 130 SER A OG  1 
ATOM 955  N N   . VAL A 1 131 ? 11.877  0.041   0.903   1.00 53.60 ? 131 VAL A N   1 
ATOM 956  C CA  . VAL A 1 131 ? 13.281  -0.374  0.791   1.00 54.38 ? 131 VAL A CA  1 
ATOM 957  C C   . VAL A 1 131 ? 13.806  -1.014  2.096   1.00 54.99 ? 131 VAL A C   1 
ATOM 958  O O   . VAL A 1 131 ? 13.432  -0.604  3.212   1.00 55.51 ? 131 VAL A O   1 
ATOM 959  C CB  . VAL A 1 131 ? 14.188  0.816   0.370   1.00 54.35 ? 131 VAL A CB  1 
ATOM 960  C CG1 . VAL A 1 131 ? 14.118  1.930   1.404   1.00 54.16 ? 131 VAL A CG1 1 
ATOM 961  C CG2 . VAL A 1 131 ? 15.659  0.364   0.157   1.00 54.57 ? 131 VAL A CG2 1 
ATOM 962  N N   . ILE A 1 132 ? 14.638  -2.043  1.932   1.00 55.42 ? 132 ILE A N   1 
ATOM 963  C CA  . ILE A 1 132 ? 15.378  -2.664  3.033   1.00 55.92 ? 132 ILE A CA  1 
ATOM 964  C C   . ILE A 1 132 ? 16.811  -2.892  2.533   1.00 56.43 ? 132 ILE A C   1 
ATOM 965  O O   . ILE A 1 132 ? 17.007  -3.416  1.430   1.00 56.81 ? 132 ILE A O   1 
ATOM 966  C CB  . ILE A 1 132 ? 14.749  -4.009  3.513   1.00 55.61 ? 132 ILE A CB  1 
ATOM 967  C CG1 . ILE A 1 132 ? 14.646  -5.011  2.343   1.00 55.89 ? 132 ILE A CG1 1 
ATOM 968  C CG2 . ILE A 1 132 ? 13.359  -3.761  4.149   1.00 55.87 ? 132 ILE A CG2 1 
ATOM 969  C CD1 . ILE A 1 132 ? 15.086  -6.463  2.693   1.00 56.18 ? 132 ILE A CD1 1 
ATOM 970  N N   . PHE A 1 133 ? 17.800  -2.478  3.323   1.00 56.67 ? 133 PHE A N   1 
ATOM 971  C CA  . PHE A 1 133 ? 19.189  -2.532  2.890   1.00 57.45 ? 133 PHE A CA  1 
ATOM 972  C C   . PHE A 1 133 ? 19.438  -1.496  1.792   1.00 57.83 ? 133 PHE A C   1 
ATOM 973  O O   . PHE A 1 133 ? 19.273  -0.282  1.997   1.00 57.68 ? 133 PHE A O   1 
ATOM 974  C CB  . PHE A 1 133 ? 19.550  -3.953  2.421   1.00 57.54 ? 133 PHE A CB  1 
ATOM 975  C CG  . PHE A 1 133 ? 19.767  -4.923  3.553   1.00 59.24 ? 133 PHE A CG  1 
ATOM 976  C CD1 . PHE A 1 133 ? 18.693  -5.316  4.377   1.00 60.92 ? 133 PHE A CD1 1 
ATOM 977  C CD2 . PHE A 1 133 ? 21.037  -5.429  3.814   1.00 59.23 ? 133 PHE A CD2 1 
ATOM 978  C CE1 . PHE A 1 133 ? 18.891  -6.200  5.441   1.00 60.98 ? 133 PHE A CE1 1 
ATOM 979  C CE2 . PHE A 1 133 ? 21.249  -6.313  4.868   1.00 60.91 ? 133 PHE A CE2 1 
ATOM 980  C CZ  . PHE A 1 133 ? 20.174  -6.702  5.685   1.00 61.49 ? 133 PHE A CZ  1 
ATOM 981  N N   . ASP A 1 134 ? 19.827  -1.985  0.622   1.00 58.29 ? 134 ASP A N   1 
ATOM 982  C CA  . ASP A 1 134 ? 20.046  -1.141  -0.535  1.00 58.73 ? 134 ASP A CA  1 
ATOM 983  C C   . ASP A 1 134 ? 19.321  -1.768  -1.724  1.00 58.40 ? 134 ASP A C   1 
ATOM 984  O O   . ASP A 1 134 ? 19.767  -1.641  -2.878  1.00 58.56 ? 134 ASP A O   1 
ATOM 985  C CB  . ASP A 1 134 ? 21.547  -1.027  -0.821  1.00 59.36 ? 134 ASP A CB  1 
ATOM 986  C CG  . ASP A 1 134 ? 22.186  -2.379  -1.168  1.00 61.64 ? 134 ASP A CG  1 
ATOM 987  O OD1 . ASP A 1 134 ? 21.719  -3.435  -0.644  1.00 63.86 ? 134 ASP A OD1 1 
ATOM 988  O OD2 . ASP A 1 134 ? 23.159  -2.381  -1.973  1.00 64.59 ? 134 ASP A OD2 1 
ATOM 989  N N   . ARG A 1 135 ? 18.202  -2.443  -1.433  1.00 57.73 ? 135 ARG A N   1 
ATOM 990  C CA  . ARG A 1 135 ? 17.416  -3.129  -2.458  1.00 56.86 ? 135 ARG A CA  1 
ATOM 991  C C   . ARG A 1 135 ? 15.936  -2.917  -2.243  1.00 56.05 ? 135 ARG A C   1 
ATOM 992  O O   . ARG A 1 135 ? 15.490  -2.727  -1.109  1.00 56.21 ? 135 ARG A O   1 
ATOM 993  C CB  . ARG A 1 135 ? 17.732  -4.629  -2.478  1.00 57.25 ? 135 ARG A CB  1 
ATOM 994  C CG  . ARG A 1 135 ? 17.848  -5.277  -1.107  1.00 57.43 ? 135 ARG A CG  1 
ATOM 995  C CD  . ARG A 1 135 ? 17.715  -6.792  -1.182  1.00 58.62 ? 135 ARG A CD  1 
ATOM 996  N NE  . ARG A 1 135 ? 16.370  -7.165  -1.638  1.00 59.87 ? 135 ARG A NE  1 
ATOM 997  C CZ  . ARG A 1 135 ? 15.827  -8.386  -1.558  1.00 59.67 ? 135 ARG A CZ  1 
ATOM 998  N NH1 . ARG A 1 135 ? 16.498  -9.405  -1.017  1.00 58.91 ? 135 ARG A NH1 1 
ATOM 999  N NH2 . ARG A 1 135 ? 14.589  -8.576  -2.029  1.00 59.96 ? 135 ARG A NH2 1 
ATOM 1000 N N   . LEU A 1 136 ? 15.179  -2.971  -3.339  1.00 55.08 ? 136 LEU A N   1 
ATOM 1001 C CA  . LEU A 1 136 ? 13.720  -2.803  -3.311  1.00 54.11 ? 136 LEU A CA  1 
ATOM 1002 C C   . LEU A 1 136 ? 13.018  -4.025  -2.698  1.00 53.80 ? 136 LEU A C   1 
ATOM 1003 O O   . LEU A 1 136 ? 13.353  -5.173  -3.016  1.00 54.23 ? 136 LEU A O   1 
ATOM 1004 C CB  . LEU A 1 136 ? 13.217  -2.548  -4.744  1.00 53.80 ? 136 LEU A CB  1 
ATOM 1005 C CG  . LEU A 1 136 ? 11.748  -2.183  -5.005  1.00 52.81 ? 136 LEU A CG  1 
ATOM 1006 C CD1 . LEU A 1 136 ? 11.602  -1.227  -6.187  1.00 50.93 ? 136 LEU A CD1 1 
ATOM 1007 C CD2 . LEU A 1 136 ? 10.905  -3.432  -5.217  1.00 52.72 ? 136 LEU A CD2 1 
ATOM 1008 N N   . GLU A 1 137 ? 12.039  -3.789  -1.842  1.00 52.88 ? 137 GLU A N   1 
ATOM 1009 C CA  . GLU A 1 137 ? 11.286  -4.896  -1.300  1.00 52.66 ? 137 GLU A CA  1 
ATOM 1010 C C   . GLU A 1 137 ? 9.862   -4.920  -1.841  1.00 51.96 ? 137 GLU A C   1 
ATOM 1011 O O   . GLU A 1 137 ? 9.403   -5.964  -2.309  1.00 52.24 ? 137 GLU A O   1 
ATOM 1012 C CB  . GLU A 1 137 ? 11.302  -4.879  0.236   1.00 53.11 ? 137 GLU A CB  1 
ATOM 1013 C CG  . GLU A 1 137 ? 10.549  -6.048  0.901   1.00 55.06 ? 137 GLU A CG  1 
ATOM 1014 C CD  . GLU A 1 137 ? 11.285  -7.401  0.784   1.00 58.29 ? 137 GLU A CD  1 
ATOM 1015 O OE1 . GLU A 1 137 ? 12.372  -7.566  1.420   1.00 58.79 ? 137 GLU A OE1 1 
ATOM 1016 O OE2 . GLU A 1 137 ? 10.776  -8.311  0.073   1.00 59.69 ? 137 GLU A OE2 1 
ATOM 1017 N N   . THR A 1 138 ? 9.155   -3.792  -1.780  1.00 50.67 ? 138 THR A N   1 
ATOM 1018 C CA  . THR A 1 138 ? 7.758   -3.764  -2.221  1.00 49.93 ? 138 THR A CA  1 
ATOM 1019 C C   . THR A 1 138 ? 7.410   -2.512  -3.006  1.00 49.81 ? 138 THR A C   1 
ATOM 1020 O O   . THR A 1 138 ? 7.474   -1.389  -2.480  1.00 50.28 ? 138 THR A O   1 
ATOM 1021 C CB  . THR A 1 138 ? 6.783   -3.874  -1.043  1.00 49.65 ? 138 THR A CB  1 
ATOM 1022 O OG1 . THR A 1 138 ? 7.044   -5.089  -0.324  1.00 51.07 ? 138 THR A OG1 1 
ATOM 1023 C CG2 . THR A 1 138 ? 5.326   -3.840  -1.538  1.00 48.43 ? 138 THR A CG2 1 
ATOM 1024 N N   . LEU A 1 139 ? 7.012   -2.709  -4.258  1.00 49.02 ? 139 LEU A N   1 
ATOM 1025 C CA  . LEU A 1 139 ? 6.605   -1.618  -5.107  1.00 47.47 ? 139 LEU A CA  1 
ATOM 1026 C C   . LEU A 1 139 ? 5.171   -1.236  -4.791  1.00 47.22 ? 139 LEU A C   1 
ATOM 1027 O O   . LEU A 1 139 ? 4.324   -2.096  -4.604  1.00 47.48 ? 139 LEU A O   1 
ATOM 1028 C CB  . LEU A 1 139 ? 6.759   -2.030  -6.571  1.00 47.33 ? 139 LEU A CB  1 
ATOM 1029 C CG  . LEU A 1 139 ? 6.342   -1.054  -7.663  1.00 45.10 ? 139 LEU A CG  1 
ATOM 1030 C CD1 . LEU A 1 139 ? 7.434   -0.061  -7.899  1.00 43.64 ? 139 LEU A CD1 1 
ATOM 1031 C CD2 . LEU A 1 139 ? 6.077   -1.847  -8.904  1.00 45.33 ? 139 LEU A CD2 1 
ATOM 1032 N N   . ILE A 1 140 ? 4.893   0.057   -4.724  1.00 47.29 ? 140 ILE A N   1 
ATOM 1033 C CA  . ILE A 1 140 ? 3.500   0.518   -4.648  1.00 47.14 ? 140 ILE A CA  1 
ATOM 1034 C C   . ILE A 1 140 ? 2.983   0.865   -6.024  1.00 46.77 ? 140 ILE A C   1 
ATOM 1035 O O   . ILE A 1 140 ? 1.845   0.497   -6.355  1.00 47.44 ? 140 ILE A O   1 
ATOM 1036 C CB  . ILE A 1 140 ? 3.314   1.707   -3.694  1.00 47.43 ? 140 ILE A CB  1 
ATOM 1037 C CG1 . ILE A 1 140 ? 3.976   1.374   -2.340  1.00 47.82 ? 140 ILE A CG1 1 
ATOM 1038 C CG2 . ILE A 1 140 ? 1.810   2.072   -3.539  1.00 46.23 ? 140 ILE A CG2 1 
ATOM 1039 C CD1 . ILE A 1 140 ? 3.325   0.238   -1.571  1.00 47.62 ? 140 ILE A CD1 1 
ATOM 1040 N N   . LEU A 1 141 ? 3.811   1.556   -6.808  1.00 45.41 ? 141 LEU A N   1 
ATOM 1041 C CA  . LEU A 1 141 ? 3.453   1.983   -8.155  1.00 44.68 ? 141 LEU A CA  1 
ATOM 1042 C C   . LEU A 1 141 ? 4.661   2.574   -8.865  1.00 43.83 ? 141 LEU A C   1 
ATOM 1043 O O   . LEU A 1 141 ? 5.446   3.270   -8.236  1.00 43.90 ? 141 LEU A O   1 
ATOM 1044 C CB  . LEU A 1 141 ? 2.324   3.014   -8.113  1.00 44.48 ? 141 LEU A CB  1 
ATOM 1045 C CG  . LEU A 1 141 ? 1.581   3.234   -9.429  1.00 45.04 ? 141 LEU A CG  1 
ATOM 1046 C CD1 . LEU A 1 141 ? 0.881   1.946   -9.820  1.00 44.78 ? 141 LEU A CD1 1 
ATOM 1047 C CD2 . LEU A 1 141 ? 0.559   4.374   -9.341  1.00 43.13 ? 141 LEU A CD2 1 
ATOM 1048 N N   . LEU A 1 142 ? 4.821   2.230   -10.147 1.00 42.79 ? 142 LEU A N   1 
ATOM 1049 C CA  . LEU A 1 142 ? 5.775   2.845   -11.084 1.00 41.95 ? 142 LEU A CA  1 
ATOM 1050 C C   . LEU A 1 142 ? 5.011   3.410   -12.265 1.00 41.09 ? 142 LEU A C   1 
ATOM 1051 O O   . LEU A 1 142 ? 4.095   2.774   -12.760 1.00 39.88 ? 142 LEU A O   1 
ATOM 1052 C CB  . LEU A 1 142 ? 6.855   1.865   -11.584 1.00 41.97 ? 142 LEU A CB  1 
ATOM 1053 C CG  . LEU A 1 142 ? 7.963   2.400   -12.532 1.00 43.20 ? 142 LEU A CG  1 
ATOM 1054 C CD1 . LEU A 1 142 ? 9.293   1.712   -12.346 1.00 43.08 ? 142 LEU A CD1 1 
ATOM 1055 C CD2 . LEU A 1 142 ? 7.589   2.363   -14.006 1.00 43.91 ? 142 LEU A CD2 1 
ATOM 1056 N N   . ARG A 1 143 ? 5.399   4.613   -12.703 1.00 40.89 ? 143 ARG A N   1 
ATOM 1057 C CA  . ARG A 1 143 ? 4.796   5.237   -13.890 1.00 40.66 ? 143 ARG A CA  1 
ATOM 1058 C C   . ARG A 1 143 ? 5.790   5.900   -14.842 1.00 40.83 ? 143 ARG A C   1 
ATOM 1059 O O   . ARG A 1 143 ? 6.735   6.544   -14.423 1.00 41.02 ? 143 ARG A O   1 
ATOM 1060 C CB  . ARG A 1 143 ? 3.691   6.205   -13.486 1.00 39.84 ? 143 ARG A CB  1 
ATOM 1061 C CG  . ARG A 1 143 ? 2.368   5.525   -13.278 1.00 39.76 ? 143 ARG A CG  1 
ATOM 1062 C CD  . ARG A 1 143 ? 1.302   6.449   -12.741 1.00 40.21 ? 143 ARG A CD  1 
ATOM 1063 N NE  . ARG A 1 143 ? -0.007  5.789   -12.761 1.00 40.79 ? 143 ARG A NE  1 
ATOM 1064 C CZ  . ARG A 1 143 ? -1.184  6.387   -12.550 1.00 41.68 ? 143 ARG A CZ  1 
ATOM 1065 N NH1 . ARG A 1 143 ? -1.299  7.685   -12.268 1.00 42.27 ? 143 ARG A NH1 1 
ATOM 1066 N NH2 . ARG A 1 143 ? -2.272  5.673   -12.609 1.00 42.83 ? 143 ARG A NH2 1 
ATOM 1067 N N   . ALA A 1 144 ? 5.568   5.704   -16.135 1.00 41.01 ? 144 ALA A N   1 
ATOM 1068 C CA  . ALA A 1 144 ? 6.358   6.324   -17.192 1.00 40.37 ? 144 ALA A CA  1 
ATOM 1069 C C   . ALA A 1 144 ? 5.729   7.637   -17.600 1.00 40.83 ? 144 ALA A C   1 
ATOM 1070 O O   . ALA A 1 144 ? 4.552   7.663   -17.942 1.00 40.72 ? 144 ALA A O   1 
ATOM 1071 C CB  . ALA A 1 144 ? 6.408   5.421   -18.389 1.00 39.81 ? 144 ALA A CB  1 
ATOM 1072 N N   . PHE A 1 145 ? 6.526   8.708   -17.614 1.00 40.74 ? 145 PHE A N   1 
ATOM 1073 C CA  . PHE A 1 145 ? 6.011   10.015  -17.963 1.00 41.37 ? 145 PHE A CA  1 
ATOM 1074 C C   . PHE A 1 145 ? 6.768   10.599  -19.142 1.00 41.91 ? 145 PHE A C   1 
ATOM 1075 O O   . PHE A 1 145 ? 7.974   10.436  -19.239 1.00 42.62 ? 145 PHE A O   1 
ATOM 1076 C CB  . PHE A 1 145 ? 6.140   10.990  -16.783 1.00 41.39 ? 145 PHE A CB  1 
ATOM 1077 C CG  . PHE A 1 145 ? 5.357   10.602  -15.536 1.00 40.62 ? 145 PHE A CG  1 
ATOM 1078 C CD1 . PHE A 1 145 ? 4.098   11.155  -15.284 1.00 39.93 ? 145 PHE A CD1 1 
ATOM 1079 C CD2 . PHE A 1 145 ? 5.901   9.741   -14.587 1.00 39.45 ? 145 PHE A CD2 1 
ATOM 1080 C CE1 . PHE A 1 145 ? 3.387   10.830  -14.133 1.00 38.25 ? 145 PHE A CE1 1 
ATOM 1081 C CE2 . PHE A 1 145 ? 5.192   9.413   -13.428 1.00 38.52 ? 145 PHE A CE2 1 
ATOM 1082 C CZ  . PHE A 1 145 ? 3.939   9.957   -13.207 1.00 38.17 ? 145 PHE A CZ  1 
ATOM 1083 N N   . THR A 1 146 ? 6.058   11.285  -20.030 1.00 41.98 ? 146 THR A N   1 
ATOM 1084 C CA  . THR A 1 146 ? 6.684   12.040  -21.094 1.00 42.27 ? 146 THR A CA  1 
ATOM 1085 C C   . THR A 1 146 ? 7.160   13.346  -20.501 1.00 42.27 ? 146 THR A C   1 
ATOM 1086 O O   . THR A 1 146 ? 6.740   13.713  -19.423 1.00 42.45 ? 146 THR A O   1 
ATOM 1087 C CB  . THR A 1 146 ? 5.714   12.342  -22.278 1.00 42.43 ? 146 THR A CB  1 
ATOM 1088 O OG1 . THR A 1 146 ? 4.570   13.090  -21.828 1.00 43.56 ? 146 THR A OG1 1 
ATOM 1089 C CG2 . THR A 1 146 ? 5.215   11.088  -22.903 1.00 43.26 ? 146 THR A CG2 1 
ATOM 1090 N N   . GLU A 1 147 ? 8.035   14.050  -21.209 1.00 42.48 ? 147 GLU A N   1 
ATOM 1091 C CA  . GLU A 1 147 ? 8.464   15.387  -20.801 1.00 42.61 ? 147 GLU A CA  1 
ATOM 1092 C C   . GLU A 1 147 ? 7.289   16.331  -20.704 1.00 42.40 ? 147 GLU A C   1 
ATOM 1093 O O   . GLU A 1 147 ? 7.293   17.249  -19.892 1.00 42.72 ? 147 GLU A O   1 
ATOM 1094 C CB  . GLU A 1 147 ? 9.536   15.963  -21.748 1.00 42.24 ? 147 GLU A CB  1 
ATOM 1095 C CG  . GLU A 1 147 ? 10.910  15.296  -21.655 1.00 42.78 ? 147 GLU A CG  1 
ATOM 1096 C CD  . GLU A 1 147 ? 11.639  15.441  -20.291 1.00 45.99 ? 147 GLU A CD  1 
ATOM 1097 O OE1 . GLU A 1 147 ? 12.574  14.629  -20.055 1.00 45.86 ? 147 GLU A OE1 1 
ATOM 1098 O OE2 . GLU A 1 147 ? 11.316  16.352  -19.468 1.00 46.77 ? 147 GLU A OE2 1 
ATOM 1099 N N   . GLU A 1 148 ? 6.280   16.099  -21.533 1.00 42.41 ? 148 GLU A N   1 
ATOM 1100 C CA  . GLU A 1 148 ? 5.042   16.875  -21.474 1.00 42.82 ? 148 GLU A CA  1 
ATOM 1101 C C   . GLU A 1 148 ? 4.138   16.458  -20.318 1.00 42.03 ? 148 GLU A C   1 
ATOM 1102 O O   . GLU A 1 148 ? 3.134   17.093  -20.062 1.00 41.70 ? 148 GLU A O   1 
ATOM 1103 C CB  . GLU A 1 148 ? 4.296   16.867  -22.826 1.00 43.52 ? 148 GLU A CB  1 
ATOM 1104 C CG  . GLU A 1 148 ? 4.672   15.717  -23.816 1.00 47.80 ? 148 GLU A CG  1 
ATOM 1105 C CD  . GLU A 1 148 ? 6.015   15.949  -24.548 1.00 51.60 ? 148 GLU A CD  1 
ATOM 1106 O OE1 . GLU A 1 148 ? 6.622   14.945  -25.039 1.00 51.29 ? 148 GLU A OE1 1 
ATOM 1107 O OE2 . GLU A 1 148 ? 6.456   17.133  -24.625 1.00 52.52 ? 148 GLU A OE2 1 
ATOM 1108 N N   . GLY A 1 149 ? 4.503   15.388  -19.616 1.00 41.67 ? 149 GLY A N   1 
ATOM 1109 C CA  . GLY A 1 149 ? 3.800   15.011  -18.400 1.00 41.20 ? 149 GLY A CA  1 
ATOM 1110 C C   . GLY A 1 149 ? 2.698   13.980  -18.559 1.00 41.31 ? 149 GLY A C   1 
ATOM 1111 O O   . GLY A 1 149 ? 2.021   13.646  -17.593 1.00 41.40 ? 149 GLY A O   1 
ATOM 1112 N N   . ALA A 1 150 ? 2.511   13.456  -19.768 1.00 41.08 ? 150 ALA A N   1 
ATOM 1113 C CA  . ALA A 1 150 ? 1.515   12.413  -19.993 1.00 40.75 ? 150 ALA A CA  1 
ATOM 1114 C C   . ALA A 1 150 ? 2.021   11.071  -19.477 1.00 40.83 ? 150 ALA A C   1 
ATOM 1115 O O   . ALA A 1 150 ? 3.218   10.762  -19.586 1.00 40.68 ? 150 ALA A O   1 
ATOM 1116 C CB  . ALA A 1 150 ? 1.174   12.320  -21.466 1.00 40.99 ? 150 ALA A CB  1 
ATOM 1117 N N   . ILE A 1 151 ? 1.119   10.281  -18.898 1.00 40.65 ? 151 ILE A N   1 
ATOM 1118 C CA  . ILE A 1 151 ? 1.476   8.951   -18.408 1.00 40.63 ? 151 ILE A CA  1 
ATOM 1119 C C   . ILE A 1 151 ? 1.395   8.009   -19.596 1.00 40.73 ? 151 ILE A C   1 
ATOM 1120 O O   . ILE A 1 151 ? 0.391   7.982   -20.267 1.00 41.49 ? 151 ILE A O   1 
ATOM 1121 C CB  . ILE A 1 151 ? 0.580   8.494   -17.236 1.00 40.82 ? 151 ILE A CB  1 
ATOM 1122 C CG1 . ILE A 1 151 ? 0.693   9.493   -16.070 1.00 41.38 ? 151 ILE A CG1 1 
ATOM 1123 C CG2 . ILE A 1 151 ? 0.963   7.069   -16.751 1.00 39.95 ? 151 ILE A CG2 1 
ATOM 1124 C CD1 . ILE A 1 151 ? -0.485  9.520   -15.124 1.00 39.85 ? 151 ILE A CD1 1 
ATOM 1125 N N   . VAL A 1 152 ? 2.469   7.284   -19.878 1.00 40.47 ? 152 VAL A N   1 
ATOM 1126 C CA  . VAL A 1 152 ? 2.491   6.372   -21.010 1.00 41.61 ? 152 VAL A CA  1 
ATOM 1127 C C   . VAL A 1 152 ? 2.887   4.923   -20.664 1.00 42.49 ? 152 VAL A C   1 
ATOM 1128 O O   . VAL A 1 152 ? 3.015   4.083   -21.564 1.00 42.70 ? 152 VAL A O   1 
ATOM 1129 C CB  . VAL A 1 152 ? 3.405   6.900   -22.163 1.00 41.96 ? 152 VAL A CB  1 
ATOM 1130 C CG1 . VAL A 1 152 ? 2.878   8.244   -22.696 1.00 41.69 ? 152 VAL A CG1 1 
ATOM 1131 C CG2 . VAL A 1 152 ? 4.862   7.007   -21.718 1.00 40.18 ? 152 VAL A CG2 1 
ATOM 1132 N N   . GLY A 1 153 ? 3.082   4.647   -19.371 1.00 42.62 ? 153 GLY A N   1 
ATOM 1133 C CA  . GLY A 1 153 ? 3.500   3.345   -18.918 1.00 42.73 ? 153 GLY A CA  1 
ATOM 1134 C C   . GLY A 1 153 ? 3.222   3.210   -17.443 1.00 43.15 ? 153 GLY A C   1 
ATOM 1135 O O   . GLY A 1 153 ? 3.330   4.190   -16.689 1.00 42.68 ? 153 GLY A O   1 
ATOM 1136 N N   . GLU A 1 154 ? 2.872   1.997   -17.023 1.00 42.53 ? 154 GLU A N   1 
ATOM 1137 C CA  . GLU A 1 154 ? 2.622   1.756   -15.623 1.00 43.06 ? 154 GLU A CA  1 
ATOM 1138 C C   . GLU A 1 154 ? 3.025   0.360   -15.235 1.00 43.07 ? 154 GLU A C   1 
ATOM 1139 O O   . GLU A 1 154 ? 2.781   -0.604  -15.972 1.00 44.24 ? 154 GLU A O   1 
ATOM 1140 C CB  . GLU A 1 154 ? 1.148   2.014   -15.288 1.00 43.38 ? 154 GLU A CB  1 
ATOM 1141 C CG  . GLU A 1 154 ? 0.777   1.861   -13.810 1.00 45.65 ? 154 GLU A CG  1 
ATOM 1142 C CD  . GLU A 1 154 ? -0.636  2.355   -13.510 1.00 49.50 ? 154 GLU A CD  1 
ATOM 1143 O OE1 . GLU A 1 154 ? -0.787  3.365   -12.787 1.00 52.09 ? 154 GLU A OE1 1 
ATOM 1144 O OE2 . GLU A 1 154 ? -1.615  1.748   -13.989 1.00 51.99 ? 154 GLU A OE2 1 
ATOM 1145 N N   . ILE A 1 155 ? 3.657   0.237   -14.079 1.00 42.65 ? 155 ILE A N   1 
ATOM 1146 C CA  . ILE A 1 155 ? 3.828   -1.091  -13.476 1.00 42.50 ? 155 ILE A CA  1 
ATOM 1147 C C   . ILE A 1 155 ? 3.189   -1.051  -12.108 1.00 42.55 ? 155 ILE A C   1 
ATOM 1148 O O   . ILE A 1 155 ? 3.657   -0.347  -11.244 1.00 41.34 ? 155 ILE A O   1 
ATOM 1149 C CB  . ILE A 1 155 ? 5.317   -1.530  -13.363 1.00 42.22 ? 155 ILE A CB  1 
ATOM 1150 C CG1 . ILE A 1 155 ? 5.979   -1.543  -14.746 1.00 40.44 ? 155 ILE A CG1 1 
ATOM 1151 C CG2 . ILE A 1 155 ? 5.416   -2.871  -12.649 1.00 41.96 ? 155 ILE A CG2 1 
ATOM 1152 C CD1 . ILE A 1 155 ? 7.444   -1.655  -14.732 1.00 37.40 ? 155 ILE A CD1 1 
ATOM 1153 N N   . SER A 1 156 ? 2.117   -1.811  -11.919 1.00 43.52 ? 156 SER A N   1 
ATOM 1154 C CA  . SER A 1 156 ? 1.465   -1.860  -10.613 1.00 44.64 ? 156 SER A CA  1 
ATOM 1155 C C   . SER A 1 156 ? 1.401   -3.263  -10.055 1.00 45.26 ? 156 SER A C   1 
ATOM 1156 O O   . SER A 1 156 ? 1.314   -4.218  -10.814 1.00 44.94 ? 156 SER A O   1 
ATOM 1157 C CB  . SER A 1 156 ? 0.060   -1.258  -10.678 1.00 44.57 ? 156 SER A CB  1 
ATOM 1158 O OG  . SER A 1 156 ? -0.644  -1.768  -11.783 1.00 45.61 ? 156 SER A OG  1 
ATOM 1159 N N   . PRO A 1 157 ? 1.428   -3.395  -8.715  1.00 46.72 ? 157 PRO A N   1 
ATOM 1160 C CA  . PRO A 1 157 ? 1.321   -4.715  -8.076  1.00 48.01 ? 157 PRO A CA  1 
ATOM 1161 C C   . PRO A 1 157 ? -0.102  -5.241  -7.985  1.00 49.47 ? 157 PRO A C   1 
ATOM 1162 O O   . PRO A 1 157 ? -1.029  -4.473  -7.724  1.00 49.62 ? 157 PRO A O   1 
ATOM 1163 C CB  . PRO A 1 157 ? 1.911   -4.490  -6.681  1.00 47.49 ? 157 PRO A CB  1 
ATOM 1164 C CG  . PRO A 1 157 ? 1.757   -3.074  -6.404  1.00 47.23 ? 157 PRO A CG  1 
ATOM 1165 C CD  . PRO A 1 157 ? 1.584   -2.322  -7.720  1.00 46.91 ? 157 PRO A CD  1 
ATOM 1166 N N   . LEU A 1 158 ? -0.276  -6.538  -8.246  1.00 51.83 ? 158 LEU A N   1 
ATOM 1167 C CA  . LEU A 1 158 ? -1.584  -7.176  -8.076  1.00 54.30 ? 158 LEU A CA  1 
ATOM 1168 C C   . LEU A 1 158 ? -1.751  -7.644  -6.631  1.00 56.32 ? 158 LEU A C   1 
ATOM 1169 O O   . LEU A 1 158 ? -0.786  -8.143  -6.036  1.00 57.30 ? 158 LEU A O   1 
ATOM 1170 C CB  . LEU A 1 158 ? -1.719  -8.385  -8.987  1.00 53.87 ? 158 LEU A CB  1 
ATOM 1171 C CG  . LEU A 1 158 ? -1.995  -8.136  -10.461 1.00 54.21 ? 158 LEU A CG  1 
ATOM 1172 C CD1 . LEU A 1 158 ? -2.043  -9.468  -11.220 1.00 52.85 ? 158 LEU A CD1 1 
ATOM 1173 C CD2 . LEU A 1 158 ? -3.321  -7.382  -10.575 1.00 55.84 ? 158 LEU A CD2 1 
ATOM 1174 N N   . PRO A 1 159 ? -2.958  -7.480  -6.048  1.00 58.00 ? 159 PRO A N   1 
ATOM 1175 C CA  . PRO A 1 159 ? -3.213  -8.132  -4.750  1.00 59.29 ? 159 PRO A CA  1 
ATOM 1176 C C   . PRO A 1 159 ? -3.232  -9.658  -4.868  1.00 60.32 ? 159 PRO A C   1 
ATOM 1177 O O   . PRO A 1 159 ? -4.204  -10.231 -5.414  1.00 60.99 ? 159 PRO A O   1 
ATOM 1178 C CB  . PRO A 1 159 ? -4.597  -7.614  -4.349  1.00 59.13 ? 159 PRO A CB  1 
ATOM 1179 C CG  . PRO A 1 159 ? -4.869  -6.442  -5.255  1.00 58.89 ? 159 PRO A CG  1 
ATOM 1180 C CD  . PRO A 1 159 ? -4.114  -6.689  -6.509  1.00 58.04 ? 159 PRO A CD  1 
ATOM 1181 N N   . SER A 1 160 ? -2.174  -10.311 -4.367  1.00 61.41 ? 160 SER A N   1 
ATOM 1182 C CA  . SER A 1 160 ? -2.087  -11.779 -4.444  1.00 63.03 ? 160 SER A CA  1 
ATOM 1183 C C   . SER A 1 160 ? -1.472  -12.411 -3.174  1.00 63.73 ? 160 SER A C   1 
ATOM 1184 O O   . SER A 1 160 ? -0.761  -11.725 -2.416  1.00 64.73 ? 160 SER A O   1 
ATOM 1185 C CB  . SER A 1 160 ? -1.218  -12.136 -5.643  1.00 62.97 ? 160 SER A CB  1 
ATOM 1186 O OG  . SER A 1 160 ? 0.075   -11.556 -5.460  1.00 62.90 ? 160 SER A OG  1 
ATOM 1187 N N   . LEU A 1 161 ? -1.716  -13.711 -2.966  1.00 64.10 ? 161 LEU A N   1 
ATOM 1188 C CA  . LEU A 1 161 ? -1.070  -14.510 -1.883  1.00 64.61 ? 161 LEU A CA  1 
ATOM 1189 C C   . LEU A 1 161 ? 0.483   -14.555 -1.944  1.00 64.52 ? 161 LEU A C   1 
ATOM 1190 O O   . LEU A 1 161 ? 1.141   -14.436 -0.885  1.00 64.76 ? 161 LEU A O   1 
ATOM 1191 C CB  . LEU A 1 161 ? -1.607  -15.961 -1.851  1.00 64.58 ? 161 LEU A CB  1 
ATOM 1192 C CG  . LEU A 1 161 ? -3.074  -16.254 -1.500  1.00 66.02 ? 161 LEU A CG  1 
ATOM 1193 C CD1 . LEU A 1 161 ? -3.441  -17.730 -1.751  1.00 66.87 ? 161 LEU A CD1 1 
ATOM 1194 C CD2 . LEU A 1 161 ? -3.407  -15.838 -0.046  1.00 68.25 ? 161 LEU A CD2 1 
ATOM 1195 N N   . PRO A 1 162 ? 1.074   -14.765 -3.164  1.00 64.06 ? 162 PRO A N   1 
ATOM 1196 C CA  . PRO A 1 162 ? 2.558   -14.704 -3.303  1.00 62.98 ? 162 PRO A CA  1 
ATOM 1197 C C   . PRO A 1 162 ? 3.184   -13.350 -2.916  1.00 61.34 ? 162 PRO A C   1 
ATOM 1198 O O   . PRO A 1 162 ? 4.134   -13.315 -2.119  1.00 60.52 ? 162 PRO A O   1 
ATOM 1199 C CB  . PRO A 1 162 ? 2.796   -14.964 -4.819  1.00 63.38 ? 162 PRO A CB  1 
ATOM 1200 C CG  . PRO A 1 162 ? 1.452   -14.663 -5.499  1.00 64.12 ? 162 PRO A CG  1 
ATOM 1201 C CD  . PRO A 1 162 ? 0.420   -15.092 -4.459  1.00 64.32 ? 162 PRO A CD  1 
ATOM 1202 N N   . GLY A 1 163 ? 2.627   -12.261 -3.479  1.00 59.92 ? 163 GLY A N   1 
ATOM 1203 C CA  . GLY A 1 163 ? 3.274   -10.952 -3.490  1.00 57.58 ? 163 GLY A CA  1 
ATOM 1204 C C   . GLY A 1 163 ? 4.376   -11.043 -4.545  1.00 56.40 ? 163 GLY A C   1 
ATOM 1205 O O   . GLY A 1 163 ? 4.457   -12.053 -5.277  1.00 56.25 ? 163 GLY A O   1 
ATOM 1206 N N   . HIS A 1 164 ? 5.238   -10.018 -4.603  1.00 54.64 ? 164 HIS A N   1 
ATOM 1207 C CA  . HIS A 1 164 ? 6.325   -9.939  -5.580  1.00 52.59 ? 164 HIS A CA  1 
ATOM 1208 C C   . HIS A 1 164 ? 7.682   -9.697  -4.932  1.00 51.91 ? 164 HIS A C   1 
ATOM 1209 O O   . HIS A 1 164 ? 7.750   -9.301  -3.787  1.00 52.09 ? 164 HIS A O   1 
ATOM 1210 C CB  . HIS A 1 164 ? 6.026   -8.821  -6.584  1.00 52.36 ? 164 HIS A CB  1 
ATOM 1211 C CG  . HIS A 1 164 ? 6.076   -7.445  -5.999  1.00 49.61 ? 164 HIS A CG  1 
ATOM 1212 N ND1 . HIS A 1 164 ? 4.939   -6.738  -5.665  1.00 47.39 ? 164 HIS A ND1 1 
ATOM 1213 C CD2 . HIS A 1 164 ? 7.127   -6.640  -5.700  1.00 48.00 ? 164 HIS A CD2 1 
ATOM 1214 C CE1 . HIS A 1 164 ? 5.288   -5.555  -5.184  1.00 47.33 ? 164 HIS A CE1 1 
ATOM 1215 N NE2 . HIS A 1 164 ? 6.609   -5.468  -5.201  1.00 48.55 ? 164 HIS A NE2 1 
ATOM 1216 N N   . THR A 1 165 ? 8.760   -9.902  -5.678  1.00 51.11 ? 165 THR A N   1 
ATOM 1217 C CA  . THR A 1 165 ? 10.097  -9.628  -5.172  1.00 50.89 ? 165 THR A CA  1 
ATOM 1218 C C   . THR A 1 165 ? 10.769  -8.436  -5.899  1.00 50.54 ? 165 THR A C   1 
ATOM 1219 O O   . THR A 1 165 ? 10.251  -7.911  -6.896  1.00 49.94 ? 165 THR A O   1 
ATOM 1220 C CB  . THR A 1 165 ? 10.998  -10.895 -5.285  1.00 51.63 ? 165 THR A CB  1 
ATOM 1221 O OG1 . THR A 1 165 ? 11.284  -11.180 -6.684  1.00 52.55 ? 165 THR A OG1 1 
ATOM 1222 C CG2 . THR A 1 165 ? 10.337  -12.136 -4.601  1.00 51.13 ? 165 THR A CG2 1 
ATOM 1223 N N   . GLY A 1 166 ? 11.929  -8.018  -5.388  1.00 50.10 ? 166 GLY A N   1 
ATOM 1224 C CA  . GLY A 1 166 ? 12.726  -6.957  -6.005  1.00 48.87 ? 166 GLY A CA  1 
ATOM 1225 C C   . GLY A 1 166 ? 13.127  -7.381  -7.391  1.00 48.15 ? 166 GLY A C   1 
ATOM 1226 O O   . GLY A 1 166 ? 13.080  -6.586  -8.338  1.00 47.91 ? 166 GLY A O   1 
ATOM 1227 N N   . GLU A 1 167 ? 13.507  -8.649  -7.495  1.00 47.63 ? 167 GLU A N   1 
ATOM 1228 C CA  . GLU A 1 167 ? 13.840  -9.295  -8.765  1.00 47.68 ? 167 GLU A CA  1 
ATOM 1229 C C   . GLU A 1 167 ? 12.675  -9.191  -9.784  1.00 47.71 ? 167 GLU A C   1 
ATOM 1230 O O   . GLU A 1 167 ? 12.860  -8.718  -10.908 1.00 47.78 ? 167 GLU A O   1 
ATOM 1231 C CB  . GLU A 1 167 ? 14.227  -10.755 -8.507  1.00 47.29 ? 167 GLU A CB  1 
ATOM 1232 C CG  . GLU A 1 167 ? 14.831  -11.469 -9.682  1.00 48.37 ? 167 GLU A CG  1 
ATOM 1233 C CD  . GLU A 1 167 ? 16.358  -11.278 -9.794  1.00 50.51 ? 167 GLU A CD  1 
ATOM 1234 O OE1 . GLU A 1 167 ? 16.880  -10.114 -9.987  1.00 49.80 ? 167 GLU A OE1 1 
ATOM 1235 O OE2 . GLU A 1 167 ? 17.045  -12.329 -9.707  1.00 50.99 ? 167 GLU A OE2 1 
ATOM 1236 N N   . ASP A 1 168 ? 11.470  -9.588  -9.376  1.00 47.33 ? 168 ASP A N   1 
ATOM 1237 C CA  . ASP A 1 168 ? 10.331  -9.529  -10.279 1.00 47.06 ? 168 ASP A CA  1 
ATOM 1238 C C   . ASP A 1 168 ? 10.201  -8.130  -10.800 1.00 46.65 ? 168 ASP A C   1 
ATOM 1239 O O   . ASP A 1 168 ? 9.958   -7.934  -11.974 1.00 47.30 ? 168 ASP A O   1 
ATOM 1240 C CB  . ASP A 1 168 ? 9.031   -9.920  -9.569  1.00 47.42 ? 168 ASP A CB  1 
ATOM 1241 C CG  . ASP A 1 168 ? 8.962   -11.398 -9.235  1.00 48.73 ? 168 ASP A CG  1 
ATOM 1242 O OD1 . ASP A 1 168 ? 9.528   -12.203 -10.014 1.00 47.74 ? 168 ASP A OD1 1 
ATOM 1243 O OD2 . ASP A 1 168 ? 8.333   -11.756 -8.196  1.00 50.83 ? 168 ASP A OD2 1 
ATOM 1244 N N   . VAL A 1 169 ? 10.356  -7.159  -9.909  1.00 46.27 ? 169 VAL A N   1 
ATOM 1245 C CA  . VAL A 1 169 ? 10.225  -5.743  -10.237 1.00 45.46 ? 169 VAL A CA  1 
ATOM 1246 C C   . VAL A 1 169 ? 11.313  -5.314  -11.218 1.00 45.22 ? 169 VAL A C   1 
ATOM 1247 O O   . VAL A 1 169 ? 11.044  -4.607  -12.180 1.00 44.13 ? 169 VAL A O   1 
ATOM 1248 C CB  . VAL A 1 169 ? 10.274  -4.892  -8.945  1.00 45.44 ? 169 VAL A CB  1 
ATOM 1249 C CG1 . VAL A 1 169 ? 10.625  -3.436  -9.239  1.00 46.11 ? 169 VAL A CG1 1 
ATOM 1250 C CG2 . VAL A 1 169 ? 8.934   -4.991  -8.200  1.00 45.33 ? 169 VAL A CG2 1 
ATOM 1251 N N   . LYS A 1 170 ? 12.541  -5.770  -10.972 1.00 45.68 ? 170 LYS A N   1 
ATOM 1252 C CA  . LYS A 1 170 ? 13.664  -5.428  -11.838 1.00 46.02 ? 170 LYS A CA  1 
ATOM 1253 C C   . LYS A 1 170 ? 13.414  -5.907  -13.265 1.00 45.85 ? 170 LYS A C   1 
ATOM 1254 O O   . LYS A 1 170 ? 13.699  -5.166  -14.232 1.00 45.97 ? 170 LYS A O   1 
ATOM 1255 C CB  . LYS A 1 170 ? 14.965  -6.011  -11.306 1.00 46.08 ? 170 LYS A CB  1 
ATOM 1256 C CG  . LYS A 1 170 ? 16.155  -5.586  -12.124 1.00 48.13 ? 170 LYS A CG  1 
ATOM 1257 C CD  . LYS A 1 170 ? 17.440  -6.245  -11.683 1.00 51.65 ? 170 LYS A CD  1 
ATOM 1258 C CE  . LYS A 1 170 ? 17.681  -7.540  -12.457 1.00 54.21 ? 170 LYS A CE  1 
ATOM 1259 N NZ  . LYS A 1 170 ? 16.766  -8.647  -11.956 1.00 56.39 ? 170 LYS A NZ  1 
ATOM 1260 N N   . ASN A 1 171 ? 12.886  -7.135  -13.383 1.00 45.44 ? 171 ASN A N   1 
ATOM 1261 C CA  . ASN A 1 171 ? 12.489  -7.724  -14.668 1.00 45.08 ? 171 ASN A CA  1 
ATOM 1262 C C   . ASN A 1 171 ? 11.397  -6.918  -15.375 1.00 44.58 ? 171 ASN A C   1 
ATOM 1263 O O   . ASN A 1 171 ? 11.521  -6.591  -16.555 1.00 44.99 ? 171 ASN A O   1 
ATOM 1264 C CB  . ASN A 1 171 ? 12.040  -9.176  -14.485 1.00 45.56 ? 171 ASN A CB  1 
ATOM 1265 C CG  . ASN A 1 171 ? 13.203  -10.123 -14.213 1.00 47.21 ? 171 ASN A CG  1 
ATOM 1266 O OD1 . ASN A 1 171 ? 14.028  -9.882  -13.326 1.00 48.74 ? 171 ASN A OD1 1 
ATOM 1267 N ND2 . ASN A 1 171 ? 13.262  -11.221 -14.971 1.00 48.34 ? 171 ASN A ND2 1 
ATOM 1268 N N   . ALA A 1 172 ? 10.343  -6.579  -14.646 1.00 43.81 ? 172 ALA A N   1 
ATOM 1269 C CA  . ALA A 1 172 ? 9.285   -5.737  -15.179 1.00 43.55 ? 172 ALA A CA  1 
ATOM 1270 C C   . ALA A 1 172 ? 9.827   -4.429  -15.820 1.00 43.95 ? 172 ALA A C   1 
ATOM 1271 O O   . ALA A 1 172 ? 9.476   -4.100  -16.953 1.00 44.56 ? 172 ALA A O   1 
ATOM 1272 C CB  . ALA A 1 172 ? 8.277   -5.437  -14.088 1.00 42.93 ? 172 ALA A CB  1 
ATOM 1273 N N   . ILE A 1 173 ? 10.685  -3.696  -15.107 1.00 43.58 ? 173 ILE A N   1 
ATOM 1274 C CA  . ILE A 1 173 ? 11.216  -2.432  -15.592 1.00 43.48 ? 173 ILE A CA  1 
ATOM 1275 C C   . ILE A 1 173 ? 11.958  -2.609  -16.907 1.00 44.16 ? 173 ILE A C   1 
ATOM 1276 O O   . ILE A 1 173 ? 11.726  -1.846  -17.854 1.00 44.34 ? 173 ILE A O   1 
ATOM 1277 C CB  . ILE A 1 173 ? 12.148  -1.757  -14.559 1.00 43.68 ? 173 ILE A CB  1 
ATOM 1278 C CG1 . ILE A 1 173 ? 11.328  -1.294  -13.349 1.00 42.77 ? 173 ILE A CG1 1 
ATOM 1279 C CG2 . ILE A 1 173 ? 12.968  -0.621  -15.204 1.00 41.51 ? 173 ILE A CG2 1 
ATOM 1280 C CD1 . ILE A 1 173 ? 12.161  -0.965  -12.133 1.00 41.69 ? 173 ILE A CD1 1 
ATOM 1281 N N   . GLY A 1 174 ? 12.830  -3.622  -16.957 1.00 43.93 ? 174 GLY A N   1 
ATOM 1282 C CA  . GLY A 1 174 ? 13.615  -3.917  -18.149 1.00 43.03 ? 174 GLY A CA  1 
ATOM 1283 C C   . GLY A 1 174 ? 12.733  -4.247  -19.332 1.00 43.01 ? 174 GLY A C   1 
ATOM 1284 O O   . GLY A 1 174 ? 13.044  -3.862  -20.473 1.00 42.95 ? 174 GLY A O   1 
ATOM 1285 N N   . VAL A 1 175 ? 11.624  -4.942  -19.054 1.00 42.11 ? 175 VAL A N   1 
ATOM 1286 C CA  . VAL A 1 175 ? 10.618  -5.243  -20.074 1.00 41.56 ? 175 VAL A CA  1 
ATOM 1287 C C   . VAL A 1 175 ? 9.843   -3.998  -20.551 1.00 41.58 ? 175 VAL A C   1 
ATOM 1288 O O   . VAL A 1 175 ? 9.462   -3.886  -21.718 1.00 41.26 ? 175 VAL A O   1 
ATOM 1289 C CB  . VAL A 1 175 ? 9.642   -6.315  -19.566 1.00 41.51 ? 175 VAL A CB  1 
ATOM 1290 C CG1 . VAL A 1 175 ? 8.476   -6.426  -20.459 1.00 41.32 ? 175 VAL A CG1 1 
ATOM 1291 C CG2 . VAL A 1 175 ? 10.337  -7.672  -19.461 1.00 42.00 ? 175 VAL A CG2 1 
ATOM 1292 N N   . LEU A 1 176 ? 9.604   -3.067  -19.635 1.00 41.47 ? 176 LEU A N   1 
ATOM 1293 C CA  . LEU A 1 176 ? 8.882   -1.853  -19.964 1.00 41.12 ? 176 LEU A CA  1 
ATOM 1294 C C   . LEU A 1 176 ? 9.786   -0.858  -20.716 1.00 41.63 ? 176 LEU A C   1 
ATOM 1295 O O   . LEU A 1 176 ? 9.360   -0.256  -21.697 1.00 41.55 ? 176 LEU A O   1 
ATOM 1296 C CB  . LEU A 1 176 ? 8.259   -1.241  -18.701 1.00 40.22 ? 176 LEU A CB  1 
ATOM 1297 C CG  . LEU A 1 176 ? 7.770   0.170   -18.896 1.00 39.08 ? 176 LEU A CG  1 
ATOM 1298 C CD1 . LEU A 1 176 ? 6.571   0.153   -19.781 1.00 40.97 ? 176 LEU A CD1 1 
ATOM 1299 C CD2 . LEU A 1 176 ? 7.457   0.783   -17.609 1.00 39.98 ? 176 LEU A CD2 1 
ATOM 1300 N N   . ILE A 1 177 ? 11.022  -0.687  -20.239 1.00 42.22 ? 177 ILE A N   1 
ATOM 1301 C CA  . ILE A 1 177 ? 12.040  0.067   -20.958 1.00 42.70 ? 177 ILE A CA  1 
ATOM 1302 C C   . ILE A 1 177 ? 12.204  -0.528  -22.351 1.00 42.90 ? 177 ILE A C   1 
ATOM 1303 O O   . ILE A 1 177 ? 12.133  0.167   -23.349 1.00 42.82 ? 177 ILE A O   1 
ATOM 1304 C CB  . ILE A 1 177 ? 13.389  0.101   -20.193 1.00 42.71 ? 177 ILE A CB  1 
ATOM 1305 C CG1 . ILE A 1 177 ? 13.231  0.924   -18.899 1.00 43.57 ? 177 ILE A CG1 1 
ATOM 1306 C CG2 . ILE A 1 177 ? 14.474  0.725   -21.058 1.00 42.08 ? 177 ILE A CG2 1 
ATOM 1307 C CD1 . ILE A 1 177 ? 14.503  1.008   -18.033 1.00 42.41 ? 177 ILE A CD1 1 
ATOM 1308 N N   . GLY A 1 178 ? 12.362  -1.837  -22.404 1.00 43.46 ? 178 GLY A N   1 
ATOM 1309 C CA  . GLY A 1 178 ? 12.407  -2.543  -23.672 1.00 44.62 ? 178 GLY A CA  1 
ATOM 1310 C C   . GLY A 1 178 ? 11.300  -2.194  -24.647 1.00 45.44 ? 178 GLY A C   1 
ATOM 1311 O O   . GLY A 1 178 ? 11.580  -1.794  -25.793 1.00 46.79 ? 178 GLY A O   1 
ATOM 1312 N N   . GLY A 1 179 ? 10.050  -2.340  -24.212 1.00 45.07 ? 179 GLY A N   1 
ATOM 1313 C CA  . GLY A 1 179 ? 8.912   -2.119  -25.095 1.00 45.13 ? 179 GLY A CA  1 
ATOM 1314 C C   . GLY A 1 179 ? 8.852   -0.694  -25.616 1.00 45.74 ? 179 GLY A C   1 
ATOM 1315 O O   . GLY A 1 179 ? 8.542   -0.455  -26.772 1.00 46.02 ? 179 GLY A O   1 
ATOM 1316 N N   . LEU A 1 180 ? 9.157   0.253   -24.742 1.00 46.23 ? 180 LEU A N   1 
ATOM 1317 C CA  . LEU A 1 180 ? 9.062   1.663   -25.076 1.00 46.54 ? 180 LEU A CA  1 
ATOM 1318 C C   . LEU A 1 180 ? 10.146  2.061   -26.069 1.00 47.38 ? 180 LEU A C   1 
ATOM 1319 O O   . LEU A 1 180 ? 9.943   2.981   -26.904 1.00 47.73 ? 180 LEU A O   1 
ATOM 1320 C CB  . LEU A 1 180 ? 9.166   2.549   -23.824 1.00 45.72 ? 180 LEU A CB  1 
ATOM 1321 C CG  . LEU A 1 180 ? 7.988   2.738   -22.847 1.00 44.55 ? 180 LEU A CG  1 
ATOM 1322 C CD1 . LEU A 1 180 ? 8.473   3.421   -21.584 1.00 44.67 ? 180 LEU A CD1 1 
ATOM 1323 C CD2 . LEU A 1 180 ? 6.844   3.508   -23.423 1.00 41.71 ? 180 LEU A CD2 1 
ATOM 1324 N N   . GLU A 1 181 ? 11.295  1.381   -25.978 1.00 47.25 ? 181 GLU A N   1 
ATOM 1325 C CA  . GLU A 1 181 ? 12.438  1.784   -26.773 1.00 47.07 ? 181 GLU A CA  1 
ATOM 1326 C C   . GLU A 1 181 ? 12.283  1.290   -28.198 1.00 47.80 ? 181 GLU A C   1 
ATOM 1327 O O   . GLU A 1 181 ? 12.864  1.882   -29.111 1.00 47.95 ? 181 GLU A O   1 
ATOM 1328 C CB  . GLU A 1 181 ? 13.729  1.293   -26.167 1.00 46.74 ? 181 GLU A CB  1 
ATOM 1329 C CG  . GLU A 1 181 ? 14.261  2.202   -25.108 1.00 46.67 ? 181 GLU A CG  1 
ATOM 1330 C CD  . GLU A 1 181 ? 15.513  1.662   -24.444 1.00 49.08 ? 181 GLU A CD  1 
ATOM 1331 O OE1 . GLU A 1 181 ? 16.195  2.461   -23.753 1.00 53.11 ? 181 GLU A OE1 1 
ATOM 1332 O OE2 . GLU A 1 181 ? 15.835  0.457   -24.613 1.00 49.43 ? 181 GLU A OE2 1 
ATOM 1333 N N   . TRP A 1 182 ? 11.485  0.229   -28.394 1.00 48.07 ? 182 TRP A N   1 
ATOM 1334 C CA  . TRP A 1 182 ? 11.147  -0.174  -29.746 1.00 48.40 ? 182 TRP A CA  1 
ATOM 1335 C C   . TRP A 1 182 ? 10.702  0.982   -30.657 1.00 49.32 ? 182 TRP A C   1 
ATOM 1336 O O   . TRP A 1 182 ? 11.134  1.045   -31.825 1.00 50.06 ? 182 TRP A O   1 
ATOM 1337 C CB  . TRP A 1 182 ? 10.094  -1.256  -29.791 1.00 48.06 ? 182 TRP A CB  1 
ATOM 1338 C CG  . TRP A 1 182 ? 10.155  -1.883  -31.148 1.00 48.80 ? 182 TRP A CG  1 
ATOM 1339 C CD1 . TRP A 1 182 ? 9.533   -1.438  -32.305 1.00 48.35 ? 182 TRP A CD1 1 
ATOM 1340 C CD2 . TRP A 1 182 ? 10.949  -3.021  -31.527 1.00 46.08 ? 182 TRP A CD2 1 
ATOM 1341 N NE1 . TRP A 1 182 ? 9.862   -2.266  -33.363 1.00 49.00 ? 182 TRP A NE1 1 
ATOM 1342 C CE2 . TRP A 1 182 ? 10.736  -3.235  -32.917 1.00 47.14 ? 182 TRP A CE2 1 
ATOM 1343 C CE3 . TRP A 1 182 ? 11.799  -3.884  -30.828 1.00 42.70 ? 182 TRP A CE3 1 
ATOM 1344 C CZ2 . TRP A 1 182 ? 11.352  -4.281  -33.613 1.00 45.32 ? 182 TRP A CZ2 1 
ATOM 1345 C CZ3 . TRP A 1 182 ? 12.409  -4.931  -31.524 1.00 45.27 ? 182 TRP A CZ3 1 
ATOM 1346 C CH2 . TRP A 1 182 ? 12.186  -5.114  -32.903 1.00 44.97 ? 182 TRP A CH2 1 
ATOM 1347 N N   . ASN A 1 183 ? 9.844   1.872   -30.141 1.00 49.00 ? 183 ASN A N   1 
ATOM 1348 C CA  . ASN A 1 183 ? 9.346   2.997   -30.914 1.00 48.76 ? 183 ASN A CA  1 
ATOM 1349 C C   . ASN A 1 183 ? 10.273  4.183   -30.842 1.00 49.15 ? 183 ASN A C   1 
ATOM 1350 O O   . ASN A 1 183 ? 9.844   5.334   -30.920 1.00 49.53 ? 183 ASN A O   1 
ATOM 1351 C CB  . ASN A 1 183 ? 7.939   3.383   -30.489 1.00 48.36 ? 183 ASN A CB  1 
ATOM 1352 C CG  . ASN A 1 183 ? 6.919   2.342   -30.890 1.00 49.86 ? 183 ASN A CG  1 
ATOM 1353 O OD1 . ASN A 1 183 ? 7.022   1.750   -31.969 1.00 50.91 ? 183 ASN A OD1 1 
ATOM 1354 N ND2 . ASN A 1 183 ? 5.937   2.085   -30.015 1.00 51.02 ? 183 ASN A ND2 1 
ATOM 1355 N N   . ASP A 1 184 ? 11.562  3.906   -30.701 1.00 49.50 ? 184 ASP A N   1 
ATOM 1356 C CA  . ASP A 1 184 ? 12.582  4.969   -30.760 1.00 49.72 ? 184 ASP A CA  1 
ATOM 1357 C C   . ASP A 1 184 ? 12.340  6.033   -29.703 1.00 49.47 ? 184 ASP A C   1 
ATOM 1358 O O   . ASP A 1 184 ? 12.515  7.222   -29.986 1.00 50.07 ? 184 ASP A O   1 
ATOM 1359 C CB  . ASP A 1 184 ? 12.601  5.632   -32.143 1.00 49.65 ? 184 ASP A CB  1 
ATOM 1360 C CG  . ASP A 1 184 ? 12.595  4.619   -33.280 1.00 51.49 ? 184 ASP A CG  1 
ATOM 1361 O OD1 . ASP A 1 184 ? 13.346  3.579   -33.206 1.00 52.00 ? 184 ASP A OD1 1 
ATOM 1362 O OD2 . ASP A 1 184 ? 11.824  4.854   -34.254 1.00 53.36 ? 184 ASP A OD2 1 
ATOM 1363 N N   . ASN A 1 185 ? 11.923  5.612   -28.506 1.00 48.67 ? 185 ASN A N   1 
ATOM 1364 C CA  . ASN A 1 185 ? 11.811  6.515   -27.376 1.00 48.25 ? 185 ASN A CA  1 
ATOM 1365 C C   . ASN A 1 185 ? 13.075  6.467   -26.536 1.00 48.16 ? 185 ASN A C   1 
ATOM 1366 O O   . ASN A 1 185 ? 13.660  5.419   -26.331 1.00 47.71 ? 185 ASN A O   1 
ATOM 1367 C CB  . ASN A 1 185 ? 10.618  6.146   -26.491 1.00 48.35 ? 185 ASN A CB  1 
ATOM 1368 C CG  . ASN A 1 185 ? 9.286   6.491   -27.110 1.00 48.07 ? 185 ASN A CG  1 
ATOM 1369 O OD1 . ASN A 1 185 ? 8.967   7.667   -27.301 1.00 47.90 ? 185 ASN A OD1 1 
ATOM 1370 N ND2 . ASN A 1 185 ? 8.472   5.460   -27.378 1.00 46.54 ? 185 ASN A ND2 1 
ATOM 1371 N N   . THR A 1 186 ? 13.496  7.608   -26.023 1.00 48.88 ? 186 THR A N   1 
ATOM 1372 C CA  . THR A 1 186 ? 14.607  7.608   -25.080 1.00 49.33 ? 186 THR A CA  1 
ATOM 1373 C C   . THR A 1 186 ? 14.064  7.595   -23.659 1.00 49.24 ? 186 THR A C   1 
ATOM 1374 O O   . THR A 1 186 ? 13.352  8.516   -23.242 1.00 49.17 ? 186 THR A O   1 
ATOM 1375 C CB  . THR A 1 186 ? 15.510  8.827   -25.277 1.00 49.36 ? 186 THR A CB  1 
ATOM 1376 O OG1 . THR A 1 186 ? 15.946  8.832   -26.644 1.00 49.47 ? 186 THR A OG1 1 
ATOM 1377 C CG2 . THR A 1 186 ? 16.726  8.748   -24.319 1.00 49.01 ? 186 THR A CG2 1 
ATOM 1378 N N   . VAL A 1 187 ? 14.421  6.544   -22.936 1.00 49.35 ? 187 VAL A N   1 
ATOM 1379 C CA  . VAL A 1 187 ? 13.869  6.251   -21.629 1.00 49.28 ? 187 VAL A CA  1 
ATOM 1380 C C   . VAL A 1 187 ? 14.971  6.338   -20.573 1.00 49.45 ? 187 VAL A C   1 
ATOM 1381 O O   . VAL A 1 187 ? 16.077  5.849   -20.779 1.00 49.52 ? 187 VAL A O   1 
ATOM 1382 C CB  . VAL A 1 187 ? 13.210  4.835   -21.619 1.00 49.21 ? 187 VAL A CB  1 
ATOM 1383 C CG1 . VAL A 1 187 ? 12.402  4.584   -20.313 1.00 49.15 ? 187 VAL A CG1 1 
ATOM 1384 C CG2 . VAL A 1 187 ? 12.310  4.670   -22.841 1.00 48.32 ? 187 VAL A CG2 1 
ATOM 1385 N N   . ARG A 1 188 ? 14.664  6.986   -19.449 1.00 49.58 ? 188 ARG A N   1 
ATOM 1386 C CA  . ARG A 1 188 ? 15.521  6.909   -18.278 1.00 49.11 ? 188 ARG A CA  1 
ATOM 1387 C C   . ARG A 1 188 ? 14.699  6.663   -17.019 1.00 49.35 ? 188 ARG A C   1 
ATOM 1388 O O   . ARG A 1 188 ? 13.457  6.551   -17.075 1.00 49.70 ? 188 ARG A O   1 
ATOM 1389 C CB  . ARG A 1 188 ? 16.360  8.175   -18.143 1.00 48.88 ? 188 ARG A CB  1 
ATOM 1390 C CG  . ARG A 1 188 ? 15.539  9.436   -17.991 1.00 49.04 ? 188 ARG A CG  1 
ATOM 1391 C CD  . ARG A 1 188 ? 16.460  10.650  -17.969 1.00 47.80 ? 188 ARG A CD  1 
ATOM 1392 N NE  . ARG A 1 188 ? 15.812  11.805  -17.368 1.00 48.67 ? 188 ARG A NE  1 
ATOM 1393 C CZ  . ARG A 1 188 ? 14.945  12.609  -17.994 1.00 50.44 ? 188 ARG A CZ  1 
ATOM 1394 N NH1 . ARG A 1 188 ? 14.600  12.395  -19.259 1.00 52.51 ? 188 ARG A NH1 1 
ATOM 1395 N NH2 . ARG A 1 188 ? 14.421  13.643  -17.360 1.00 48.94 ? 188 ARG A NH2 1 
ATOM 1396 N N   . VAL A 1 189 ? 15.410  6.557   -15.895 1.00 48.74 ? 189 VAL A N   1 
ATOM 1397 C CA  . VAL A 1 189 ? 14.822  6.331   -14.585 1.00 47.63 ? 189 VAL A CA  1 
ATOM 1398 C C   . VAL A 1 189 ? 15.271  7.432   -13.631 1.00 47.90 ? 189 VAL A C   1 
ATOM 1399 O O   . VAL A 1 189 ? 16.313  8.049   -13.831 1.00 48.36 ? 189 VAL A O   1 
ATOM 1400 C CB  . VAL A 1 189 ? 15.223  4.962   -14.034 1.00 47.33 ? 189 VAL A CB  1 
ATOM 1401 C CG1 . VAL A 1 189 ? 14.612  3.894   -14.869 1.00 46.55 ? 189 VAL A CG1 1 
ATOM 1402 C CG2 . VAL A 1 189 ? 16.725  4.788   -14.016 1.00 47.11 ? 189 VAL A CG2 1 
ATOM 1403 N N   . THR A 1 190 ? 14.491  7.697   -12.594 1.00 47.58 ? 190 THR A N   1 
ATOM 1404 C CA  . THR A 1 190 ? 14.929  8.643   -11.588 1.00 47.10 ? 190 THR A CA  1 
ATOM 1405 C C   . THR A 1 190 ? 16.095  8.022   -10.852 1.00 47.42 ? 190 THR A C   1 
ATOM 1406 O O   . THR A 1 190 ? 16.328  6.819   -10.988 1.00 48.06 ? 190 THR A O   1 
ATOM 1407 C CB  . THR A 1 190 ? 13.841  8.888   -10.583 1.00 47.11 ? 190 THR A CB  1 
ATOM 1408 O OG1 . THR A 1 190 ? 13.310  7.634   -10.160 1.00 45.14 ? 190 THR A OG1 1 
ATOM 1409 C CG2 . THR A 1 190 ? 12.754  9.717   -11.206 1.00 47.56 ? 190 THR A CG2 1 
ATOM 1410 N N   . GLU A 1 191 ? 16.823  8.825   -10.075 1.00 47.21 ? 191 GLU A N   1 
ATOM 1411 C CA  . GLU A 1 191 ? 17.902  8.304   -9.256  1.00 46.89 ? 191 GLU A CA  1 
ATOM 1412 C C   . GLU A 1 191 ? 17.439  7.242   -8.272  1.00 46.94 ? 191 GLU A C   1 
ATOM 1413 O O   . GLU A 1 191 ? 18.156  6.278   -8.026  1.00 46.78 ? 191 GLU A O   1 
ATOM 1414 C CB  . GLU A 1 191 ? 18.578  9.429   -8.490  1.00 47.15 ? 191 GLU A CB  1 
ATOM 1415 C CG  . GLU A 1 191 ? 19.835  8.997   -7.758  1.00 46.98 ? 191 GLU A CG  1 
ATOM 1416 C CD  . GLU A 1 191 ? 20.943  8.609   -8.707  1.00 48.10 ? 191 GLU A CD  1 
ATOM 1417 O OE1 . GLU A 1 191 ? 22.037  8.301   -8.210  1.00 50.71 ? 191 GLU A OE1 1 
ATOM 1418 O OE2 . GLU A 1 191 ? 20.745  8.620   -9.948  1.00 47.19 ? 191 GLU A OE2 1 
ATOM 1419 N N   . THR A 1 192 ? 16.246  7.431   -7.706  1.00 47.44 ? 192 THR A N   1 
ATOM 1420 C CA  . THR A 1 192 ? 15.612  6.456   -6.796  1.00 47.91 ? 192 THR A CA  1 
ATOM 1421 C C   . THR A 1 192 ? 15.607  5.048   -7.380  1.00 48.19 ? 192 THR A C   1 
ATOM 1422 O O   . THR A 1 192 ? 16.067  4.092   -6.757  1.00 48.09 ? 192 THR A O   1 
ATOM 1423 C CB  . THR A 1 192 ? 14.147  6.817   -6.507  1.00 47.57 ? 192 THR A CB  1 
ATOM 1424 O OG1 . THR A 1 192 ? 13.988  8.235   -6.429  1.00 48.01 ? 192 THR A OG1 1 
ATOM 1425 C CG2 . THR A 1 192 ? 13.689  6.198   -5.214  1.00 48.00 ? 192 THR A CG2 1 
ATOM 1426 N N   . ILE A 1 193 ? 15.080  4.939   -8.592  1.00 48.87 ? 193 ILE A N   1 
ATOM 1427 C CA  . ILE A 1 193 ? 14.994  3.655   -9.275  1.00 49.86 ? 193 ILE A CA  1 
ATOM 1428 C C   . ILE A 1 193 ? 16.377  3.157   -9.594  1.00 50.34 ? 193 ILE A C   1 
ATOM 1429 O O   . ILE A 1 193 ? 16.675  2.007   -9.356  1.00 50.54 ? 193 ILE A O   1 
ATOM 1430 C CB  . ILE A 1 193 ? 14.148  3.732   -10.577 1.00 49.86 ? 193 ILE A CB  1 
ATOM 1431 C CG1 . ILE A 1 193 ? 12.660  3.949   -10.240 1.00 49.37 ? 193 ILE A CG1 1 
ATOM 1432 C CG2 . ILE A 1 193 ? 14.352  2.472   -11.408 1.00 48.73 ? 193 ILE A CG2 1 
ATOM 1433 C CD1 . ILE A 1 193 ? 11.821  4.450   -11.404 1.00 50.84 ? 193 ILE A CD1 1 
ATOM 1434 N N   . GLN A 1 194 ? 17.207  4.044   -10.131 1.00 51.62 ? 194 GLN A N   1 
ATOM 1435 C CA  . GLN A 1 194 ? 18.601  3.753   -10.503 1.00 52.61 ? 194 GLN A CA  1 
ATOM 1436 C C   . GLN A 1 194 ? 19.410  3.157   -9.357  1.00 53.33 ? 194 GLN A C   1 
ATOM 1437 O O   . GLN A 1 194 ? 20.237  2.277   -9.564  1.00 53.64 ? 194 GLN A O   1 
ATOM 1438 C CB  . GLN A 1 194 ? 19.291  5.051   -10.933 1.00 52.64 ? 194 GLN A CB  1 
ATOM 1439 C CG  . GLN A 1 194 ? 20.626  4.862   -11.573 1.00 52.41 ? 194 GLN A CG  1 
ATOM 1440 C CD  . GLN A 1 194 ? 20.472  4.485   -13.017 1.00 53.86 ? 194 GLN A CD  1 
ATOM 1441 O OE1 . GLN A 1 194 ? 20.345  3.300   -13.350 1.00 55.16 ? 194 GLN A OE1 1 
ATOM 1442 N NE2 . GLN A 1 194 ? 20.453  5.491   -13.897 1.00 53.08 ? 194 GLN A NE2 1 
ATOM 1443 N N   . ARG A 1 195 ? 19.189  3.676   -8.153  1.00 54.16 ? 195 ARG A N   1 
ATOM 1444 C CA  . ARG A 1 195 ? 19.985  3.300   -6.996  1.00 55.05 ? 195 ARG A CA  1 
ATOM 1445 C C   . ARG A 1 195 ? 19.462  2.007   -6.378  1.00 55.32 ? 195 ARG A C   1 
ATOM 1446 O O   . ARG A 1 195 ? 20.227  1.272   -5.754  1.00 55.67 ? 195 ARG A O   1 
ATOM 1447 C CB  . ARG A 1 195 ? 19.976  4.424   -5.950  1.00 54.94 ? 195 ARG A CB  1 
ATOM 1448 C CG  . ARG A 1 195 ? 20.878  4.180   -4.748  1.00 56.60 ? 195 ARG A CG  1 
ATOM 1449 C CD  . ARG A 1 195 ? 20.767  5.295   -3.690  1.00 58.99 ? 195 ARG A CD  1 
ATOM 1450 N NE  . ARG A 1 195 ? 21.687  5.107   -2.555  1.00 59.33 ? 195 ARG A NE  1 
ATOM 1451 C CZ  . ARG A 1 195 ? 21.757  5.911   -1.488  1.00 60.77 ? 195 ARG A CZ  1 
ATOM 1452 N NH1 . ARG A 1 195 ? 20.964  6.979   -1.381  1.00 60.83 ? 195 ARG A NH1 1 
ATOM 1453 N NH2 . ARG A 1 195 ? 22.641  5.662   -0.519  1.00 62.22 ? 195 ARG A NH2 1 
ATOM 1454 N N   . PHE A 1 196 ? 18.173  1.723   -6.546  1.00 55.63 ? 196 PHE A N   1 
ATOM 1455 C CA  . PHE A 1 196 ? 17.573  0.604   -5.834  1.00 55.95 ? 196 PHE A CA  1 
ATOM 1456 C C   . PHE A 1 196 ? 16.962  -0.500  -6.696  1.00 56.30 ? 196 PHE A C   1 
ATOM 1457 O O   . PHE A 1 196 ? 16.343  -1.425  -6.142  1.00 56.68 ? 196 PHE A O   1 
ATOM 1458 C CB  . PHE A 1 196 ? 16.528  1.125   -4.862  1.00 56.19 ? 196 PHE A CB  1 
ATOM 1459 C CG  . PHE A 1 196 ? 17.103  1.946   -3.744  1.00 57.02 ? 196 PHE A CG  1 
ATOM 1460 C CD1 . PHE A 1 196 ? 17.823  1.332   -2.702  1.00 57.34 ? 196 PHE A CD1 1 
ATOM 1461 C CD2 . PHE A 1 196 ? 16.920  3.332   -3.712  1.00 56.48 ? 196 PHE A CD2 1 
ATOM 1462 C CE1 . PHE A 1 196 ? 18.354  2.087   -1.652  1.00 56.42 ? 196 PHE A CE1 1 
ATOM 1463 C CE2 . PHE A 1 196 ? 17.457  4.106   -2.656  1.00 56.14 ? 196 PHE A CE2 1 
ATOM 1464 C CZ  . PHE A 1 196 ? 18.169  3.480   -1.628  1.00 56.09 ? 196 PHE A CZ  1 
ATOM 1465 N N   . ALA A 1 197 ? 17.121  -0.403  -8.026  1.00 56.30 ? 197 ALA A N   1 
ATOM 1466 C CA  . ALA A 1 197 ? 16.600  -1.401  -8.982  1.00 56.17 ? 197 ALA A CA  1 
ATOM 1467 C C   . ALA A 1 197 ? 17.288  -1.338  -10.369 1.00 56.48 ? 197 ALA A C   1 
ATOM 1468 O O   . ALA A 1 197 ? 18.412  -1.865  -10.514 1.00 56.87 ? 197 ALA A O   1 
ATOM 1469 C CB  . ALA A 1 197 ? 15.084  -1.281  -9.116  1.00 56.18 ? 197 ALA A CB  1 
# 
